data_6R4N
#
_entry.id   6R4N
#
_cell.length_a   215.390
_cell.length_b   215.390
_cell.length_c   129.810
_cell.angle_alpha   90.000
_cell.angle_beta   90.000
_cell.angle_gamma   120.000
#
_symmetry.space_group_name_H-M   'P 61'
#
loop_
_entity.id
_entity.type
_entity.pdbx_description
1 polymer 'Phosphatidylglycerol/phosphatidylinositol transfer protein'
2 branched 2-acetamido-2-deoxy-beta-D-glucopyranose-(1-4)-2-acetamido-2-deoxy-beta-D-glucopyranose
3 non-polymer 2-acetamido-2-deoxy-beta-D-glucopyranose
4 non-polymer ERGOSTEROL
5 non-polymer 'SULFATE ION'
#
_entity_poly.entity_id   1
_entity_poly.type   'polypeptide(L)'
_entity_poly.pdbx_seq_one_letter_code
;MTHSLKALFALLFLYTAAVNAGVIGIFNALPPPNTKPINGESPLYQCDILDKQLVEIKEVNLDPNPPVRGENLTISANGE
VFETIEEGAYIDVEVRLGYIRLLSQTFDLCETLEDNDIEGLSCPIEPGEYNIKKIVEIPGEVPPGKYVVVARAYTEKDDL
ITCLTGEVIFPPRLVPRGSGGGGSGGGGSGGHHHHHHHHHH
;
_entity_poly.pdbx_strand_id   A,B,C,D,E,F,G,H,I
#
# COMPACT_ATOMS: atom_id res chain seq x y z
N PRO A 31 -8.96 -18.15 -5.84
CA PRO A 31 -10.31 -17.62 -6.07
C PRO A 31 -10.47 -16.80 -7.36
N PRO A 32 -11.71 -16.47 -7.75
CA PRO A 32 -12.01 -16.11 -9.15
C PRO A 32 -11.37 -14.80 -9.58
N PRO A 33 -11.60 -14.35 -10.82
CA PRO A 33 -10.99 -13.09 -11.26
C PRO A 33 -11.58 -11.89 -10.53
N ASN A 34 -10.78 -10.83 -10.48
CA ASN A 34 -11.16 -9.57 -9.85
C ASN A 34 -11.30 -9.77 -8.35
N THR A 35 -10.35 -10.48 -7.78
CA THR A 35 -10.37 -10.83 -6.37
C THR A 35 -9.02 -10.57 -5.72
N LYS A 36 -9.06 -10.20 -4.44
CA LYS A 36 -7.89 -9.91 -3.63
C LYS A 36 -8.13 -10.49 -2.25
N PRO A 37 -7.17 -11.16 -1.64
CA PRO A 37 -7.38 -11.66 -0.27
C PRO A 37 -7.38 -10.51 0.73
N ILE A 38 -8.17 -10.69 1.80
CA ILE A 38 -8.26 -9.75 2.91
C ILE A 38 -7.27 -10.15 3.99
N ASN A 39 -6.39 -9.23 4.40
CA ASN A 39 -5.41 -9.60 5.42
C ASN A 39 -6.10 -10.13 6.67
N GLY A 40 -5.44 -11.03 7.37
CA GLY A 40 -5.95 -11.51 8.65
C GLY A 40 -6.36 -12.97 8.62
N GLU A 41 -6.74 -13.44 9.81
CA GLU A 41 -7.17 -14.82 10.05
C GLU A 41 -8.61 -14.96 9.57
N SER A 42 -8.76 -15.13 8.26
CA SER A 42 -10.07 -15.11 7.61
C SER A 42 -9.98 -15.72 6.23
N PRO A 43 -11.06 -16.31 5.74
CA PRO A 43 -11.11 -16.75 4.33
C PRO A 43 -11.66 -15.69 3.37
N LEU A 44 -11.91 -14.47 3.83
CA LEU A 44 -12.59 -13.51 2.98
C LEU A 44 -11.67 -12.98 1.88
N TYR A 45 -12.29 -12.67 0.73
CA TYR A 45 -11.62 -11.93 -0.32
C TYR A 45 -12.49 -10.74 -0.68
N GLN A 46 -11.85 -9.67 -1.13
CA GLN A 46 -12.53 -8.56 -1.77
C GLN A 46 -12.75 -8.95 -3.22
N CYS A 47 -13.98 -8.81 -3.68
CA CYS A 47 -14.36 -9.08 -5.07
C CYS A 47 -14.71 -7.78 -5.78
N ASP A 48 -14.88 -7.88 -7.11
CA ASP A 48 -15.12 -6.72 -7.98
C ASP A 48 -14.10 -5.62 -7.71
N ILE A 49 -12.83 -6.03 -7.54
CA ILE A 49 -11.83 -5.06 -7.12
C ILE A 49 -11.63 -4.00 -8.17
N LEU A 50 -11.89 -4.31 -9.43
CA LEU A 50 -11.77 -3.28 -10.47
C LEU A 50 -12.89 -2.28 -10.43
N ASP A 51 -13.83 -2.40 -9.51
CA ASP A 51 -14.83 -1.35 -9.28
C ASP A 51 -14.48 -0.58 -8.03
N LYS A 52 -14.37 0.74 -8.13
CA LYS A 52 -14.09 1.53 -6.93
C LYS A 52 -15.14 1.26 -5.86
N GLN A 53 -14.67 1.10 -4.63
CA GLN A 53 -15.58 0.83 -3.54
C GLN A 53 -15.43 1.91 -2.49
N LEU A 54 -16.56 2.33 -1.93
CA LEU A 54 -16.55 3.44 -0.99
C LEU A 54 -15.98 3.04 0.37
N VAL A 55 -15.84 1.76 0.65
CA VAL A 55 -15.30 1.28 1.91
C VAL A 55 -14.19 0.28 1.63
N GLU A 56 -13.09 0.42 2.36
CA GLU A 56 -11.99 -0.53 2.31
C GLU A 56 -12.02 -1.41 3.54
N ILE A 57 -11.99 -2.73 3.35
CA ILE A 57 -11.87 -3.67 4.46
C ILE A 57 -10.40 -4.08 4.56
N LYS A 58 -9.69 -3.41 5.46
CA LYS A 58 -8.25 -3.63 5.57
C LYS A 58 -7.91 -4.94 6.26
N GLU A 59 -8.68 -5.34 7.26
CA GLU A 59 -8.30 -6.56 7.98
C GLU A 59 -9.53 -7.21 8.58
N VAL A 60 -9.55 -8.53 8.60
CA VAL A 60 -10.62 -9.29 9.24
C VAL A 60 -10.04 -10.50 9.97
N ASN A 61 -10.46 -10.70 11.22
CA ASN A 61 -9.98 -11.79 12.06
C ASN A 61 -11.16 -12.52 12.68
N LEU A 62 -11.18 -13.84 12.57
CA LEU A 62 -12.23 -14.71 13.10
C LEU A 62 -11.67 -15.52 14.27
N ASP A 63 -12.36 -15.52 15.43
CA ASP A 63 -11.74 -16.08 16.63
C ASP A 63 -11.49 -17.58 16.54
N PRO A 64 -12.48 -18.43 16.32
CA PRO A 64 -12.15 -19.75 15.77
C PRO A 64 -11.92 -19.58 14.27
N ASN A 65 -10.64 -19.67 13.83
CA ASN A 65 -10.30 -19.25 12.47
C ASN A 65 -11.12 -19.93 11.38
N PRO A 66 -11.16 -21.25 11.27
CA PRO A 66 -12.27 -21.83 10.53
C PRO A 66 -13.47 -21.84 11.46
N PRO A 67 -14.53 -21.16 11.10
CA PRO A 67 -15.70 -21.14 11.96
C PRO A 67 -16.19 -22.55 12.24
N VAL A 68 -16.65 -22.77 13.47
CA VAL A 68 -17.12 -24.08 13.91
C VAL A 68 -18.61 -24.01 14.20
N ARG A 69 -19.34 -25.03 13.74
CA ARG A 69 -20.78 -25.08 13.97
C ARG A 69 -21.10 -25.26 15.44
N GLY A 70 -22.19 -24.62 15.89
CA GLY A 70 -22.58 -24.74 17.27
C GLY A 70 -21.74 -23.95 18.25
N GLU A 71 -20.92 -23.02 17.78
CA GLU A 71 -20.05 -22.25 18.64
C GLU A 71 -20.14 -20.77 18.30
N ASN A 72 -19.67 -19.98 19.25
CA ASN A 72 -19.55 -18.56 19.02
C ASN A 72 -18.45 -18.30 17.98
N LEU A 73 -18.63 -17.20 17.25
CA LEU A 73 -17.65 -16.71 16.29
C LEU A 73 -17.46 -15.23 16.59
N THR A 74 -16.22 -14.85 16.84
CA THR A 74 -15.89 -13.45 17.10
C THR A 74 -15.27 -12.87 15.84
N ILE A 75 -15.86 -11.79 15.36
CA ILE A 75 -15.45 -11.12 14.14
C ILE A 75 -14.83 -9.80 14.52
N SER A 76 -13.58 -9.58 14.09
CA SER A 76 -12.87 -8.33 14.28
C SER A 76 -12.52 -7.78 12.92
N ALA A 77 -12.81 -6.52 12.69
CA ALA A 77 -12.52 -5.95 11.38
C ALA A 77 -12.01 -4.52 11.50
N ASN A 78 -11.10 -4.20 10.60
CA ASN A 78 -10.50 -2.88 10.46
C ASN A 78 -10.78 -2.40 9.04
N GLY A 79 -11.36 -1.21 8.92
CA GLY A 79 -11.72 -0.70 7.62
C GLY A 79 -11.74 0.82 7.56
N GLU A 80 -11.91 1.33 6.35
CA GLU A 80 -11.96 2.77 6.12
C GLU A 80 -13.19 3.13 5.31
N VAL A 81 -13.83 4.23 5.68
CA VAL A 81 -15.01 4.71 4.97
C VAL A 81 -14.67 6.01 4.27
N PHE A 82 -14.84 6.04 2.93
CA PHE A 82 -14.48 7.24 2.17
C PHE A 82 -15.68 8.12 1.82
N GLU A 83 -16.91 7.62 1.91
CA GLU A 83 -18.05 8.49 1.67
C GLU A 83 -19.13 8.14 2.68
N THR A 84 -19.87 9.14 3.14
CA THR A 84 -20.92 8.90 4.11
C THR A 84 -21.96 7.95 3.54
N ILE A 85 -22.25 6.90 4.28
CA ILE A 85 -23.29 5.95 3.93
C ILE A 85 -24.55 6.32 4.68
N GLU A 86 -25.63 6.57 3.95
CA GLU A 86 -26.83 7.16 4.51
C GLU A 86 -27.96 6.13 4.55
N GLU A 87 -29.01 6.47 5.30
CA GLU A 87 -30.21 5.63 5.37
C GLU A 87 -30.70 5.32 3.95
N GLY A 88 -30.95 4.05 3.69
CA GLY A 88 -31.34 3.61 2.37
C GLY A 88 -30.36 2.69 1.70
N ALA A 89 -29.19 2.48 2.28
CA ALA A 89 -28.24 1.54 1.70
C ALA A 89 -28.72 0.12 1.92
N TYR A 90 -28.21 -0.79 1.10
CA TYR A 90 -28.67 -2.16 1.17
C TYR A 90 -27.54 -3.13 0.85
N ILE A 91 -27.74 -4.40 1.23
CA ILE A 91 -26.79 -5.49 1.00
C ILE A 91 -27.50 -6.62 0.28
N ASP A 92 -26.92 -7.08 -0.82
CA ASP A 92 -27.34 -8.31 -1.48
C ASP A 92 -26.45 -9.44 -0.93
N VAL A 93 -27.07 -10.43 -0.29
CA VAL A 93 -26.34 -11.52 0.32
C VAL A 93 -26.73 -12.81 -0.36
N GLU A 94 -25.76 -13.63 -0.70
CA GLU A 94 -26.05 -14.91 -1.32
C GLU A 94 -25.24 -15.98 -0.63
N VAL A 95 -25.90 -17.04 -0.21
CA VAL A 95 -25.22 -18.19 0.35
C VAL A 95 -25.50 -19.32 -0.61
N ARG A 96 -24.45 -20.06 -0.96
CA ARG A 96 -24.52 -21.13 -1.92
C ARG A 96 -23.90 -22.37 -1.30
N LEU A 97 -24.59 -23.50 -1.41
CA LEU A 97 -24.05 -24.79 -0.96
C LEU A 97 -23.79 -25.60 -2.22
N GLY A 98 -22.51 -25.81 -2.54
CA GLY A 98 -22.24 -26.38 -3.84
C GLY A 98 -22.83 -25.47 -4.90
N TYR A 99 -23.69 -26.02 -5.75
CA TYR A 99 -24.34 -25.26 -6.82
C TYR A 99 -25.74 -24.81 -6.43
N ILE A 100 -26.17 -25.08 -5.20
CA ILE A 100 -27.52 -24.76 -4.76
C ILE A 100 -27.54 -23.34 -4.22
N ARG A 101 -28.51 -22.57 -4.67
CA ARG A 101 -28.66 -21.20 -4.21
C ARG A 101 -29.49 -21.30 -2.93
N LEU A 102 -28.80 -21.33 -1.80
CA LEU A 102 -29.41 -21.54 -0.50
C LEU A 102 -30.22 -20.32 -0.08
N LEU A 103 -29.55 -19.20 0.18
CA LEU A 103 -30.23 -17.96 0.54
C LEU A 103 -29.82 -16.87 -0.45
N SER A 104 -30.81 -16.11 -0.91
CA SER A 104 -30.56 -14.93 -1.74
C SER A 104 -31.59 -13.87 -1.41
N GLN A 105 -31.16 -12.76 -0.81
CA GLN A 105 -32.08 -11.66 -0.52
C GLN A 105 -31.28 -10.40 -0.22
N THR A 106 -31.99 -9.28 -0.29
CA THR A 106 -31.49 -7.95 0.02
C THR A 106 -31.94 -7.51 1.42
N PHE A 107 -31.06 -6.77 2.10
CA PHE A 107 -31.32 -6.26 3.45
C PHE A 107 -31.17 -4.75 3.48
N ASP A 108 -31.93 -4.11 4.37
CA ASP A 108 -31.74 -2.69 4.62
C ASP A 108 -30.49 -2.56 5.47
N LEU A 109 -29.44 -1.97 4.89
CA LEU A 109 -28.14 -1.90 5.56
C LEU A 109 -28.25 -1.23 6.92
N CYS A 110 -28.90 -0.07 6.96
CA CYS A 110 -28.95 0.69 8.20
C CYS A 110 -29.76 -0.05 9.26
N GLU A 111 -30.93 -0.54 8.86
CA GLU A 111 -31.78 -1.28 9.77
C GLU A 111 -31.07 -2.52 10.29
N THR A 112 -30.37 -3.22 9.41
CA THR A 112 -29.67 -4.42 9.83
C THR A 112 -28.54 -4.11 10.81
N LEU A 113 -27.74 -3.08 10.53
CA LEU A 113 -26.68 -2.70 11.46
C LEU A 113 -27.26 -2.26 12.79
N GLU A 114 -28.39 -1.56 12.75
CA GLU A 114 -29.00 -1.08 13.97
C GLU A 114 -29.57 -2.23 14.80
N ASP A 115 -30.04 -3.27 14.13
CA ASP A 115 -30.67 -4.37 14.85
C ASP A 115 -29.64 -5.26 15.54
N ASN A 116 -28.52 -5.53 14.90
CA ASN A 116 -27.52 -6.43 15.47
C ASN A 116 -26.52 -5.73 16.39
N ASP A 117 -26.74 -4.46 16.72
CA ASP A 117 -25.91 -3.72 17.69
C ASP A 117 -24.42 -3.88 17.39
N ILE A 118 -24.02 -3.41 16.20
CA ILE A 118 -22.61 -3.41 15.86
C ILE A 118 -21.96 -2.15 16.42
N GLU A 119 -21.39 -2.28 17.63
CA GLU A 119 -20.67 -1.21 18.32
C GLU A 119 -21.40 0.15 18.25
N GLY A 120 -22.70 0.13 18.53
CA GLY A 120 -23.54 1.31 18.49
C GLY A 120 -23.44 2.23 17.29
N LEU A 121 -23.04 1.69 16.13
CA LEU A 121 -22.88 2.46 14.89
C LEU A 121 -24.23 2.84 14.30
N SER A 122 -24.69 4.06 14.57
CA SER A 122 -25.85 4.57 13.86
C SER A 122 -25.54 4.66 12.38
N CYS A 123 -26.58 4.44 11.56
CA CYS A 123 -26.35 4.22 10.15
C CYS A 123 -25.62 5.36 9.46
N PRO A 124 -25.85 6.66 9.77
CA PRO A 124 -25.08 7.65 9.02
C PRO A 124 -23.63 7.44 9.34
N ILE A 125 -22.96 6.70 8.47
CA ILE A 125 -21.58 6.26 8.69
C ILE A 125 -20.67 7.27 8.00
N GLU A 126 -20.01 8.08 8.81
CA GLU A 126 -19.21 9.17 8.31
C GLU A 126 -17.86 8.62 7.85
N PRO A 127 -17.17 9.32 6.94
CA PRO A 127 -15.85 8.84 6.51
C PRO A 127 -14.91 8.79 7.70
N GLY A 128 -14.04 7.79 7.72
CA GLY A 128 -13.08 7.68 8.80
C GLY A 128 -12.52 6.27 8.94
N GLU A 129 -11.81 6.07 10.04
CA GLU A 129 -11.13 4.82 10.40
C GLU A 129 -12.02 4.03 11.36
N TYR A 130 -12.42 2.80 10.98
CA TYR A 130 -13.26 2.02 11.88
C TYR A 130 -12.63 0.69 12.28
N ASN A 131 -13.00 0.27 13.49
CA ASN A 131 -12.67 -1.02 14.07
C ASN A 131 -13.94 -1.58 14.67
N ILE A 132 -14.24 -2.83 14.34
CA ILE A 132 -15.48 -3.48 14.70
C ILE A 132 -15.19 -4.78 15.39
N LYS A 133 -15.98 -5.10 16.42
CA LYS A 133 -15.93 -6.40 17.07
C LYS A 133 -17.35 -6.85 17.29
N LYS A 134 -17.72 -8.00 16.72
CA LYS A 134 -19.07 -8.55 16.85
C LYS A 134 -19.03 -10.04 17.08
N ILE A 135 -19.86 -10.53 18.00
CA ILE A 135 -19.97 -11.97 18.26
C ILE A 135 -21.30 -12.49 17.71
N VAL A 136 -21.22 -13.54 16.89
CA VAL A 136 -22.38 -14.20 16.32
C VAL A 136 -22.31 -15.68 16.67
N GLU A 137 -23.46 -16.35 16.60
CA GLU A 137 -23.56 -17.75 16.94
C GLU A 137 -23.77 -18.55 15.67
N ILE A 138 -22.90 -19.52 15.40
CA ILE A 138 -23.03 -20.37 14.23
C ILE A 138 -23.88 -21.57 14.62
N PRO A 139 -25.06 -21.75 14.03
CA PRO A 139 -25.92 -22.87 14.44
C PRO A 139 -25.27 -24.22 14.19
N GLY A 140 -25.49 -25.13 15.14
CA GLY A 140 -25.04 -26.50 14.99
C GLY A 140 -25.86 -27.33 14.02
N GLU A 141 -27.10 -26.91 13.71
CA GLU A 141 -27.89 -27.70 12.77
C GLU A 141 -27.45 -27.54 11.31
N VAL A 142 -26.45 -26.73 11.02
CA VAL A 142 -26.03 -26.49 9.64
C VAL A 142 -25.48 -27.78 9.04
N PRO A 143 -25.93 -28.16 7.84
CA PRO A 143 -25.45 -29.40 7.24
C PRO A 143 -23.96 -29.27 6.88
N PRO A 144 -23.22 -30.36 6.92
CA PRO A 144 -21.80 -30.29 6.56
C PRO A 144 -21.63 -29.97 5.09
N GLY A 145 -20.52 -29.34 4.75
CA GLY A 145 -20.28 -29.07 3.35
C GLY A 145 -19.49 -27.80 3.12
N LYS A 146 -19.26 -27.53 1.84
CA LYS A 146 -18.51 -26.38 1.35
C LYS A 146 -19.49 -25.25 1.03
N TYR A 147 -19.54 -24.22 1.88
CA TYR A 147 -20.44 -23.09 1.64
C TYR A 147 -19.65 -21.92 1.08
N VAL A 148 -20.26 -21.23 0.12
CA VAL A 148 -19.68 -20.01 -0.42
C VAL A 148 -20.62 -18.84 -0.17
N VAL A 149 -20.08 -17.77 0.39
CA VAL A 149 -20.86 -16.59 0.72
C VAL A 149 -20.38 -15.44 -0.13
N VAL A 150 -21.33 -14.65 -0.65
CA VAL A 150 -21.04 -13.45 -1.43
C VAL A 150 -21.97 -12.34 -0.95
N ALA A 151 -21.39 -11.18 -0.61
CA ALA A 151 -22.16 -10.03 -0.17
C ALA A 151 -21.72 -8.79 -0.94
N ARG A 152 -22.68 -8.04 -1.47
CA ARG A 152 -22.42 -6.77 -2.13
C ARG A 152 -23.27 -5.69 -1.48
N ALA A 153 -22.64 -4.67 -0.91
CA ALA A 153 -23.34 -3.57 -0.28
C ALA A 153 -23.29 -2.36 -1.19
N TYR A 154 -24.45 -1.74 -1.41
CA TYR A 154 -24.58 -0.55 -2.25
C TYR A 154 -25.27 0.58 -1.49
N THR A 155 -25.03 1.80 -1.98
CA THR A 155 -25.65 2.99 -1.43
C THR A 155 -27.03 3.20 -2.05
N GLU A 156 -27.78 4.18 -1.54
CA GLU A 156 -29.13 4.43 -2.05
C GLU A 156 -29.14 4.74 -3.53
N LYS A 157 -28.18 5.50 -4.04
CA LYS A 157 -28.10 5.70 -5.50
C LYS A 157 -27.24 4.63 -6.18
N ASP A 158 -27.09 3.48 -5.52
CA ASP A 158 -26.52 2.29 -6.18
C ASP A 158 -25.03 2.33 -6.41
N ASP A 159 -24.27 3.19 -5.70
CA ASP A 159 -22.82 3.12 -5.79
C ASP A 159 -22.35 1.96 -4.93
N LEU A 160 -21.36 1.24 -5.44
CA LEU A 160 -20.86 0.04 -4.77
C LEU A 160 -20.08 0.41 -3.51
N ILE A 161 -20.60 0.01 -2.35
CA ILE A 161 -19.89 0.19 -1.09
C ILE A 161 -18.77 -0.83 -0.97
N THR A 162 -19.12 -2.12 -1.06
CA THR A 162 -18.06 -3.13 -0.99
C THR A 162 -18.58 -4.48 -1.47
N CYS A 163 -17.63 -5.36 -1.77
CA CYS A 163 -17.88 -6.71 -2.28
C CYS A 163 -16.99 -7.68 -1.53
N LEU A 164 -17.60 -8.68 -0.88
CA LEU A 164 -16.86 -9.68 -0.11
C LEU A 164 -17.33 -11.08 -0.46
N THR A 165 -16.38 -12.03 -0.49
CA THR A 165 -16.64 -13.43 -0.79
C THR A 165 -15.82 -14.29 0.14
N GLY A 166 -16.31 -15.49 0.42
CA GLY A 166 -15.57 -16.38 1.29
C GLY A 166 -16.09 -17.78 1.18
N GLU A 167 -15.20 -18.73 1.43
CA GLU A 167 -15.53 -20.14 1.42
C GLU A 167 -15.31 -20.72 2.80
N VAL A 168 -16.26 -21.50 3.28
CA VAL A 168 -16.20 -22.11 4.59
C VAL A 168 -16.60 -23.56 4.47
N ILE A 169 -15.69 -24.46 4.80
CA ILE A 169 -15.95 -25.88 4.75
C ILE A 169 -16.20 -26.35 6.17
N PHE A 170 -17.36 -26.96 6.37
CA PHE A 170 -17.74 -27.57 7.62
C PHE A 170 -17.54 -29.07 7.49
N PRO A 171 -16.79 -29.66 8.43
CA PRO A 171 -16.35 -31.05 8.28
C PRO A 171 -17.54 -32.00 8.29
N PRO A 172 -17.51 -33.04 7.43
CA PRO A 172 -18.65 -33.96 7.28
C PRO A 172 -18.95 -34.89 8.45
N ARG A 173 -19.26 -34.40 9.65
CA ARG A 173 -19.78 -35.27 10.69
C ARG A 173 -21.27 -35.02 10.95
N LEU A 174 -21.97 -34.38 10.00
CA LEU A 174 -23.42 -34.19 10.05
C LEU A 174 -23.94 -33.71 11.40
N PRO B 33 15.53 11.60 0.14
CA PRO B 33 15.23 12.89 -0.48
C PRO B 33 13.72 13.16 -0.56
N ASN B 34 13.03 12.96 0.57
CA ASN B 34 11.58 13.09 0.66
C ASN B 34 10.84 12.08 -0.22
N THR B 35 11.26 10.82 -0.14
CA THR B 35 10.66 9.74 -0.89
C THR B 35 10.38 8.54 0.03
N LYS B 36 9.41 7.71 -0.37
CA LYS B 36 9.02 6.45 0.27
C LYS B 36 8.90 5.49 -0.91
N PRO B 37 9.42 4.29 -0.81
CA PRO B 37 9.14 3.31 -1.87
C PRO B 37 7.69 2.88 -1.76
N ILE B 38 7.09 2.57 -2.91
CA ILE B 38 5.73 2.05 -3.03
C ILE B 38 5.80 0.52 -2.98
N ASN B 39 5.04 -0.10 -2.07
CA ASN B 39 5.07 -1.57 -1.95
C ASN B 39 4.71 -2.22 -3.28
N GLY B 40 5.29 -3.39 -3.52
CA GLY B 40 5.03 -4.17 -4.73
C GLY B 40 6.24 -4.28 -5.66
N GLU B 41 6.04 -5.06 -6.72
CA GLU B 41 7.02 -5.37 -7.75
C GLU B 41 7.14 -4.18 -8.69
N SER B 42 7.90 -3.19 -8.27
CA SER B 42 7.91 -1.92 -8.98
C SER B 42 9.11 -1.12 -8.57
N PRO B 43 9.64 -0.29 -9.46
CA PRO B 43 10.63 0.71 -9.05
C PRO B 43 10.05 2.02 -8.56
N LEU B 44 8.73 2.13 -8.36
CA LEU B 44 8.14 3.44 -8.08
C LEU B 44 8.37 3.94 -6.66
N TYR B 45 8.51 5.25 -6.50
CA TYR B 45 8.52 5.84 -5.18
C TYR B 45 7.51 6.98 -5.07
N GLN B 46 7.07 7.24 -3.84
CA GLN B 46 6.28 8.44 -3.61
C GLN B 46 7.28 9.57 -3.42
N CYS B 47 7.10 10.69 -4.11
CA CYS B 47 7.96 11.85 -3.84
C CYS B 47 7.16 12.98 -3.19
N ASP B 48 7.87 14.02 -2.74
CA ASP B 48 7.26 15.15 -2.03
C ASP B 48 6.33 14.67 -0.91
N ILE B 49 6.80 13.66 -0.19
CA ILE B 49 5.92 13.07 0.81
C ILE B 49 5.57 14.09 1.88
N LEU B 50 6.44 15.08 2.13
CA LEU B 50 6.08 16.07 3.13
C LEU B 50 5.01 17.06 2.68
N ASP B 51 4.53 16.94 1.44
CA ASP B 51 3.40 17.69 0.93
C ASP B 51 2.17 16.80 0.93
N LYS B 52 1.09 17.28 1.55
CA LYS B 52 -0.19 16.56 1.57
C LYS B 52 -0.63 16.20 0.16
N GLN B 53 -1.04 14.95 -0.04
CA GLN B 53 -1.44 14.48 -1.36
C GLN B 53 -2.86 13.89 -1.32
N LEU B 54 -3.62 14.12 -2.40
CA LEU B 54 -5.01 13.71 -2.38
C LEU B 54 -5.23 12.24 -2.60
N VAL B 55 -4.24 11.55 -3.14
CA VAL B 55 -4.36 10.15 -3.51
C VAL B 55 -3.20 9.40 -2.91
N GLU B 56 -3.48 8.28 -2.27
CA GLU B 56 -2.45 7.37 -1.79
C GLU B 56 -2.30 6.23 -2.79
N ILE B 57 -1.08 6.01 -3.27
CA ILE B 57 -0.75 4.86 -4.09
C ILE B 57 -0.08 3.84 -3.18
N LYS B 58 -0.89 2.90 -2.70
CA LYS B 58 -0.44 1.90 -1.74
C LYS B 58 0.38 0.81 -2.40
N GLU B 59 0.01 0.36 -3.60
CA GLU B 59 0.77 -0.74 -4.18
C GLU B 59 0.76 -0.66 -5.71
N VAL B 60 1.90 -1.00 -6.32
CA VAL B 60 2.06 -1.05 -7.77
C VAL B 60 2.90 -2.28 -8.13
N ASN B 61 2.41 -3.06 -9.09
CA ASN B 61 3.06 -4.29 -9.54
C ASN B 61 3.19 -4.28 -11.06
N LEU B 62 4.41 -4.51 -11.55
CA LEU B 62 4.71 -4.53 -12.98
C LEU B 62 5.02 -5.98 -13.32
N ASP B 63 4.34 -6.55 -14.35
CA ASP B 63 4.45 -7.99 -14.57
C ASP B 63 5.84 -8.42 -15.01
N PRO B 64 6.41 -7.88 -16.08
CA PRO B 64 7.87 -8.06 -16.25
C PRO B 64 8.59 -7.25 -15.18
N ASN B 65 9.46 -7.94 -14.42
CA ASN B 65 10.06 -7.47 -13.18
C ASN B 65 10.62 -6.07 -13.37
N PRO B 66 11.64 -5.86 -14.22
CA PRO B 66 11.77 -4.56 -14.88
C PRO B 66 11.12 -4.62 -16.25
N PRO B 67 10.52 -3.52 -16.70
CA PRO B 67 9.86 -3.54 -18.01
C PRO B 67 10.87 -3.91 -19.09
N VAL B 68 10.37 -4.63 -20.09
CA VAL B 68 11.18 -5.08 -21.21
C VAL B 68 10.68 -4.42 -22.49
N ARG B 69 11.63 -3.93 -23.30
CA ARG B 69 11.28 -3.24 -24.53
C ARG B 69 10.60 -4.16 -25.53
N GLY B 70 9.70 -3.59 -26.30
CA GLY B 70 9.05 -4.38 -27.34
C GLY B 70 8.04 -5.38 -26.82
N GLU B 71 7.61 -5.26 -25.58
CA GLU B 71 6.76 -6.29 -24.99
C GLU B 71 5.56 -5.68 -24.27
N ASN B 72 4.59 -6.55 -24.00
CA ASN B 72 3.53 -6.08 -23.12
C ASN B 72 4.08 -5.84 -21.72
N LEU B 73 3.48 -4.87 -21.03
CA LEU B 73 3.74 -4.55 -19.63
C LEU B 73 2.38 -4.48 -18.94
N THR B 74 2.21 -5.27 -17.88
CA THR B 74 0.97 -5.28 -17.11
C THR B 74 1.18 -4.47 -15.83
N ILE B 75 0.38 -3.43 -15.65
CA ILE B 75 0.45 -2.51 -14.52
C ILE B 75 -0.74 -2.80 -13.62
N SER B 76 -0.47 -3.14 -12.36
CA SER B 76 -1.50 -3.40 -11.37
C SER B 76 -1.30 -2.41 -10.25
N ALA B 77 -2.37 -1.74 -9.83
CA ALA B 77 -2.18 -0.75 -8.79
C ALA B 77 -3.36 -0.73 -7.82
N ASN B 78 -3.04 -0.42 -6.56
CA ASN B 78 -3.99 -0.28 -5.48
C ASN B 78 -3.81 1.09 -4.84
N GLY B 79 -4.88 1.87 -4.73
CA GLY B 79 -4.74 3.21 -4.18
C GLY B 79 -6.02 3.71 -3.54
N GLU B 80 -5.93 4.88 -2.91
CA GLU B 80 -7.09 5.50 -2.28
C GLU B 80 -7.26 6.94 -2.75
N VAL B 81 -8.50 7.34 -2.99
CA VAL B 81 -8.80 8.73 -3.36
C VAL B 81 -9.53 9.36 -2.17
N PHE B 82 -9.01 10.48 -1.68
CA PHE B 82 -9.59 11.10 -0.51
C PHE B 82 -10.44 12.33 -0.83
N GLU B 83 -10.29 12.90 -2.03
CA GLU B 83 -11.09 14.04 -2.45
C GLU B 83 -11.40 13.88 -3.92
N THR B 84 -12.58 14.30 -4.32
CA THR B 84 -12.97 14.19 -5.71
C THR B 84 -12.00 14.94 -6.62
N ILE B 85 -11.51 14.25 -7.64
CA ILE B 85 -10.67 14.87 -8.66
C ILE B 85 -11.57 15.25 -9.82
N GLU B 86 -11.63 16.53 -10.13
CA GLU B 86 -12.62 17.00 -11.09
C GLU B 86 -11.99 17.34 -12.43
N GLU B 87 -12.83 17.45 -13.45
CA GLU B 87 -12.35 17.81 -14.78
C GLU B 87 -11.49 19.05 -14.65
N GLY B 88 -10.30 19.03 -15.25
CA GLY B 88 -9.37 20.14 -15.13
C GLY B 88 -8.08 19.78 -14.44
N ALA B 89 -7.94 18.58 -13.89
CA ALA B 89 -6.68 18.16 -13.30
C ALA B 89 -5.66 17.90 -14.40
N TYR B 90 -4.37 17.96 -14.04
CA TYR B 90 -3.30 17.83 -15.03
C TYR B 90 -2.12 17.08 -14.44
N ILE B 91 -1.22 16.60 -15.32
CA ILE B 91 -0.01 15.86 -14.93
C ILE B 91 1.20 16.51 -15.57
N ASP B 92 2.22 16.81 -14.76
CA ASP B 92 3.53 17.21 -15.25
C ASP B 92 4.41 15.97 -15.24
N VAL B 93 4.93 15.60 -16.40
CA VAL B 93 5.81 14.44 -16.52
C VAL B 93 7.16 14.94 -16.99
N GLU B 94 8.21 14.49 -16.34
CA GLU B 94 9.56 14.85 -16.70
C GLU B 94 10.32 13.53 -16.85
N VAL B 95 11.00 13.37 -17.96
CA VAL B 95 11.81 12.18 -18.24
C VAL B 95 13.25 12.64 -18.37
N ARG B 96 14.16 11.89 -17.75
CA ARG B 96 15.57 12.23 -17.81
C ARG B 96 16.34 11.02 -18.31
N LEU B 97 17.25 11.25 -19.23
CA LEU B 97 18.12 10.21 -19.76
C LEU B 97 19.53 10.51 -19.28
N GLY B 98 20.07 9.66 -18.43
CA GLY B 98 21.36 9.98 -17.84
C GLY B 98 21.30 11.33 -17.13
N TYR B 99 22.17 12.25 -17.55
CA TYR B 99 22.24 13.59 -16.96
C TYR B 99 21.43 14.63 -17.72
N ILE B 100 20.71 14.23 -18.78
CA ILE B 100 20.01 15.18 -19.64
C ILE B 100 18.50 15.09 -19.45
N ARG B 101 17.78 16.21 -19.61
CA ARG B 101 16.31 16.22 -19.51
C ARG B 101 15.75 15.95 -20.90
N LEU B 102 15.19 14.76 -21.07
CA LEU B 102 14.64 14.35 -22.34
C LEU B 102 13.36 15.11 -22.64
N LEU B 103 12.46 15.18 -21.68
CA LEU B 103 11.23 15.90 -21.95
C LEU B 103 10.59 16.42 -20.67
N SER B 104 9.87 17.55 -20.80
CA SER B 104 9.07 18.20 -19.75
C SER B 104 7.78 18.64 -20.41
N GLN B 105 6.72 17.84 -20.24
CA GLN B 105 5.45 18.13 -20.89
C GLN B 105 4.26 17.92 -19.96
N THR B 106 3.19 18.69 -20.23
CA THR B 106 1.95 18.66 -19.45
C THR B 106 0.83 17.95 -20.20
N PHE B 107 -0.01 17.23 -19.46
CA PHE B 107 -1.13 16.49 -20.02
C PHE B 107 -2.39 16.79 -19.23
N ASP B 108 -3.54 16.73 -19.90
CA ASP B 108 -4.82 16.79 -19.19
C ASP B 108 -5.10 15.43 -18.57
N LEU B 109 -5.19 15.39 -17.24
CA LEU B 109 -5.36 14.13 -16.53
C LEU B 109 -6.54 13.31 -17.06
N CYS B 110 -7.71 13.93 -17.16
CA CYS B 110 -8.90 13.18 -17.55
C CYS B 110 -8.84 12.74 -19.00
N GLU B 111 -8.40 13.62 -19.89
CA GLU B 111 -8.20 13.21 -21.28
C GLU B 111 -7.14 12.09 -21.38
N THR B 112 -6.05 12.18 -20.62
CA THR B 112 -5.05 11.10 -20.66
C THR B 112 -5.64 9.79 -20.16
N LEU B 113 -6.46 9.84 -19.11
CA LEU B 113 -7.08 8.61 -18.63
C LEU B 113 -8.01 8.00 -19.68
N GLU B 114 -8.80 8.82 -20.38
CA GLU B 114 -9.65 8.21 -21.42
C GLU B 114 -8.87 7.82 -22.68
N ASP B 115 -7.81 8.54 -23.04
CA ASP B 115 -7.10 8.23 -24.27
C ASP B 115 -6.38 6.91 -24.12
N ASN B 116 -5.74 6.67 -22.99
CA ASN B 116 -5.11 5.39 -22.77
C ASN B 116 -6.13 4.40 -22.25
N ASP B 117 -7.39 4.83 -22.27
CA ASP B 117 -8.54 4.03 -21.93
C ASP B 117 -8.26 3.25 -20.65
N ILE B 118 -7.93 4.01 -19.61
CA ILE B 118 -7.78 3.45 -18.27
C ILE B 118 -9.19 3.38 -17.70
N GLU B 119 -9.75 2.20 -17.77
CA GLU B 119 -11.08 1.84 -17.33
C GLU B 119 -11.13 1.89 -15.81
N GLY B 120 -12.21 2.47 -15.25
CA GLY B 120 -12.30 2.63 -13.82
C GLY B 120 -11.90 4.00 -13.33
N LEU B 121 -11.26 4.80 -14.16
CA LEU B 121 -10.89 6.13 -13.73
C LEU B 121 -11.54 7.17 -14.64
N SER B 122 -12.84 7.02 -14.90
CA SER B 122 -13.56 8.08 -15.60
C SER B 122 -13.39 9.37 -14.82
N CYS B 123 -13.31 10.49 -15.53
CA CYS B 123 -12.69 11.68 -14.95
C CYS B 123 -13.20 12.14 -13.59
N PRO B 124 -14.52 12.25 -13.32
CA PRO B 124 -14.87 12.69 -11.96
C PRO B 124 -14.54 11.54 -11.02
N ILE B 125 -13.39 11.57 -10.35
CA ILE B 125 -12.92 10.41 -9.59
C ILE B 125 -13.36 10.62 -8.16
N GLU B 126 -14.35 9.83 -7.72
CA GLU B 126 -14.91 10.00 -6.39
C GLU B 126 -14.01 9.34 -5.35
N PRO B 127 -14.08 9.78 -4.10
CA PRO B 127 -13.25 9.15 -3.06
C PRO B 127 -13.60 7.69 -2.90
N GLY B 128 -12.59 6.88 -2.60
CA GLY B 128 -12.81 5.46 -2.39
C GLY B 128 -11.54 4.63 -2.54
N GLU B 129 -11.74 3.32 -2.56
CA GLU B 129 -10.68 2.33 -2.67
C GLU B 129 -10.60 1.86 -4.11
N TYR B 130 -9.43 2.02 -4.76
CA TYR B 130 -9.32 1.65 -6.17
C TYR B 130 -8.29 0.56 -6.41
N ASN B 131 -8.58 -0.23 -7.43
CA ASN B 131 -7.72 -1.24 -8.00
C ASN B 131 -7.77 -1.12 -9.52
N ILE B 132 -6.59 -1.08 -10.15
CA ILE B 132 -6.43 -0.85 -11.57
C ILE B 132 -5.60 -1.98 -12.16
N LYS B 133 -5.93 -2.40 -13.39
CA LYS B 133 -5.14 -3.32 -14.20
C LYS B 133 -5.12 -2.77 -15.61
N LYS B 134 -3.94 -2.46 -16.13
CA LYS B 134 -3.83 -1.93 -17.47
C LYS B 134 -2.67 -2.60 -18.18
N ILE B 135 -2.88 -3.00 -19.42
CA ILE B 135 -1.80 -3.55 -20.21
C ILE B 135 -1.39 -2.51 -21.23
N VAL B 136 -0.11 -2.20 -21.26
CA VAL B 136 0.40 -1.24 -22.22
C VAL B 136 1.50 -1.93 -23.01
N GLU B 137 1.76 -1.40 -24.19
CA GLU B 137 2.83 -1.91 -25.02
C GLU B 137 4.04 -1.03 -24.98
N ILE B 138 5.18 -1.60 -24.61
CA ILE B 138 6.44 -0.86 -24.60
C ILE B 138 7.14 -1.05 -25.94
N PRO B 139 7.38 0.04 -26.68
CA PRO B 139 7.99 -0.04 -28.01
C PRO B 139 9.41 -0.57 -27.96
N GLY B 140 9.78 -1.35 -28.97
CA GLY B 140 11.14 -1.82 -29.10
C GLY B 140 12.10 -0.73 -29.54
N GLU B 141 11.58 0.32 -30.16
CA GLU B 141 12.40 1.42 -30.64
C GLU B 141 12.84 2.36 -29.52
N VAL B 142 12.38 2.18 -28.29
CA VAL B 142 12.78 3.17 -27.28
C VAL B 142 14.29 3.06 -27.09
N PRO B 143 15.02 4.17 -27.14
CA PRO B 143 16.49 4.10 -27.08
C PRO B 143 16.99 3.62 -25.74
N PRO B 144 18.07 2.86 -25.73
CA PRO B 144 18.62 2.34 -24.47
C PRO B 144 19.19 3.45 -23.60
N GLY B 145 19.20 3.20 -22.32
CA GLY B 145 19.76 4.18 -21.40
C GLY B 145 19.08 4.10 -20.06
N LYS B 146 19.54 4.97 -19.17
CA LYS B 146 19.03 5.07 -17.81
C LYS B 146 17.97 6.15 -17.82
N TYR B 147 16.69 5.79 -17.70
CA TYR B 147 15.65 6.79 -17.65
C TYR B 147 15.19 6.99 -16.22
N VAL B 148 14.99 8.24 -15.84
CA VAL B 148 14.35 8.58 -14.58
C VAL B 148 13.09 9.37 -14.89
N VAL B 149 11.97 8.96 -14.32
CA VAL B 149 10.70 9.60 -14.57
C VAL B 149 10.17 10.21 -13.28
N VAL B 150 9.61 11.41 -13.41
CA VAL B 150 8.93 12.08 -12.31
C VAL B 150 7.61 12.61 -12.82
N ALA B 151 6.52 12.23 -12.17
CA ALA B 151 5.19 12.71 -12.54
C ALA B 151 4.54 13.30 -11.31
N ARG B 152 4.01 14.50 -11.46
CA ARG B 152 3.26 15.19 -10.42
C ARG B 152 1.90 15.53 -10.98
N ALA B 153 0.86 15.02 -10.35
CA ALA B 153 -0.49 15.32 -10.79
C ALA B 153 -1.10 16.32 -9.83
N TYR B 154 -1.73 17.36 -10.39
CA TYR B 154 -2.36 18.38 -9.58
C TYR B 154 -3.82 18.54 -9.98
N THR B 155 -4.59 19.05 -9.03
CA THR B 155 -6.00 19.31 -9.26
C THR B 155 -6.12 20.63 -10.02
N GLU B 156 -7.33 20.95 -10.47
CA GLU B 156 -7.54 22.13 -11.29
C GLU B 156 -7.04 23.41 -10.61
N LYS B 157 -7.26 23.54 -9.30
CA LYS B 157 -6.80 24.70 -8.53
C LYS B 157 -5.41 24.50 -7.93
N ASP B 158 -4.65 23.52 -8.44
CA ASP B 158 -3.23 23.25 -8.12
C ASP B 158 -2.98 22.56 -6.79
N ASP B 159 -3.94 21.82 -6.22
CA ASP B 159 -3.62 20.94 -5.11
C ASP B 159 -2.89 19.72 -5.62
N LEU B 160 -1.91 19.27 -4.84
CA LEU B 160 -1.12 18.12 -5.26
C LEU B 160 -1.92 16.83 -5.11
N ILE B 161 -2.21 16.19 -6.24
CA ILE B 161 -2.84 14.87 -6.23
C ILE B 161 -1.81 13.81 -5.88
N THR B 162 -0.72 13.73 -6.65
CA THR B 162 0.30 12.75 -6.26
C THR B 162 1.63 13.06 -6.92
N CYS B 163 2.69 12.45 -6.36
CA CYS B 163 4.05 12.62 -6.84
C CYS B 163 4.69 11.24 -6.89
N LEU B 164 5.13 10.82 -8.10
CA LEU B 164 5.69 9.50 -8.35
C LEU B 164 6.99 9.59 -9.12
N THR B 165 7.94 8.72 -8.81
CA THR B 165 9.24 8.71 -9.43
C THR B 165 9.64 7.27 -9.73
N GLY B 166 10.51 7.10 -10.71
CA GLY B 166 10.97 5.76 -11.00
C GLY B 166 12.17 5.80 -11.92
N GLU B 167 12.99 4.77 -11.82
CA GLU B 167 14.12 4.59 -12.71
C GLU B 167 13.95 3.30 -13.51
N VAL B 168 14.23 3.38 -14.81
CA VAL B 168 14.13 2.23 -15.69
C VAL B 168 15.38 2.20 -16.56
N ILE B 169 16.14 1.12 -16.49
CA ILE B 169 17.35 0.99 -17.31
C ILE B 169 17.05 0.05 -18.47
N PHE B 170 17.15 0.57 -19.69
CA PHE B 170 16.99 -0.28 -20.84
C PHE B 170 18.35 -0.63 -21.40
N PRO B 171 18.72 -1.90 -21.41
CA PRO B 171 20.08 -2.33 -21.80
C PRO B 171 20.34 -2.13 -23.28
N PRO B 172 21.61 -2.18 -23.73
CA PRO B 172 21.95 -1.82 -25.12
C PRO B 172 21.16 -2.59 -26.17
N ARG B 173 20.80 -1.88 -27.24
CA ARG B 173 19.66 -2.17 -28.10
C ARG B 173 19.93 -3.33 -29.05
N PRO C 31 -1.77 -5.67 25.70
CA PRO C 31 -1.77 -4.20 25.74
C PRO C 31 -2.93 -3.65 26.61
N PRO C 32 -3.17 -2.34 26.60
CA PRO C 32 -4.37 -1.80 27.28
C PRO C 32 -5.66 -2.21 26.58
N PRO C 33 -6.84 -1.95 27.18
CA PRO C 33 -8.10 -2.40 26.58
C PRO C 33 -8.54 -1.50 25.43
N ASN C 34 -9.00 -2.14 24.35
CA ASN C 34 -9.36 -1.49 23.07
C ASN C 34 -8.26 -0.56 22.57
N THR C 35 -7.11 -1.17 22.33
CA THR C 35 -5.95 -0.50 21.78
C THR C 35 -5.35 -1.39 20.71
N LYS C 36 -4.64 -0.76 19.81
CA LYS C 36 -3.97 -1.39 18.71
C LYS C 36 -2.62 -0.68 18.64
N PRO C 37 -1.51 -1.40 18.49
CA PRO C 37 -0.21 -0.72 18.36
C PRO C 37 -0.07 -0.02 17.02
N ILE C 38 0.67 1.11 17.02
CA ILE C 38 0.96 1.88 15.80
C ILE C 38 2.25 1.35 15.20
N ASN C 39 2.21 0.99 13.91
CA ASN C 39 3.41 0.46 13.28
C ASN C 39 4.54 1.48 13.37
N GLY C 40 5.77 0.98 13.45
CA GLY C 40 6.94 1.81 13.48
C GLY C 40 7.71 1.75 14.79
N GLU C 41 8.84 2.45 14.80
CA GLU C 41 9.75 2.53 15.93
C GLU C 41 9.15 3.52 16.92
N SER C 42 8.23 3.04 17.75
CA SER C 42 7.42 3.90 18.62
C SER C 42 6.80 3.09 19.73
N PRO C 43 6.53 3.70 20.88
CA PRO C 43 5.66 3.06 21.88
C PRO C 43 4.18 3.37 21.68
N LEU C 44 3.81 4.07 20.63
CA LEU C 44 2.44 4.54 20.57
C LEU C 44 1.44 3.44 20.29
N TYR C 45 0.27 3.58 20.89
CA TYR C 45 -0.87 2.78 20.53
C TYR C 45 -2.00 3.72 20.18
N GLN C 46 -2.90 3.25 19.34
CA GLN C 46 -4.18 3.87 19.12
C GLN C 46 -5.15 3.29 20.15
N CYS C 47 -5.85 4.16 20.86
CA CYS C 47 -6.87 3.81 21.85
C CYS C 47 -8.25 4.17 21.34
N ASP C 48 -9.28 3.75 22.07
CA ASP C 48 -10.68 3.94 21.68
C ASP C 48 -10.93 3.42 20.27
N ILE C 49 -10.33 2.27 19.94
CA ILE C 49 -10.42 1.85 18.54
C ILE C 49 -11.85 1.58 18.11
N LEU C 50 -12.70 1.18 19.05
CA LEU C 50 -14.09 0.94 18.68
C LEU C 50 -14.86 2.20 18.43
N ASP C 51 -14.25 3.37 18.59
CA ASP C 51 -14.87 4.63 18.19
C ASP C 51 -14.31 5.09 16.85
N LYS C 52 -15.21 5.33 15.89
CA LYS C 52 -14.82 5.87 14.60
C LYS C 52 -13.93 7.09 14.80
N GLN C 53 -12.80 7.12 14.10
CA GLN C 53 -11.87 8.25 14.23
C GLN C 53 -11.64 8.89 12.86
N LEU C 54 -11.54 10.23 12.85
CA LEU C 54 -11.43 10.94 11.59
C LEU C 54 -10.02 10.89 11.00
N VAL C 55 -9.04 10.48 11.78
CA VAL C 55 -7.65 10.42 11.33
C VAL C 55 -7.10 9.04 11.64
N GLU C 56 -6.44 8.45 10.66
CA GLU C 56 -5.70 7.21 10.81
C GLU C 56 -4.21 7.53 10.96
N ILE C 57 -3.60 7.03 12.02
CA ILE C 57 -2.17 7.20 12.23
C ILE C 57 -1.52 5.85 11.91
N LYS C 58 -1.08 5.72 10.66
CA LYS C 58 -0.58 4.44 10.15
C LYS C 58 0.80 4.10 10.70
N GLU C 59 1.69 5.09 10.79
CA GLU C 59 3.03 4.76 11.21
C GLU C 59 3.67 5.96 11.92
N VAL C 60 4.48 5.66 12.95
CA VAL C 60 5.22 6.68 13.70
C VAL C 60 6.60 6.11 14.02
N ASN C 61 7.64 6.88 13.76
CA ASN C 61 9.02 6.50 13.97
C ASN C 61 9.69 7.61 14.77
N LEU C 62 10.37 7.23 15.85
CA LEU C 62 11.12 8.15 16.73
C LEU C 62 12.60 7.91 16.57
N ASP C 63 13.38 9.00 16.38
CA ASP C 63 14.78 8.84 16.02
C ASP C 63 15.57 8.14 17.11
N PRO C 64 15.68 8.67 18.36
CA PRO C 64 15.99 7.75 19.47
C PRO C 64 14.68 7.07 19.86
N ASN C 65 14.54 5.79 19.51
CA ASN C 65 13.24 5.13 19.70
C ASN C 65 12.75 5.15 21.13
N PRO C 66 13.53 4.78 22.14
CA PRO C 66 13.20 5.29 23.44
C PRO C 66 13.71 6.72 23.49
N PRO C 67 12.80 7.68 23.64
CA PRO C 67 13.23 9.08 23.71
C PRO C 67 14.19 9.25 24.89
N VAL C 68 15.18 10.10 24.70
CA VAL C 68 16.21 10.33 25.70
C VAL C 68 15.96 11.68 26.34
N ARG C 69 15.99 11.74 27.66
CA ARG C 69 15.73 13.02 28.31
C ARG C 69 16.85 14.00 28.02
N GLY C 70 16.48 15.27 27.88
CA GLY C 70 17.48 16.29 27.62
C GLY C 70 18.05 16.32 26.22
N GLU C 71 17.44 15.62 25.27
CA GLU C 71 17.95 15.58 23.90
C GLU C 71 16.83 15.79 22.90
N ASN C 72 17.22 16.09 21.66
CA ASN C 72 16.24 16.18 20.59
C ASN C 72 15.62 14.82 20.33
N LEU C 73 14.38 14.86 19.85
CA LEU C 73 13.60 13.71 19.38
C LEU C 73 13.01 14.04 18.02
N THR C 74 13.24 13.19 17.03
CA THR C 74 12.69 13.38 15.70
C THR C 74 11.50 12.47 15.54
N ILE C 75 10.35 13.04 15.23
CA ILE C 75 9.08 12.35 15.08
C ILE C 75 8.76 12.31 13.59
N SER C 76 8.57 11.11 13.05
CA SER C 76 8.18 10.93 11.66
C SER C 76 6.88 10.17 11.67
N ALA C 77 5.87 10.67 10.96
CA ALA C 77 4.58 9.99 11.02
C ALA C 77 3.88 10.01 9.68
N ASN C 78 3.15 8.94 9.44
CA ASN C 78 2.40 8.64 8.24
C ASN C 78 0.95 8.45 8.65
N GLY C 79 0.05 9.20 8.00
CA GLY C 79 -1.34 9.11 8.38
C GLY C 79 -2.28 9.53 7.27
N GLU C 80 -3.57 9.33 7.52
CA GLU C 80 -4.62 9.72 6.60
C GLU C 80 -5.67 10.56 7.30
N VAL C 81 -6.14 11.60 6.63
CA VAL C 81 -7.20 12.45 7.13
C VAL C 81 -8.44 12.23 6.26
N PHE C 82 -9.56 11.87 6.89
CA PHE C 82 -10.79 11.54 6.17
C PHE C 82 -11.83 12.64 6.15
N GLU C 83 -11.75 13.63 7.04
CA GLU C 83 -12.73 14.71 7.05
C GLU C 83 -12.02 16.02 7.35
N THR C 84 -12.45 17.11 6.72
CA THR C 84 -11.79 18.38 6.98
C THR C 84 -11.85 18.75 8.45
N ILE C 85 -10.70 19.06 9.02
CA ILE C 85 -10.57 19.51 10.41
C ILE C 85 -10.41 21.02 10.44
N GLU C 86 -11.34 21.73 11.08
CA GLU C 86 -11.35 23.19 11.03
C GLU C 86 -11.10 23.82 12.40
N GLU C 87 -10.88 25.14 12.39
CA GLU C 87 -10.66 25.89 13.63
C GLU C 87 -11.72 25.54 14.66
N GLY C 88 -11.29 25.33 15.89
CA GLY C 88 -12.13 24.91 16.98
C GLY C 88 -11.79 23.53 17.48
N ALA C 89 -10.94 22.80 16.77
CA ALA C 89 -10.51 21.49 17.22
C ALA C 89 -9.57 21.67 18.39
N TYR C 90 -9.51 20.65 19.25
CA TYR C 90 -8.73 20.75 20.47
C TYR C 90 -8.17 19.37 20.83
N ILE C 91 -7.13 19.37 21.67
CA ILE C 91 -6.51 18.13 22.12
C ILE C 91 -6.51 18.13 23.63
N ASP C 92 -7.04 17.07 24.22
CA ASP C 92 -6.88 16.84 25.64
C ASP C 92 -5.61 16.01 25.78
N VAL C 93 -4.61 16.56 26.46
CA VAL C 93 -3.34 15.90 26.65
C VAL C 93 -3.12 15.69 28.14
N GLU C 94 -2.77 14.48 28.52
CA GLU C 94 -2.45 14.18 29.91
C GLU C 94 -1.18 13.33 29.99
N VAL C 95 -0.39 13.60 31.03
CA VAL C 95 0.81 12.84 31.36
C VAL C 95 0.54 12.23 32.72
N ARG C 96 0.82 10.95 32.86
CA ARG C 96 0.50 10.21 34.08
C ARG C 96 1.73 9.49 34.60
N LEU C 97 1.90 9.51 35.91
CA LEU C 97 2.92 8.70 36.55
C LEU C 97 2.17 7.66 37.37
N GLY C 98 2.33 6.38 37.02
CA GLY C 98 1.52 5.34 37.63
C GLY C 98 0.03 5.57 37.41
N TYR C 99 -0.75 5.63 38.48
CA TYR C 99 -2.18 5.87 38.40
C TYR C 99 -2.54 7.34 38.55
N ILE C 100 -1.54 8.21 38.72
CA ILE C 100 -1.78 9.60 39.04
C ILE C 100 -1.64 10.45 37.78
N ARG C 101 -2.58 11.37 37.59
CA ARG C 101 -2.54 12.31 36.47
C ARG C 101 -1.69 13.50 36.88
N LEU C 102 -0.47 13.58 36.36
CA LEU C 102 0.45 14.65 36.70
C LEU C 102 -0.01 15.95 36.08
N LEU C 103 0.01 16.06 34.75
CA LEU C 103 -0.49 17.25 34.09
C LEU C 103 -1.59 16.88 33.09
N SER C 104 -2.60 17.72 33.02
CA SER C 104 -3.74 17.60 32.11
C SER C 104 -4.15 18.96 31.58
N GLN C 105 -4.10 19.14 30.28
CA GLN C 105 -4.49 20.43 29.74
C GLN C 105 -4.97 20.27 28.32
N THR C 106 -5.79 21.22 27.89
CA THR C 106 -6.35 21.28 26.56
C THR C 106 -5.63 22.32 25.71
N PHE C 107 -5.50 22.05 24.41
CA PHE C 107 -4.81 22.92 23.48
C PHE C 107 -5.73 23.21 22.29
N ASP C 108 -5.60 24.40 21.72
CA ASP C 108 -6.28 24.71 20.46
C ASP C 108 -5.50 24.02 19.36
N LEU C 109 -6.12 23.01 18.75
CA LEU C 109 -5.40 22.17 17.79
C LEU C 109 -4.79 23.01 16.69
N CYS C 110 -5.59 23.90 16.10
CA CYS C 110 -5.11 24.65 14.96
C CYS C 110 -4.04 25.64 15.35
N GLU C 111 -4.25 26.37 16.45
CA GLU C 111 -3.24 27.30 16.94
C GLU C 111 -1.94 26.58 17.31
N THR C 112 -2.05 25.44 17.98
CA THR C 112 -0.85 24.71 18.35
C THR C 112 -0.10 24.25 17.11
N LEU C 113 -0.84 23.79 16.10
CA LEU C 113 -0.22 23.39 14.85
C LEU C 113 0.47 24.56 14.18
N GLU C 114 -0.15 25.73 14.21
CA GLU C 114 0.42 26.88 13.53
C GLU C 114 1.66 27.39 14.23
N ASP C 115 1.69 27.30 15.55
CA ASP C 115 2.81 27.86 16.30
C ASP C 115 4.06 27.02 16.11
N ASN C 116 3.92 25.70 16.08
CA ASN C 116 5.06 24.80 15.96
C ASN C 116 5.48 24.52 14.53
N ASP C 117 4.91 25.20 13.54
CA ASP C 117 5.34 25.10 12.14
C ASP C 117 5.50 23.63 11.73
N ILE C 118 4.41 22.88 11.82
CA ILE C 118 4.43 21.48 11.42
C ILE C 118 4.23 21.40 9.90
N GLU C 119 5.32 21.15 9.18
CA GLU C 119 5.30 20.99 7.74
C GLU C 119 4.52 22.11 7.03
N GLY C 120 4.50 23.31 7.63
CA GLY C 120 3.72 24.43 7.12
C GLY C 120 2.27 24.12 6.85
N LEU C 121 1.62 23.42 7.79
CA LEU C 121 0.23 23.03 7.66
C LEU C 121 -0.66 24.04 8.38
N SER C 122 -1.40 24.84 7.61
CA SER C 122 -2.41 25.69 8.20
C SER C 122 -3.60 24.84 8.62
N CYS C 123 -4.32 25.32 9.64
CA CYS C 123 -5.35 24.52 10.31
C CYS C 123 -6.38 23.84 9.41
N PRO C 124 -6.96 24.46 8.35
CA PRO C 124 -7.99 23.71 7.60
C PRO C 124 -7.36 22.51 6.89
N ILE C 125 -7.34 21.38 7.58
CA ILE C 125 -6.59 20.19 7.14
C ILE C 125 -7.49 19.41 6.19
N GLU C 126 -7.15 19.40 4.95
CA GLU C 126 -8.04 18.76 4.00
C GLU C 126 -7.81 17.24 4.05
N PRO C 127 -8.81 16.44 3.67
CA PRO C 127 -8.60 14.99 3.61
C PRO C 127 -7.48 14.63 2.63
N GLY C 128 -6.72 13.60 2.98
CA GLY C 128 -5.64 13.16 2.11
C GLY C 128 -4.61 12.40 2.92
N GLU C 129 -3.48 12.11 2.27
CA GLU C 129 -2.44 11.33 2.91
C GLU C 129 -1.31 12.23 3.35
N TYR C 130 -0.96 12.19 4.64
CA TYR C 130 0.11 13.06 5.10
C TYR C 130 1.31 12.27 5.62
N ASN C 131 2.46 12.94 5.53
CA ASN C 131 3.73 12.56 6.11
C ASN C 131 4.30 13.78 6.82
N ILE C 132 4.74 13.58 8.05
CA ILE C 132 5.18 14.61 8.98
C ILE C 132 6.56 14.28 9.50
N LYS C 133 7.41 15.29 9.65
CA LYS C 133 8.68 15.13 10.36
C LYS C 133 8.90 16.38 11.20
N LYS C 134 8.95 16.20 12.53
CA LYS C 134 9.09 17.31 13.46
C LYS C 134 10.11 16.97 14.53
N ILE C 135 10.97 17.93 14.84
CA ILE C 135 11.98 17.77 15.89
C ILE C 135 11.55 18.55 17.10
N VAL C 136 11.50 17.87 18.24
CA VAL C 136 11.13 18.49 19.50
C VAL C 136 12.22 18.18 20.51
N GLU C 137 12.20 18.95 21.61
CA GLU C 137 13.21 18.83 22.66
C GLU C 137 12.59 18.26 23.93
N ILE C 138 13.14 17.14 24.40
CA ILE C 138 12.68 16.51 25.64
C ILE C 138 13.39 17.10 26.85
N PRO C 139 12.63 17.57 27.83
CA PRO C 139 13.25 18.26 28.96
C PRO C 139 14.20 17.35 29.70
N GLY C 140 15.34 17.93 30.10
CA GLY C 140 16.27 17.21 30.93
C GLY C 140 15.88 17.07 32.39
N GLU C 141 15.10 17.98 32.97
CA GLU C 141 14.88 17.77 34.40
C GLU C 141 13.88 16.69 34.77
N VAL C 142 13.40 15.90 33.83
CA VAL C 142 12.35 14.93 34.14
C VAL C 142 12.88 13.91 35.17
N PRO C 143 12.20 13.68 36.29
CA PRO C 143 12.67 12.68 37.22
C PRO C 143 12.47 11.27 36.66
N PRO C 144 13.28 10.30 37.07
CA PRO C 144 13.12 8.94 36.54
C PRO C 144 11.75 8.42 36.86
N GLY C 145 11.24 7.56 35.98
CA GLY C 145 9.96 6.93 36.22
C GLY C 145 9.26 6.52 34.95
N LYS C 146 8.11 5.86 35.14
CA LYS C 146 7.29 5.31 34.07
C LYS C 146 6.17 6.30 33.78
N TYR C 147 6.29 7.03 32.69
CA TYR C 147 5.29 8.03 32.32
C TYR C 147 4.40 7.48 31.20
N VAL C 148 3.12 7.81 31.26
CA VAL C 148 2.17 7.48 30.20
C VAL C 148 1.57 8.76 29.64
N VAL C 149 1.59 8.90 28.32
CA VAL C 149 1.11 10.09 27.63
C VAL C 149 -0.17 9.70 26.91
N VAL C 150 -1.18 10.56 26.99
CA VAL C 150 -2.47 10.31 26.37
C VAL C 150 -2.95 11.57 25.68
N ALA C 151 -3.35 11.45 24.43
CA ALA C 151 -3.87 12.59 23.67
C ALA C 151 -5.16 12.20 22.97
N ARG C 152 -6.20 13.01 23.15
CA ARG C 152 -7.44 12.82 22.42
C ARG C 152 -7.73 14.10 21.69
N ALA C 153 -7.80 14.02 20.38
CA ALA C 153 -8.10 15.19 19.57
C ALA C 153 -9.53 15.08 19.12
N TYR C 154 -10.30 16.16 19.34
CA TYR C 154 -11.66 16.21 18.87
C TYR C 154 -11.87 17.46 18.04
N THR C 155 -12.87 17.38 17.19
CA THR C 155 -13.24 18.50 16.37
C THR C 155 -14.18 19.44 17.11
N GLU C 156 -14.49 20.57 16.46
CA GLU C 156 -15.35 21.61 17.05
C GLU C 156 -16.72 21.07 17.43
N LYS C 157 -17.28 20.21 16.60
CA LYS C 157 -18.56 19.57 16.86
C LYS C 157 -18.41 18.31 17.74
N ASP C 158 -17.25 18.14 18.37
CA ASP C 158 -16.92 17.06 19.33
C ASP C 158 -16.78 15.68 18.72
N ASP C 159 -16.53 15.56 17.42
CA ASP C 159 -16.20 14.25 16.83
C ASP C 159 -14.78 13.88 17.16
N LEU C 160 -14.55 12.59 17.40
CA LEU C 160 -13.22 12.13 17.80
C LEU C 160 -12.30 12.14 16.59
N ILE C 161 -11.26 12.97 16.63
CA ILE C 161 -10.23 12.94 15.58
C ILE C 161 -9.29 11.77 15.80
N THR C 162 -8.68 11.68 16.97
CA THR C 162 -7.82 10.52 17.23
C THR C 162 -7.51 10.36 18.72
N CYS C 163 -7.06 9.17 19.08
CA CYS C 163 -6.71 8.79 20.44
C CYS C 163 -5.38 8.07 20.43
N LEU C 164 -4.39 8.61 21.16
CA LEU C 164 -3.04 8.06 21.17
C LEU C 164 -2.52 7.91 22.59
N THR C 165 -1.81 6.80 22.83
CA THR C 165 -1.27 6.52 24.15
C THR C 165 0.10 5.95 23.99
N GLY C 166 0.92 6.15 25.01
CA GLY C 166 2.25 5.58 24.98
C GLY C 166 2.86 5.61 26.35
N GLU C 167 3.78 4.68 26.60
CA GLU C 167 4.55 4.64 27.83
C GLU C 167 5.98 5.02 27.49
N VAL C 168 6.57 5.84 28.33
CA VAL C 168 7.93 6.30 28.16
C VAL C 168 8.61 6.13 29.50
N ILE C 169 9.65 5.33 29.55
CA ILE C 169 10.34 5.09 30.80
C ILE C 169 11.66 5.86 30.84
N PHE C 170 11.81 6.71 31.85
CA PHE C 170 13.12 7.30 32.06
C PHE C 170 13.77 6.49 33.18
N PRO C 171 14.82 5.73 32.88
CA PRO C 171 15.38 4.75 33.84
C PRO C 171 16.10 5.41 34.99
N PRO C 172 16.41 4.65 36.04
CA PRO C 172 17.25 5.17 37.11
C PRO C 172 18.59 5.57 36.52
N ARG C 173 19.16 6.66 37.06
CA ARG C 173 20.36 7.27 36.51
C ARG C 173 21.23 7.86 37.62
N LEU C 174 22.53 7.93 37.33
CA LEU C 174 23.49 8.49 38.26
C LEU C 174 23.38 9.99 38.29
N VAL C 175 23.45 10.56 39.48
CA VAL C 175 23.38 12.02 39.62
C VAL C 175 24.62 12.63 38.98
N PRO C 176 24.48 13.69 38.20
CA PRO C 176 25.66 14.24 37.52
C PRO C 176 26.59 14.96 38.47
N ARG C 177 27.43 14.21 39.16
CA ARG C 177 28.43 14.83 40.03
C ARG C 177 29.84 14.35 39.68
N PRO D 31 0.28 26.29 -18.95
CA PRO D 31 0.78 25.13 -19.72
C PRO D 31 -0.22 24.01 -20.05
N PRO D 32 -1.12 23.61 -19.14
CA PRO D 32 -2.01 22.46 -19.46
C PRO D 32 -3.12 22.84 -20.41
N PRO D 33 -3.50 21.92 -21.31
CA PRO D 33 -4.57 22.23 -22.28
C PRO D 33 -5.94 22.26 -21.61
N ASN D 34 -6.81 23.15 -22.12
CA ASN D 34 -8.17 23.31 -21.63
C ASN D 34 -9.11 22.52 -22.53
N THR D 35 -9.54 21.35 -22.05
CA THR D 35 -10.39 20.48 -22.84
C THR D 35 -11.57 19.97 -22.04
N LYS D 36 -12.60 19.56 -22.78
CA LYS D 36 -13.82 18.96 -22.28
C LYS D 36 -14.10 17.73 -23.11
N PRO D 37 -14.52 16.63 -22.50
CA PRO D 37 -14.94 15.49 -23.31
C PRO D 37 -16.27 15.84 -23.97
N ILE D 38 -16.46 15.33 -25.19
CA ILE D 38 -17.72 15.46 -25.94
C ILE D 38 -18.58 14.24 -25.62
N ASN D 39 -19.82 14.47 -25.19
CA ASN D 39 -20.67 13.32 -24.93
C ASN D 39 -20.82 12.51 -26.21
N GLY D 40 -20.97 11.20 -26.05
CA GLY D 40 -21.16 10.31 -27.18
C GLY D 40 -20.01 9.33 -27.31
N GLU D 41 -20.22 8.36 -28.21
CA GLU D 41 -19.27 7.28 -28.39
C GLU D 41 -18.13 7.72 -29.31
N SER D 42 -17.21 8.51 -28.76
CA SER D 42 -16.15 9.08 -29.58
C SER D 42 -15.05 9.59 -28.66
N PRO D 43 -13.81 9.59 -29.12
CA PRO D 43 -12.71 10.16 -28.33
C PRO D 43 -12.53 11.66 -28.48
N LEU D 44 -13.45 12.36 -29.14
CA LEU D 44 -13.22 13.76 -29.43
C LEU D 44 -13.32 14.60 -28.17
N TYR D 45 -12.50 15.64 -28.10
CA TYR D 45 -12.64 16.65 -27.08
C TYR D 45 -12.73 18.02 -27.69
N GLN D 46 -13.41 18.91 -26.98
CA GLN D 46 -13.42 20.32 -27.28
C GLN D 46 -12.22 20.96 -26.59
N CYS D 47 -11.46 21.73 -27.37
CA CYS D 47 -10.31 22.51 -26.90
C CYS D 47 -10.62 23.99 -26.96
N ASP D 48 -9.69 24.79 -26.44
CA ASP D 48 -9.81 26.27 -26.37
C ASP D 48 -11.13 26.66 -25.75
N ILE D 49 -11.56 25.90 -24.75
CA ILE D 49 -12.89 26.11 -24.21
C ILE D 49 -13.02 27.47 -23.57
N LEU D 50 -11.90 28.03 -23.10
CA LEU D 50 -11.97 29.37 -22.52
C LEU D 50 -12.11 30.44 -23.58
N ASP D 51 -12.07 30.06 -24.85
CA ASP D 51 -12.36 30.96 -25.96
C ASP D 51 -13.77 30.67 -26.43
N LYS D 52 -14.61 31.70 -26.46
CA LYS D 52 -15.97 31.56 -26.97
C LYS D 52 -15.98 30.87 -28.33
N GLN D 53 -16.89 29.91 -28.51
CA GLN D 53 -17.01 29.22 -29.79
C GLN D 53 -18.45 29.34 -30.29
N LEU D 54 -18.60 29.49 -31.61
CA LEU D 54 -19.90 29.75 -32.24
C LEU D 54 -20.77 28.51 -32.36
N VAL D 55 -20.20 27.32 -32.22
CA VAL D 55 -20.95 26.08 -32.38
C VAL D 55 -20.76 25.20 -31.17
N GLU D 56 -21.87 24.67 -30.67
CA GLU D 56 -21.90 23.72 -29.57
C GLU D 56 -21.99 22.32 -30.15
N ILE D 57 -21.11 21.43 -29.75
CA ILE D 57 -21.18 20.02 -30.13
C ILE D 57 -21.78 19.25 -28.97
N LYS D 58 -23.09 18.98 -29.03
CA LYS D 58 -23.72 18.24 -27.95
C LYS D 58 -23.30 16.78 -27.96
N GLU D 59 -23.25 16.16 -29.14
CA GLU D 59 -22.95 14.72 -29.14
C GLU D 59 -22.31 14.29 -30.45
N VAL D 60 -21.40 13.33 -30.36
CA VAL D 60 -20.74 12.73 -31.52
C VAL D 60 -20.64 11.23 -31.29
N ASN D 61 -21.04 10.44 -32.28
CA ASN D 61 -21.12 8.99 -32.22
C ASN D 61 -20.44 8.37 -33.43
N LEU D 62 -19.56 7.41 -33.17
CA LEU D 62 -18.86 6.64 -34.20
C LEU D 62 -19.39 5.22 -34.20
N ASP D 63 -19.75 4.71 -35.39
CA ASP D 63 -20.41 3.41 -35.45
C ASP D 63 -19.47 2.29 -35.01
N PRO D 64 -18.32 2.04 -35.69
CA PRO D 64 -17.25 1.32 -34.99
C PRO D 64 -16.52 2.28 -34.05
N ASN D 65 -16.80 2.15 -32.75
CA ASN D 65 -16.32 3.09 -31.74
C ASN D 65 -14.80 3.25 -31.86
N PRO D 66 -13.98 2.19 -31.84
CA PRO D 66 -12.61 2.31 -32.40
C PRO D 66 -12.64 2.17 -33.91
N PRO D 67 -12.30 3.22 -34.66
CA PRO D 67 -12.38 3.13 -36.13
C PRO D 67 -11.48 2.02 -36.67
N VAL D 68 -11.97 1.32 -37.69
CA VAL D 68 -11.29 0.18 -38.28
C VAL D 68 -10.97 0.49 -39.74
N ARG D 69 -9.72 0.24 -40.12
CA ARG D 69 -9.33 0.45 -41.51
C ARG D 69 -10.00 -0.60 -42.39
N GLY D 70 -10.36 -0.19 -43.60
CA GLY D 70 -11.01 -1.10 -44.50
C GLY D 70 -12.45 -1.38 -44.18
N GLU D 71 -13.06 -0.59 -43.29
CA GLU D 71 -14.45 -0.79 -42.91
C GLU D 71 -15.14 0.57 -42.91
N ASN D 72 -16.45 0.57 -43.16
CA ASN D 72 -17.20 1.82 -43.07
C ASN D 72 -17.34 2.30 -41.64
N LEU D 73 -17.40 3.63 -41.50
CA LEU D 73 -17.56 4.35 -40.25
C LEU D 73 -18.74 5.31 -40.41
N THR D 74 -19.71 5.21 -39.52
CA THR D 74 -20.87 6.09 -39.52
C THR D 74 -20.69 7.15 -38.45
N ILE D 75 -20.75 8.42 -38.86
CA ILE D 75 -20.57 9.55 -37.97
C ILE D 75 -21.93 10.22 -37.76
N SER D 76 -22.31 10.33 -36.49
CA SER D 76 -23.54 10.99 -36.08
C SER D 76 -23.16 12.16 -35.18
N ALA D 77 -23.72 13.32 -35.45
CA ALA D 77 -23.36 14.47 -34.64
C ALA D 77 -24.59 15.33 -34.38
N ASN D 78 -24.64 15.89 -33.18
CA ASN D 78 -25.68 16.79 -32.75
C ASN D 78 -25.00 18.06 -32.29
N GLY D 79 -25.40 19.20 -32.88
CA GLY D 79 -24.76 20.46 -32.56
C GLY D 79 -25.69 21.65 -32.70
N GLU D 80 -25.23 22.82 -32.22
CA GLU D 80 -26.02 24.03 -32.29
C GLU D 80 -25.19 25.16 -32.88
N VAL D 81 -25.82 25.95 -33.75
CA VAL D 81 -25.16 27.08 -34.39
C VAL D 81 -25.77 28.35 -33.84
N PHE D 82 -24.90 29.25 -33.34
CA PHE D 82 -25.42 30.47 -32.74
C PHE D 82 -25.18 31.69 -33.62
N GLU D 83 -24.33 31.59 -34.63
CA GLU D 83 -24.11 32.71 -35.52
C GLU D 83 -24.11 32.21 -36.95
N THR D 84 -24.69 33.02 -37.84
CA THR D 84 -24.74 32.61 -39.24
C THR D 84 -23.33 32.44 -39.77
N ILE D 85 -23.01 31.27 -40.30
CA ILE D 85 -21.70 31.03 -40.90
C ILE D 85 -21.83 31.24 -42.39
N GLU D 86 -21.08 32.22 -42.91
CA GLU D 86 -21.20 32.66 -44.30
C GLU D 86 -19.95 32.27 -45.08
N GLU D 87 -20.06 32.41 -46.40
CA GLU D 87 -18.96 32.09 -47.30
C GLU D 87 -17.66 32.72 -46.85
N GLY D 88 -16.60 31.92 -46.81
CA GLY D 88 -15.30 32.38 -46.36
C GLY D 88 -14.76 31.70 -45.11
N ALA D 89 -15.54 30.85 -44.45
CA ALA D 89 -15.04 30.13 -43.28
C ALA D 89 -14.03 29.06 -43.69
N TYR D 90 -13.14 28.71 -42.73
CA TYR D 90 -12.03 27.81 -43.02
C TYR D 90 -11.69 26.95 -41.80
N ILE D 91 -10.97 25.86 -42.07
CA ILE D 91 -10.54 24.92 -41.04
C ILE D 91 -9.03 24.73 -41.12
N ASP D 92 -8.35 24.89 -39.99
CA ASP D 92 -6.96 24.48 -39.88
C ASP D 92 -6.95 23.08 -39.27
N VAL D 93 -6.39 22.12 -39.98
CA VAL D 93 -6.30 20.75 -39.50
C VAL D 93 -4.84 20.39 -39.33
N GLU D 94 -4.52 19.77 -38.20
CA GLU D 94 -3.18 19.35 -37.86
C GLU D 94 -3.29 17.89 -37.46
N VAL D 95 -2.57 17.02 -38.16
CA VAL D 95 -2.52 15.60 -37.83
C VAL D 95 -1.07 15.24 -37.63
N ARG D 96 -0.81 14.57 -36.53
CA ARG D 96 0.53 14.19 -36.20
C ARG D 96 0.53 12.78 -35.61
N LEU D 97 1.50 11.93 -36.02
CA LEU D 97 1.66 10.55 -35.56
C LEU D 97 2.84 10.49 -34.62
N GLY D 98 2.58 10.20 -33.34
CA GLY D 98 3.65 10.25 -32.36
C GLY D 98 4.25 11.63 -32.38
N TYR D 99 5.55 11.70 -32.66
CA TYR D 99 6.21 13.00 -32.75
C TYR D 99 6.32 13.52 -34.17
N ILE D 100 5.99 12.77 -35.20
CA ILE D 100 6.15 13.27 -36.56
C ILE D 100 4.81 13.85 -37.02
N ARG D 101 4.83 15.06 -37.57
CA ARG D 101 3.60 15.69 -38.03
C ARG D 101 3.29 15.18 -39.40
N LEU D 102 2.15 14.52 -39.54
CA LEU D 102 1.81 13.91 -40.82
C LEU D 102 1.36 14.95 -41.85
N LEU D 103 0.19 15.56 -41.66
CA LEU D 103 -0.30 16.62 -42.55
C LEU D 103 -0.79 17.80 -41.74
N SER D 104 -0.50 19.01 -42.22
CA SER D 104 -1.06 20.23 -41.64
C SER D 104 -1.48 21.15 -42.76
N GLN D 105 -2.78 21.43 -42.88
CA GLN D 105 -3.26 22.28 -43.97
C GLN D 105 -4.62 22.88 -43.65
N THR D 106 -4.94 23.94 -44.40
CA THR D 106 -6.19 24.69 -44.28
C THR D 106 -7.19 24.29 -45.37
N PHE D 107 -8.49 24.33 -45.03
CA PHE D 107 -9.57 23.98 -45.95
C PHE D 107 -10.59 25.11 -46.00
N ASP D 108 -11.21 25.30 -47.17
CA ASP D 108 -12.37 26.18 -47.28
C ASP D 108 -13.59 25.42 -46.78
N LEU D 109 -14.18 25.89 -45.66
CA LEU D 109 -15.22 25.13 -44.97
C LEU D 109 -16.36 24.80 -45.91
N CYS D 110 -16.86 25.83 -46.56
CA CYS D 110 -18.14 25.76 -47.25
C CYS D 110 -18.05 24.86 -48.45
N GLU D 111 -17.02 25.07 -49.25
CA GLU D 111 -16.78 24.21 -50.39
C GLU D 111 -16.53 22.77 -49.92
N THR D 112 -15.87 22.61 -48.77
CA THR D 112 -15.67 21.26 -48.23
C THR D 112 -17.01 20.59 -47.88
N LEU D 113 -17.93 21.34 -47.29
CA LEU D 113 -19.26 20.81 -46.98
C LEU D 113 -20.01 20.43 -48.25
N GLU D 114 -19.88 21.25 -49.29
CA GLU D 114 -20.59 20.97 -50.53
C GLU D 114 -19.97 19.78 -51.28
N ASP D 115 -18.66 19.58 -51.15
CA ASP D 115 -17.98 18.51 -51.87
C ASP D 115 -18.28 17.15 -51.26
N ASN D 116 -18.28 17.07 -49.94
CA ASN D 116 -18.50 15.81 -49.22
C ASN D 116 -19.96 15.43 -49.15
N ASP D 117 -20.79 16.18 -49.88
CA ASP D 117 -22.20 15.92 -50.07
C ASP D 117 -22.89 15.64 -48.74
N ILE D 118 -22.79 16.60 -47.82
CA ILE D 118 -23.53 16.58 -46.56
C ILE D 118 -24.87 17.23 -46.79
N GLU D 119 -25.95 16.45 -46.81
CA GLU D 119 -27.24 17.10 -47.08
C GLU D 119 -27.63 18.09 -46.00
N GLY D 120 -27.29 17.75 -44.77
CA GLY D 120 -27.64 18.58 -43.65
C GLY D 120 -26.90 19.91 -43.58
N LEU D 121 -25.85 20.10 -44.37
CA LEU D 121 -25.04 21.31 -44.26
C LEU D 121 -24.64 21.89 -45.62
N SER D 122 -25.40 22.86 -46.10
CA SER D 122 -24.91 23.77 -47.13
C SER D 122 -24.29 24.97 -46.43
N CYS D 123 -23.28 25.58 -47.06
CA CYS D 123 -22.49 26.61 -46.38
C CYS D 123 -23.29 27.71 -45.70
N PRO D 124 -24.34 28.31 -46.29
CA PRO D 124 -25.03 29.39 -45.57
C PRO D 124 -25.77 28.83 -44.36
N ILE D 125 -25.05 28.72 -43.24
CA ILE D 125 -25.51 27.99 -42.06
C ILE D 125 -26.16 28.94 -41.08
N GLU D 126 -27.46 28.87 -40.96
CA GLU D 126 -28.22 29.72 -40.05
C GLU D 126 -28.21 29.14 -38.64
N PRO D 127 -28.44 29.98 -37.63
CA PRO D 127 -28.49 29.46 -36.26
C PRO D 127 -29.58 28.42 -36.13
N GLY D 128 -29.32 27.39 -35.35
CA GLY D 128 -30.32 26.36 -35.13
C GLY D 128 -29.71 25.06 -34.66
N GLU D 129 -30.56 24.05 -34.65
CA GLU D 129 -30.25 22.72 -34.13
C GLU D 129 -29.95 21.78 -35.29
N TYR D 130 -28.74 21.24 -35.33
CA TYR D 130 -28.40 20.36 -36.44
C TYR D 130 -28.09 18.95 -35.94
N ASN D 131 -28.41 17.99 -36.79
CA ASN D 131 -28.06 16.59 -36.67
C ASN D 131 -27.47 16.14 -37.99
N ILE D 132 -26.30 15.51 -37.92
CA ILE D 132 -25.49 15.17 -39.09
C ILE D 132 -25.23 13.68 -39.09
N LYS D 133 -25.31 13.07 -40.27
CA LYS D 133 -24.94 11.67 -40.47
C LYS D 133 -24.11 11.58 -41.73
N LYS D 134 -22.88 11.11 -41.60
CA LYS D 134 -21.99 10.95 -42.74
C LYS D 134 -21.28 9.62 -42.62
N ILE D 135 -21.25 8.84 -43.68
CA ILE D 135 -20.55 7.56 -43.68
C ILE D 135 -19.31 7.67 -44.56
N VAL D 136 -18.15 7.32 -43.99
CA VAL D 136 -16.90 7.32 -44.72
C VAL D 136 -16.17 5.98 -44.54
N GLU D 137 -15.28 5.67 -45.48
CA GLU D 137 -14.53 4.43 -45.50
C GLU D 137 -13.08 4.69 -45.13
N ILE D 138 -12.57 3.92 -44.17
CA ILE D 138 -11.21 4.08 -43.69
C ILE D 138 -10.22 3.28 -44.54
N PRO D 139 -9.21 3.94 -45.11
CA PRO D 139 -8.26 3.23 -45.97
C PRO D 139 -7.46 2.18 -45.22
N GLY D 140 -7.26 1.02 -45.84
CA GLY D 140 -6.40 0.00 -45.24
C GLY D 140 -4.93 0.39 -45.33
N GLU D 141 -4.63 1.32 -46.24
CA GLU D 141 -3.27 1.71 -46.54
C GLU D 141 -2.61 2.45 -45.39
N VAL D 142 -3.40 3.08 -44.52
CA VAL D 142 -2.92 3.96 -43.45
C VAL D 142 -2.08 3.19 -42.44
N PRO D 143 -0.91 3.72 -42.06
CA PRO D 143 -0.04 2.99 -41.14
C PRO D 143 -0.62 2.92 -39.75
N PRO D 144 -0.35 1.83 -38.99
CA PRO D 144 -0.84 1.72 -37.62
C PRO D 144 -0.15 2.73 -36.71
N GLY D 145 -0.81 3.10 -35.61
CA GLY D 145 -0.15 4.03 -34.71
C GLY D 145 -1.13 4.89 -33.93
N LYS D 146 -0.58 5.79 -33.12
CA LYS D 146 -1.38 6.68 -32.26
C LYS D 146 -1.48 8.00 -33.03
N TYR D 147 -2.63 8.35 -33.60
CA TYR D 147 -2.70 9.61 -34.32
C TYR D 147 -3.41 10.65 -33.48
N VAL D 148 -2.91 11.88 -33.51
CA VAL D 148 -3.53 13.01 -32.84
C VAL D 148 -3.95 14.03 -33.88
N VAL D 149 -5.22 14.42 -33.81
CA VAL D 149 -5.83 15.37 -34.73
C VAL D 149 -6.30 16.58 -33.95
N VAL D 150 -6.07 17.76 -34.51
CA VAL D 150 -6.52 19.03 -33.98
C VAL D 150 -7.12 19.83 -35.13
N ALA D 151 -8.35 20.31 -34.96
CA ALA D 151 -9.00 21.11 -35.99
C ALA D 151 -9.55 22.37 -35.35
N ARG D 152 -9.27 23.50 -35.96
CA ARG D 152 -9.81 24.78 -35.53
C ARG D 152 -10.51 25.41 -36.71
N ALA D 153 -11.81 25.61 -36.62
CA ALA D 153 -12.59 26.23 -37.68
C ALA D 153 -12.93 27.66 -37.27
N TYR D 154 -12.73 28.61 -38.21
CA TYR D 154 -13.03 30.02 -37.97
C TYR D 154 -13.95 30.56 -39.06
N THR D 155 -14.63 31.66 -38.72
CA THR D 155 -15.49 32.37 -39.64
C THR D 155 -14.66 33.24 -40.57
N GLU D 156 -15.32 33.84 -41.55
CA GLU D 156 -14.65 34.70 -42.52
C GLU D 156 -13.91 35.83 -41.81
N LYS D 157 -14.50 36.39 -40.76
CA LYS D 157 -13.89 37.46 -39.98
C LYS D 157 -12.96 36.93 -38.89
N ASP D 158 -12.58 35.66 -38.95
CA ASP D 158 -11.62 35.02 -38.05
C ASP D 158 -12.13 34.82 -36.63
N ASP D 159 -13.44 34.80 -36.41
CA ASP D 159 -13.99 34.41 -35.11
C ASP D 159 -13.95 32.89 -34.99
N LEU D 160 -13.67 32.41 -33.78
CA LEU D 160 -13.50 30.97 -33.59
C LEU D 160 -14.85 30.25 -33.65
N ILE D 161 -15.01 29.40 -34.67
CA ILE D 161 -16.22 28.58 -34.77
C ILE D 161 -16.11 27.38 -33.84
N THR D 162 -15.04 26.61 -33.95
CA THR D 162 -14.92 25.48 -33.02
C THR D 162 -13.49 24.98 -32.97
N CYS D 163 -13.21 24.19 -31.94
CA CYS D 163 -11.90 23.60 -31.70
C CYS D 163 -12.13 22.15 -31.29
N LEU D 164 -11.58 21.19 -32.03
CA LEU D 164 -11.78 19.78 -31.70
C LEU D 164 -10.45 19.02 -31.73
N THR D 165 -10.29 18.09 -30.80
CA THR D 165 -9.07 17.30 -30.71
C THR D 165 -9.46 15.85 -30.48
N GLY D 166 -8.62 14.93 -30.97
CA GLY D 166 -8.93 13.53 -30.77
C GLY D 166 -7.73 12.65 -31.04
N GLU D 167 -7.69 11.50 -30.35
CA GLU D 167 -6.64 10.50 -30.51
C GLU D 167 -7.22 9.18 -30.99
N VAL D 168 -6.51 8.54 -31.93
CA VAL D 168 -6.96 7.30 -32.54
C VAL D 168 -5.82 6.30 -32.59
N ILE D 169 -6.01 5.13 -31.98
CA ILE D 169 -4.99 4.09 -31.97
C ILE D 169 -5.36 3.03 -33.01
N PHE D 170 -4.48 2.83 -34.00
CA PHE D 170 -4.69 1.78 -34.98
C PHE D 170 -3.76 0.61 -34.73
N PRO D 171 -4.31 -0.58 -34.42
CA PRO D 171 -3.45 -1.71 -34.08
C PRO D 171 -2.70 -2.21 -35.32
N PRO D 172 -1.55 -2.87 -35.12
CA PRO D 172 -0.68 -3.39 -36.18
C PRO D 172 -1.36 -4.45 -37.04
N PRO E 32 -37.47 4.79 -35.20
CA PRO E 32 -36.12 5.19 -35.61
C PRO E 32 -35.87 5.79 -37.02
N PRO E 33 -36.90 5.99 -37.91
CA PRO E 33 -36.61 6.63 -39.20
C PRO E 33 -36.27 8.11 -39.04
N ASN E 34 -34.98 8.43 -39.05
CA ASN E 34 -34.46 9.78 -38.82
C ASN E 34 -35.18 10.47 -37.66
N THR E 35 -35.22 9.78 -36.53
CA THR E 35 -35.82 10.30 -35.32
C THR E 35 -34.88 10.05 -34.15
N LYS E 36 -35.08 10.86 -33.13
CA LYS E 36 -34.34 10.89 -31.89
C LYS E 36 -35.36 11.01 -30.77
N PRO E 37 -35.21 10.27 -29.67
CA PRO E 37 -36.14 10.44 -28.53
C PRO E 37 -35.85 11.74 -27.78
N ILE E 38 -36.91 12.36 -27.25
CA ILE E 38 -36.75 13.53 -26.40
C ILE E 38 -36.62 13.00 -24.97
N ASN E 39 -35.47 13.19 -24.35
CA ASN E 39 -35.31 12.57 -23.04
C ASN E 39 -36.26 13.18 -22.02
N GLY E 40 -36.65 12.36 -21.05
CA GLY E 40 -37.61 12.73 -20.04
C GLY E 40 -38.84 11.84 -20.11
N GLU E 41 -39.76 12.08 -19.16
CA GLU E 41 -40.96 11.25 -18.99
C GLU E 41 -41.95 11.61 -20.08
N SER E 42 -41.72 11.01 -21.25
CA SER E 42 -42.48 11.37 -22.44
C SER E 42 -42.33 10.29 -23.49
N PRO E 43 -43.35 10.07 -24.30
CA PRO E 43 -43.17 9.25 -25.51
C PRO E 43 -42.72 10.04 -26.73
N LEU E 44 -42.40 11.32 -26.58
CA LEU E 44 -42.11 12.17 -27.73
C LEU E 44 -40.73 11.90 -28.34
N TYR E 45 -40.65 12.05 -29.66
CA TYR E 45 -39.38 12.01 -30.38
C TYR E 45 -39.25 13.24 -31.26
N GLN E 46 -38.00 13.62 -31.53
CA GLN E 46 -37.70 14.62 -32.54
C GLN E 46 -37.60 13.91 -33.89
N CYS E 47 -38.32 14.40 -34.89
CA CYS E 47 -38.24 13.87 -36.24
C CYS E 47 -37.57 14.85 -37.19
N ASP E 48 -37.31 14.37 -38.41
CA ASP E 48 -36.62 15.15 -39.44
C ASP E 48 -35.31 15.71 -38.90
N ILE E 49 -34.61 14.89 -38.12
CA ILE E 49 -33.44 15.41 -37.40
C ILE E 49 -32.36 15.86 -38.37
N LEU E 50 -32.31 15.28 -39.57
CA LEU E 50 -31.33 15.72 -40.56
C LEU E 50 -31.66 17.07 -41.18
N ASP E 51 -32.81 17.66 -40.86
CA ASP E 51 -33.16 19.00 -41.31
C ASP E 51 -32.97 20.01 -40.18
N LYS E 52 -32.24 21.09 -40.49
CA LYS E 52 -32.04 22.17 -39.53
C LYS E 52 -33.36 22.65 -38.94
N GLN E 53 -33.42 22.72 -37.61
CA GLN E 53 -34.62 23.14 -36.92
C GLN E 53 -34.29 24.35 -36.04
N LEU E 54 -35.20 25.31 -36.00
CA LEU E 54 -34.96 26.57 -35.29
C LEU E 54 -35.16 26.47 -33.80
N VAL E 55 -35.76 25.40 -33.29
CA VAL E 55 -35.96 25.24 -31.86
C VAL E 55 -35.41 23.89 -31.43
N GLU E 56 -34.65 23.89 -30.32
CA GLU E 56 -34.12 22.70 -29.67
C GLU E 56 -35.03 22.35 -28.50
N ILE E 57 -35.51 21.11 -28.47
CA ILE E 57 -36.35 20.64 -27.38
C ILE E 57 -35.47 19.80 -26.45
N LYS E 58 -34.96 20.41 -25.36
CA LYS E 58 -34.06 19.67 -24.48
C LYS E 58 -34.80 18.61 -23.71
N GLU E 59 -35.99 18.94 -23.20
CA GLU E 59 -36.64 17.96 -22.35
C GLU E 59 -38.14 18.18 -22.35
N VAL E 60 -38.90 17.08 -22.26
CA VAL E 60 -40.36 17.14 -22.14
C VAL E 60 -40.76 16.08 -21.13
N ASN E 61 -41.59 16.47 -20.16
CA ASN E 61 -42.05 15.61 -19.08
C ASN E 61 -43.57 15.71 -18.95
N LEU E 62 -44.22 14.55 -18.89
CA LEU E 62 -45.67 14.46 -18.77
C LEU E 62 -46.03 13.98 -17.36
N ASP E 63 -47.02 14.66 -16.75
CA ASP E 63 -47.32 14.38 -15.34
C ASP E 63 -47.82 12.96 -15.13
N PRO E 64 -48.96 12.51 -15.72
CA PRO E 64 -49.15 11.07 -15.88
C PRO E 64 -48.37 10.61 -17.10
N ASN E 65 -47.24 9.91 -16.87
CA ASN E 65 -46.33 9.63 -17.99
C ASN E 65 -47.05 8.92 -19.13
N PRO E 66 -47.77 7.82 -18.92
CA PRO E 66 -48.82 7.50 -19.86
C PRO E 66 -50.04 8.33 -19.52
N PRO E 67 -50.46 9.21 -20.42
CA PRO E 67 -51.62 10.06 -20.14
C PRO E 67 -52.86 9.21 -19.86
N VAL E 68 -53.67 9.68 -18.93
CA VAL E 68 -54.87 8.97 -18.51
C VAL E 68 -56.07 9.79 -18.96
N ARG E 69 -57.03 9.13 -19.57
CA ARG E 69 -58.22 9.81 -20.07
C ARG E 69 -59.08 10.32 -18.92
N GLY E 70 -59.69 11.48 -19.13
CA GLY E 70 -60.52 12.09 -18.09
C GLY E 70 -59.77 12.72 -16.93
N GLU E 71 -58.47 12.95 -17.05
CA GLU E 71 -57.66 13.48 -15.95
C GLU E 71 -56.81 14.63 -16.47
N ASN E 72 -56.33 15.45 -15.55
CA ASN E 72 -55.38 16.47 -15.96
C ASN E 72 -54.06 15.85 -16.40
N LEU E 73 -53.42 16.51 -17.36
CA LEU E 73 -52.10 16.16 -17.85
C LEU E 73 -51.26 17.42 -17.82
N THR E 74 -50.14 17.38 -17.13
CA THR E 74 -49.25 18.52 -17.02
C THR E 74 -48.07 18.30 -17.94
N ILE E 75 -47.87 19.23 -18.86
CA ILE E 75 -46.81 19.17 -19.85
C ILE E 75 -45.75 20.16 -19.43
N SER E 76 -44.53 19.69 -19.24
CA SER E 76 -43.41 20.55 -18.89
C SER E 76 -42.35 20.41 -19.97
N ALA E 77 -41.83 21.52 -20.46
CA ALA E 77 -40.84 21.41 -21.52
C ALA E 77 -39.73 22.45 -21.34
N ASN E 78 -38.55 22.04 -21.79
CA ASN E 78 -37.34 22.82 -21.73
C ASN E 78 -36.81 22.89 -23.15
N GLY E 79 -36.61 24.10 -23.66
CA GLY E 79 -36.14 24.23 -25.03
C GLY E 79 -35.41 25.54 -25.27
N GLU E 80 -34.80 25.61 -26.45
CA GLU E 80 -34.04 26.79 -26.87
C GLU E 80 -34.47 27.26 -28.24
N VAL E 81 -34.57 28.58 -28.38
CA VAL E 81 -35.00 29.24 -29.61
C VAL E 81 -33.81 29.96 -30.22
N PHE E 82 -33.47 29.61 -31.47
CA PHE E 82 -32.26 30.19 -32.06
C PHE E 82 -32.55 31.28 -33.08
N GLU E 83 -33.79 31.40 -33.54
CA GLU E 83 -34.21 32.41 -34.50
C GLU E 83 -35.56 32.96 -34.06
N THR E 84 -35.75 34.27 -34.22
CA THR E 84 -37.02 34.88 -33.83
C THR E 84 -38.18 34.28 -34.63
N ILE E 85 -39.22 33.87 -33.91
CA ILE E 85 -40.43 33.34 -34.52
C ILE E 85 -41.47 34.45 -34.59
N GLU E 86 -41.89 34.81 -35.79
CA GLU E 86 -42.79 35.94 -36.00
C GLU E 86 -44.16 35.45 -36.50
N GLU E 87 -45.14 36.37 -36.43
CA GLU E 87 -46.50 36.11 -36.90
C GLU E 87 -46.48 35.49 -38.29
N GLY E 88 -47.27 34.44 -38.47
CA GLY E 88 -47.32 33.70 -39.71
C GLY E 88 -46.79 32.30 -39.57
N ALA E 89 -46.19 31.98 -38.44
CA ALA E 89 -45.78 30.60 -38.23
C ALA E 89 -47.03 29.77 -37.97
N TYR E 90 -46.94 28.47 -38.29
CA TYR E 90 -48.11 27.61 -38.23
C TYR E 90 -47.68 26.21 -37.83
N ILE E 91 -48.65 25.40 -37.39
CA ILE E 91 -48.37 24.03 -37.00
C ILE E 91 -49.27 23.11 -37.81
N ASP E 92 -48.67 22.15 -38.52
CA ASP E 92 -49.37 21.06 -39.18
C ASP E 92 -49.39 19.87 -38.25
N VAL E 93 -50.59 19.43 -37.88
CA VAL E 93 -50.79 18.32 -36.95
C VAL E 93 -51.58 17.21 -37.63
N GLU E 94 -51.12 15.97 -37.45
CA GLU E 94 -51.80 14.78 -37.93
C GLU E 94 -51.87 13.77 -36.80
N VAL E 95 -53.07 13.25 -36.55
CA VAL E 95 -53.29 12.20 -35.57
C VAL E 95 -53.94 11.02 -36.25
N ARG E 96 -53.40 9.82 -36.04
CA ARG E 96 -54.02 8.63 -36.59
C ARG E 96 -54.21 7.59 -35.48
N LEU E 97 -55.36 6.92 -35.53
CA LEU E 97 -55.76 5.83 -34.63
C LEU E 97 -55.59 4.52 -35.36
N GLY E 98 -54.62 3.73 -34.92
CA GLY E 98 -54.30 2.51 -35.65
C GLY E 98 -53.88 2.80 -37.07
N TYR E 99 -54.55 2.21 -38.05
CA TYR E 99 -54.10 2.44 -39.42
C TYR E 99 -54.86 3.57 -40.09
N ILE E 100 -55.84 4.14 -39.39
CA ILE E 100 -56.72 5.14 -39.97
C ILE E 100 -56.47 6.53 -39.46
N ARG E 101 -56.52 7.49 -40.38
CA ARG E 101 -56.22 8.88 -40.08
C ARG E 101 -57.40 9.55 -39.39
N LEU E 102 -57.19 9.92 -38.14
CA LEU E 102 -58.21 10.59 -37.33
C LEU E 102 -58.39 12.06 -37.71
N LEU E 103 -57.38 12.91 -37.43
CA LEU E 103 -57.53 14.32 -37.83
C LEU E 103 -56.24 14.83 -38.45
N SER E 104 -56.39 15.72 -39.42
CA SER E 104 -55.25 16.43 -40.01
C SER E 104 -55.62 17.89 -40.15
N GLN E 105 -54.88 18.80 -39.50
CA GLN E 105 -55.21 20.22 -39.66
C GLN E 105 -54.03 21.12 -39.31
N THR E 106 -54.07 22.34 -39.83
CA THR E 106 -53.10 23.41 -39.58
C THR E 106 -53.66 24.43 -38.58
N PHE E 107 -52.76 24.98 -37.75
CA PHE E 107 -53.11 25.97 -36.75
C PHE E 107 -52.19 27.18 -36.91
N ASP E 108 -52.72 28.34 -36.57
CA ASP E 108 -51.89 29.55 -36.48
C ASP E 108 -51.10 29.45 -35.17
N LEU E 109 -49.77 29.35 -35.29
CA LEU E 109 -48.91 29.13 -34.12
C LEU E 109 -49.16 30.18 -33.06
N CYS E 110 -49.16 31.44 -33.49
CA CYS E 110 -49.21 32.56 -32.55
C CYS E 110 -50.57 32.68 -31.88
N GLU E 111 -51.64 32.59 -32.68
CA GLU E 111 -52.98 32.66 -32.09
C GLU E 111 -53.20 31.51 -31.13
N THR E 112 -52.67 30.32 -31.45
CA THR E 112 -52.79 29.18 -30.54
C THR E 112 -52.06 29.44 -29.21
N LEU E 113 -50.86 30.04 -29.27
CA LEU E 113 -50.20 30.42 -28.01
C LEU E 113 -50.99 31.49 -27.26
N GLU E 114 -51.60 32.43 -28.01
CA GLU E 114 -52.34 33.51 -27.36
C GLU E 114 -53.59 33.01 -26.66
N ASP E 115 -54.28 32.05 -27.28
CA ASP E 115 -55.54 31.55 -26.75
C ASP E 115 -55.34 30.55 -25.62
N ASN E 116 -54.34 29.67 -25.72
CA ASN E 116 -54.17 28.64 -24.71
C ASN E 116 -53.40 29.09 -23.48
N ASP E 117 -53.12 30.38 -23.33
CA ASP E 117 -52.54 30.92 -22.09
C ASP E 117 -51.32 30.13 -21.63
N ILE E 118 -50.27 30.20 -22.43
CA ILE E 118 -48.96 29.71 -21.99
C ILE E 118 -48.32 30.85 -21.20
N GLU E 119 -47.59 30.53 -20.12
CA GLU E 119 -46.97 31.60 -19.36
C GLU E 119 -46.24 32.56 -20.28
N GLY E 120 -46.65 33.84 -20.25
CA GLY E 120 -46.15 34.85 -21.15
C GLY E 120 -46.20 34.41 -22.61
N LEU E 121 -45.06 34.32 -23.27
CA LEU E 121 -44.95 33.85 -24.65
C LEU E 121 -45.98 34.47 -25.59
N SER E 122 -45.76 35.74 -25.89
CA SER E 122 -46.42 36.41 -26.99
C SER E 122 -45.69 36.06 -28.28
N CYS E 123 -46.43 36.02 -29.39
CA CYS E 123 -45.90 35.42 -30.61
C CYS E 123 -44.51 35.90 -31.00
N PRO E 124 -44.12 37.19 -30.90
CA PRO E 124 -42.75 37.51 -31.29
C PRO E 124 -41.85 36.85 -30.25
N ILE E 125 -41.37 35.65 -30.58
CA ILE E 125 -40.62 34.79 -29.66
C ILE E 125 -39.16 34.97 -29.95
N GLU E 126 -38.46 35.61 -29.01
CA GLU E 126 -37.06 35.93 -29.17
C GLU E 126 -36.18 34.71 -28.85
N PRO E 127 -34.96 34.67 -29.37
CA PRO E 127 -34.06 33.54 -29.05
C PRO E 127 -33.79 33.48 -27.55
N GLY E 128 -33.66 32.28 -27.03
CA GLY E 128 -33.38 32.17 -25.61
C GLY E 128 -33.75 30.82 -25.05
N GLU E 129 -33.69 30.75 -23.72
CA GLU E 129 -33.92 29.54 -22.94
C GLU E 129 -35.34 29.60 -22.39
N TYR E 130 -36.17 28.61 -22.74
CA TYR E 130 -37.55 28.61 -22.27
C TYR E 130 -37.88 27.36 -21.48
N ASN E 131 -38.78 27.54 -20.52
CA ASN E 131 -39.41 26.48 -19.76
C ASN E 131 -40.90 26.73 -19.73
N ILE E 132 -41.66 25.67 -20.02
CA ILE E 132 -43.10 25.73 -20.19
C ILE E 132 -43.74 24.74 -19.25
N LYS E 133 -44.84 25.15 -18.63
CA LYS E 133 -45.69 24.26 -17.83
C LYS E 133 -47.12 24.58 -18.22
N LYS E 134 -47.80 23.59 -18.80
CA LYS E 134 -49.17 23.76 -19.23
C LYS E 134 -49.97 22.55 -18.83
N ILE E 135 -51.13 22.77 -18.24
CA ILE E 135 -52.02 21.70 -17.84
C ILE E 135 -53.21 21.67 -18.79
N VAL E 136 -53.44 20.52 -19.40
CA VAL E 136 -54.59 20.34 -20.27
C VAL E 136 -55.32 19.10 -19.81
N GLU E 137 -56.60 19.03 -20.13
CA GLU E 137 -57.45 17.92 -19.79
C GLU E 137 -57.71 17.00 -20.95
N ILE E 138 -57.47 15.72 -20.71
CA ILE E 138 -57.75 14.68 -21.69
C ILE E 138 -59.20 14.26 -21.51
N PRO E 139 -60.03 14.38 -22.52
CA PRO E 139 -61.44 14.00 -22.38
C PRO E 139 -61.61 12.52 -22.09
N GLY E 140 -62.59 12.20 -21.24
CA GLY E 140 -62.91 10.80 -20.98
C GLY E 140 -63.57 10.11 -22.17
N GLU E 141 -64.13 10.88 -23.10
CA GLU E 141 -64.84 10.42 -24.28
C GLU E 141 -63.91 9.86 -25.35
N VAL E 142 -62.62 9.90 -25.14
CA VAL E 142 -61.65 9.45 -26.14
C VAL E 142 -61.84 7.95 -26.38
N PRO E 143 -61.93 7.50 -27.63
CA PRO E 143 -62.05 6.07 -27.89
C PRO E 143 -60.75 5.37 -27.52
N PRO E 144 -60.82 4.12 -27.07
CA PRO E 144 -59.59 3.37 -26.77
C PRO E 144 -58.85 3.03 -28.04
N GLY E 145 -57.54 2.90 -27.93
CA GLY E 145 -56.74 2.52 -29.08
C GLY E 145 -55.35 3.11 -29.01
N LYS E 146 -54.60 2.81 -30.06
CA LYS E 146 -53.22 3.26 -30.25
C LYS E 146 -53.22 4.55 -31.07
N TYR E 147 -52.90 5.67 -30.43
CA TYR E 147 -52.88 6.94 -31.16
C TYR E 147 -51.44 7.34 -31.47
N VAL E 148 -51.22 7.82 -32.68
CA VAL E 148 -49.94 8.36 -33.12
C VAL E 148 -50.13 9.80 -33.54
N VAL E 149 -49.27 10.68 -33.03
CA VAL E 149 -49.35 12.10 -33.31
C VAL E 149 -48.08 12.58 -33.99
N VAL E 150 -48.22 13.47 -34.97
CA VAL E 150 -47.09 14.11 -35.64
C VAL E 150 -47.38 15.60 -35.74
N ALA E 151 -46.41 16.43 -35.31
CA ALA E 151 -46.54 17.87 -35.37
C ALA E 151 -45.31 18.49 -36.04
N ARG E 152 -45.54 19.38 -36.99
CA ARG E 152 -44.49 20.14 -37.64
C ARG E 152 -44.85 21.60 -37.54
N ALA E 153 -44.00 22.41 -36.94
CA ALA E 153 -44.26 23.84 -36.93
C ALA E 153 -43.31 24.48 -37.92
N TYR E 154 -43.82 25.41 -38.73
CA TYR E 154 -42.98 26.14 -39.66
C TYR E 154 -43.13 27.64 -39.42
N THR E 155 -42.09 28.34 -39.82
CA THR E 155 -42.15 29.78 -39.71
C THR E 155 -42.87 30.38 -40.93
N GLU E 156 -43.08 31.69 -40.90
CA GLU E 156 -43.78 32.34 -42.01
C GLU E 156 -43.10 32.06 -43.36
N LYS E 157 -41.76 31.94 -43.40
CA LYS E 157 -41.06 31.62 -44.64
C LYS E 157 -41.11 30.15 -44.97
N ASP E 158 -41.82 29.37 -44.19
CA ASP E 158 -41.84 27.94 -44.33
C ASP E 158 -40.53 27.29 -43.90
N ASP E 159 -39.72 27.91 -43.01
CA ASP E 159 -38.62 27.16 -42.38
C ASP E 159 -39.13 26.31 -41.24
N LEU E 160 -38.50 25.17 -41.07
CA LEU E 160 -38.88 24.20 -40.05
C LEU E 160 -38.44 24.65 -38.65
N ILE E 161 -39.43 24.91 -37.79
CA ILE E 161 -39.19 25.22 -36.39
C ILE E 161 -38.89 23.96 -35.62
N THR E 162 -39.76 22.95 -35.71
CA THR E 162 -39.48 21.69 -35.03
C THR E 162 -40.38 20.61 -35.59
N CYS E 163 -40.01 19.37 -35.28
CA CYS E 163 -40.75 18.19 -35.70
C CYS E 163 -40.86 17.24 -34.51
N LEU E 164 -42.08 16.90 -34.11
CA LEU E 164 -42.32 16.04 -32.95
C LEU E 164 -43.25 14.91 -33.33
N THR E 165 -42.99 13.72 -32.78
CA THR E 165 -43.82 12.54 -33.02
C THR E 165 -44.03 11.79 -31.71
N GLY E 166 -45.16 11.10 -31.61
CA GLY E 166 -45.39 10.34 -30.41
C GLY E 166 -46.49 9.30 -30.51
N GLU E 167 -46.39 8.25 -29.70
CA GLU E 167 -47.41 7.22 -29.60
C GLU E 167 -48.01 7.23 -28.19
N VAL E 168 -49.33 7.11 -28.10
CA VAL E 168 -50.09 7.06 -26.86
C VAL E 168 -51.11 5.94 -26.97
N ILE E 169 -51.04 4.96 -26.08
CA ILE E 169 -51.97 3.84 -26.08
C ILE E 169 -52.96 4.02 -24.94
N PHE E 170 -54.27 4.06 -25.29
CA PHE E 170 -55.22 4.17 -24.19
C PHE E 170 -55.87 2.83 -23.87
N PRO E 171 -56.22 2.64 -22.59
CA PRO E 171 -56.76 1.36 -22.16
C PRO E 171 -58.11 1.09 -22.79
N PRO E 172 -58.53 -0.19 -22.89
CA PRO E 172 -59.77 -0.52 -23.60
C PRO E 172 -61.07 0.06 -23.04
N ARG E 173 -61.07 0.78 -21.91
CA ARG E 173 -62.31 1.41 -21.48
C ARG E 173 -62.76 2.49 -22.46
N LEU E 174 -64.06 2.72 -22.52
CA LEU E 174 -64.62 3.96 -23.07
C LEU E 174 -65.09 4.87 -21.94
N PRO F 31 -46.63 33.05 -3.56
CA PRO F 31 -46.65 31.94 -4.53
C PRO F 31 -45.35 31.10 -4.51
N PRO F 32 -45.45 29.82 -4.85
CA PRO F 32 -44.26 28.93 -4.83
C PRO F 32 -43.38 29.17 -6.05
N PRO F 33 -42.06 29.03 -5.89
CA PRO F 33 -41.13 29.37 -6.97
C PRO F 33 -40.88 28.24 -7.95
N ASN F 34 -40.56 28.64 -9.18
CA ASN F 34 -40.31 27.72 -10.28
C ASN F 34 -38.80 27.56 -10.41
N THR F 35 -38.27 26.39 -9.99
CA THR F 35 -36.83 26.13 -10.04
C THR F 35 -36.52 24.78 -10.67
N LYS F 36 -35.32 24.70 -11.27
CA LYS F 36 -34.81 23.49 -11.90
C LYS F 36 -33.35 23.41 -11.49
N PRO F 37 -32.85 22.24 -11.09
CA PRO F 37 -31.43 22.15 -10.73
C PRO F 37 -30.52 22.25 -11.94
N ILE F 38 -29.32 22.81 -11.70
CA ILE F 38 -28.27 22.93 -12.71
C ILE F 38 -27.40 21.69 -12.69
N ASN F 39 -27.20 21.08 -13.86
CA ASN F 39 -26.37 19.88 -13.91
C ASN F 39 -24.98 20.18 -13.38
N GLY F 40 -24.37 19.19 -12.78
CA GLY F 40 -22.99 19.31 -12.33
C GLY F 40 -22.87 19.28 -10.81
N GLU F 41 -21.60 19.29 -10.40
CA GLU F 41 -21.15 19.17 -9.02
C GLU F 41 -21.38 20.53 -8.35
N SER F 42 -22.65 20.77 -7.99
CA SER F 42 -23.04 22.10 -7.55
C SER F 42 -24.35 22.04 -6.80
N PRO F 43 -24.57 22.96 -5.86
CA PRO F 43 -25.90 23.16 -5.29
C PRO F 43 -26.77 24.20 -5.99
N LEU F 44 -26.35 24.72 -7.16
CA LEU F 44 -27.10 25.80 -7.81
C LEU F 44 -28.39 25.33 -8.47
N TYR F 45 -29.41 26.19 -8.44
CA TYR F 45 -30.62 25.97 -9.20
C TYR F 45 -30.88 27.19 -10.07
N GLN F 46 -31.55 26.95 -11.21
CA GLN F 46 -32.11 28.02 -12.01
C GLN F 46 -33.48 28.32 -11.45
N CYS F 47 -33.74 29.60 -11.19
CA CYS F 47 -35.02 30.11 -10.72
C CYS F 47 -35.70 30.92 -11.83
N ASP F 48 -36.97 31.29 -11.61
CA ASP F 48 -37.78 32.01 -12.61
C ASP F 48 -37.73 31.31 -13.97
N ILE F 49 -37.80 29.98 -13.92
CA ILE F 49 -37.61 29.23 -15.15
C ILE F 49 -38.73 29.48 -16.15
N LEU F 50 -39.93 29.78 -15.65
CA LEU F 50 -41.05 30.08 -16.54
C LEU F 50 -40.95 31.46 -17.19
N ASP F 51 -39.87 32.19 -16.91
CA ASP F 51 -39.55 33.46 -17.59
C ASP F 51 -38.46 33.21 -18.62
N LYS F 52 -38.69 33.65 -19.86
CA LYS F 52 -37.67 33.53 -20.89
C LYS F 52 -36.36 34.16 -20.41
N GLN F 53 -35.26 33.41 -20.54
CA GLN F 53 -33.95 33.87 -20.12
C GLN F 53 -32.99 33.77 -21.29
N LEU F 54 -32.10 34.77 -21.38
CA LEU F 54 -31.18 34.95 -22.50
C LEU F 54 -29.97 34.03 -22.45
N VAL F 55 -29.68 33.44 -21.29
CA VAL F 55 -28.54 32.55 -21.13
C VAL F 55 -28.98 31.26 -20.48
N GLU F 56 -28.57 30.13 -21.03
CA GLU F 56 -28.75 28.86 -20.35
C GLU F 56 -27.41 28.44 -19.75
N ILE F 57 -27.46 28.05 -18.48
CA ILE F 57 -26.31 27.51 -17.76
C ILE F 57 -26.40 26.00 -17.84
N LYS F 58 -25.63 25.38 -18.75
CA LYS F 58 -25.71 23.93 -18.90
C LYS F 58 -25.08 23.22 -17.71
N GLU F 59 -23.93 23.70 -17.24
CA GLU F 59 -23.24 22.95 -16.20
C GLU F 59 -22.43 23.89 -15.32
N VAL F 60 -22.37 23.57 -14.04
CA VAL F 60 -21.56 24.33 -13.07
C VAL F 60 -20.91 23.30 -12.15
N ASN F 61 -19.61 23.43 -11.96
CA ASN F 61 -18.84 22.50 -11.13
C ASN F 61 -18.00 23.31 -10.17
N LEU F 62 -18.10 23.00 -8.88
CA LEU F 62 -17.37 23.68 -7.84
C LEU F 62 -16.32 22.71 -7.31
N ASP F 63 -15.05 23.13 -7.21
CA ASP F 63 -14.00 22.14 -6.99
C ASP F 63 -14.13 21.45 -5.64
N PRO F 64 -14.16 22.14 -4.51
CA PRO F 64 -14.76 21.47 -3.35
C PRO F 64 -16.26 21.64 -3.52
N ASN F 65 -16.97 20.52 -3.84
CA ASN F 65 -18.37 20.62 -4.24
C ASN F 65 -19.25 21.28 -3.21
N PRO F 66 -19.30 20.84 -1.95
CA PRO F 66 -19.71 21.78 -0.92
C PRO F 66 -18.52 22.66 -0.61
N PRO F 67 -18.64 23.97 -0.81
CA PRO F 67 -17.52 24.88 -0.50
C PRO F 67 -17.10 24.79 0.97
N VAL F 68 -15.81 24.97 1.21
CA VAL F 68 -15.18 24.93 2.53
C VAL F 68 -14.60 26.31 2.83
N ARG F 69 -14.88 26.83 4.02
CA ARG F 69 -14.34 28.12 4.44
C ARG F 69 -12.84 28.02 4.61
N GLY F 70 -12.13 29.10 4.30
CA GLY F 70 -10.68 29.06 4.41
C GLY F 70 -9.99 28.29 3.32
N GLU F 71 -10.69 27.93 2.25
CA GLU F 71 -10.08 27.21 1.15
C GLU F 71 -10.44 27.90 -0.16
N ASN F 72 -9.62 27.65 -1.18
CA ASN F 72 -9.95 28.12 -2.51
C ASN F 72 -11.13 27.33 -3.08
N LEU F 73 -11.89 28.00 -3.94
CA LEU F 73 -13.05 27.43 -4.60
C LEU F 73 -12.94 27.69 -6.08
N THR F 74 -13.02 26.63 -6.87
CA THR F 74 -12.97 26.74 -8.31
C THR F 74 -14.39 26.70 -8.84
N ILE F 75 -14.76 27.72 -9.62
CA ILE F 75 -16.06 27.81 -10.26
C ILE F 75 -15.82 27.53 -11.73
N SER F 76 -16.47 26.49 -12.26
CA SER F 76 -16.39 26.14 -13.68
C SER F 76 -17.78 26.14 -14.26
N ALA F 77 -17.98 26.83 -15.37
CA ALA F 77 -19.34 26.87 -15.89
C ALA F 77 -19.35 26.71 -17.40
N ASN F 78 -20.39 26.05 -17.87
CA ASN F 78 -20.65 25.81 -19.28
C ASN F 78 -22.01 26.42 -19.58
N GLY F 79 -22.06 27.34 -20.54
CA GLY F 79 -23.32 28.01 -20.82
C GLY F 79 -23.43 28.48 -22.27
N GLU F 80 -24.64 28.95 -22.61
CA GLU F 80 -24.92 29.45 -23.95
C GLU F 80 -25.55 30.84 -23.86
N VAL F 81 -25.09 31.74 -24.72
CA VAL F 81 -25.62 33.09 -24.78
C VAL F 81 -26.40 33.25 -26.08
N PHE F 82 -27.67 33.66 -25.98
CA PHE F 82 -28.48 33.74 -27.19
C PHE F 82 -28.67 35.15 -27.70
N GLU F 83 -28.39 36.16 -26.91
CA GLU F 83 -28.55 37.53 -27.36
C GLU F 83 -27.32 38.31 -26.94
N THR F 84 -26.85 39.22 -27.77
CA THR F 84 -25.65 39.95 -27.38
C THR F 84 -25.90 40.72 -26.09
N ILE F 85 -25.10 40.46 -25.07
CA ILE F 85 -25.22 41.19 -23.81
C ILE F 85 -24.26 42.37 -23.91
N GLU F 86 -24.80 43.57 -23.85
CA GLU F 86 -24.05 44.76 -24.17
C GLU F 86 -23.80 45.55 -22.90
N GLU F 87 -22.88 46.50 -23.01
CA GLU F 87 -22.56 47.38 -21.90
C GLU F 87 -23.83 47.96 -21.29
N GLY F 88 -23.94 47.90 -19.97
CA GLY F 88 -25.12 48.37 -19.29
C GLY F 88 -25.90 47.30 -18.57
N ALA F 89 -25.55 46.03 -18.72
CA ALA F 89 -26.22 44.99 -17.99
C ALA F 89 -25.84 45.04 -16.51
N TYR F 90 -26.68 44.46 -15.67
CA TYR F 90 -26.46 44.52 -14.23
C TYR F 90 -26.92 43.24 -13.54
N ILE F 91 -26.44 43.03 -12.31
CA ILE F 91 -26.77 41.86 -11.51
C ILE F 91 -27.30 42.31 -10.16
N ASP F 92 -28.47 41.83 -9.77
CA ASP F 92 -28.98 41.99 -8.43
C ASP F 92 -28.61 40.75 -7.63
N VAL F 93 -27.84 40.93 -6.55
CA VAL F 93 -27.37 39.83 -5.72
C VAL F 93 -27.90 40.01 -4.30
N GLU F 94 -28.42 38.93 -3.73
CA GLU F 94 -28.92 38.88 -2.36
C GLU F 94 -28.31 37.69 -1.64
N VAL F 95 -27.78 37.94 -0.45
CA VAL F 95 -27.25 36.89 0.42
C VAL F 95 -28.05 36.95 1.70
N ARG F 96 -28.55 35.82 2.15
CA ARG F 96 -29.30 35.85 3.39
C ARG F 96 -28.87 34.70 4.28
N LEU F 97 -28.76 34.98 5.55
CA LEU F 97 -28.44 33.97 6.55
C LEU F 97 -29.72 33.66 7.29
N GLY F 98 -30.23 32.46 7.08
CA GLY F 98 -31.53 32.14 7.62
C GLY F 98 -32.52 33.15 7.08
N TYR F 99 -33.18 33.83 8.00
CA TYR F 99 -34.23 34.78 7.67
C TYR F 99 -33.70 36.21 7.56
N ILE F 100 -32.40 36.43 7.82
CA ILE F 100 -31.78 37.76 7.87
C ILE F 100 -31.14 38.05 6.53
N ARG F 101 -31.35 39.24 5.96
CA ARG F 101 -30.68 39.60 4.70
C ARG F 101 -29.34 40.25 4.98
N LEU F 102 -28.27 39.55 4.67
CA LEU F 102 -26.94 40.11 4.85
C LEU F 102 -26.67 41.19 3.83
N LEU F 103 -26.71 40.83 2.55
CA LEU F 103 -26.40 41.72 1.45
C LEU F 103 -27.52 41.77 0.43
N SER F 104 -27.82 43.00 -0.03
CA SER F 104 -28.68 43.23 -1.19
C SER F 104 -28.08 44.40 -1.97
N GLN F 105 -27.54 44.15 -3.14
CA GLN F 105 -26.95 45.23 -3.92
C GLN F 105 -26.82 44.81 -5.37
N THR F 106 -26.70 45.82 -6.23
CA THR F 106 -26.54 45.67 -7.67
C THR F 106 -25.10 45.90 -8.11
N PHE F 107 -24.68 45.19 -9.16
CA PHE F 107 -23.34 45.29 -9.73
C PHE F 107 -23.44 45.55 -11.24
N ASP F 108 -22.44 46.25 -11.77
CA ASP F 108 -22.32 46.40 -13.22
C ASP F 108 -21.75 45.09 -13.77
N LEU F 109 -22.58 44.37 -14.53
CA LEU F 109 -22.18 43.05 -14.99
C LEU F 109 -20.86 43.09 -15.76
N CYS F 110 -20.74 43.94 -16.78
CA CYS F 110 -19.51 43.91 -17.57
C CYS F 110 -18.32 44.39 -16.74
N GLU F 111 -18.51 45.47 -16.00
CA GLU F 111 -17.40 45.99 -15.19
C GLU F 111 -16.96 44.98 -14.14
N THR F 112 -17.92 44.35 -13.47
CA THR F 112 -17.57 43.31 -12.51
C THR F 112 -16.83 42.18 -13.19
N LEU F 113 -17.26 41.82 -14.39
CA LEU F 113 -16.59 40.71 -15.05
C LEU F 113 -15.14 41.06 -15.31
N GLU F 114 -14.93 42.28 -15.78
CA GLU F 114 -13.60 42.71 -16.20
C GLU F 114 -12.70 42.96 -14.99
N ASP F 115 -13.29 43.34 -13.86
CA ASP F 115 -12.51 43.62 -12.67
C ASP F 115 -11.94 42.34 -12.09
N ASN F 116 -12.76 41.30 -11.99
CA ASN F 116 -12.30 40.03 -11.44
C ASN F 116 -11.67 39.17 -12.50
N ASP F 117 -11.45 39.73 -13.69
CA ASP F 117 -10.72 39.09 -14.77
C ASP F 117 -11.19 37.65 -14.90
N ILE F 118 -12.46 37.53 -15.25
CA ILE F 118 -13.09 36.23 -15.42
C ILE F 118 -12.62 35.66 -16.74
N GLU F 119 -11.78 34.63 -16.66
CA GLU F 119 -11.25 33.97 -17.84
C GLU F 119 -12.38 33.44 -18.71
N GLY F 120 -12.42 33.88 -19.97
CA GLY F 120 -13.46 33.47 -20.88
C GLY F 120 -14.45 34.54 -21.30
N LEU F 121 -14.50 35.68 -20.62
CA LEU F 121 -15.46 36.73 -20.93
C LEU F 121 -14.79 38.09 -21.08
N SER F 122 -15.43 38.94 -21.88
CA SER F 122 -15.19 40.38 -21.99
C SER F 122 -16.54 41.00 -22.35
N CYS F 123 -16.75 42.27 -21.95
CA CYS F 123 -18.10 42.82 -21.87
C CYS F 123 -18.99 42.62 -23.09
N PRO F 124 -18.60 42.92 -24.33
CA PRO F 124 -19.55 42.68 -25.42
C PRO F 124 -19.73 41.18 -25.62
N ILE F 125 -20.76 40.59 -25.02
CA ILE F 125 -20.90 39.14 -24.98
C ILE F 125 -21.80 38.72 -26.13
N GLU F 126 -21.19 38.19 -27.18
CA GLU F 126 -21.89 37.79 -28.39
C GLU F 126 -22.49 36.41 -28.17
N PRO F 127 -23.53 36.04 -28.94
CA PRO F 127 -24.10 34.69 -28.78
C PRO F 127 -23.07 33.59 -29.03
N GLY F 128 -23.20 32.49 -28.29
CA GLY F 128 -22.28 31.38 -28.47
C GLY F 128 -22.19 30.45 -27.27
N GLU F 129 -21.21 29.54 -27.36
CA GLU F 129 -20.91 28.49 -26.38
C GLU F 129 -19.75 28.93 -25.52
N TYR F 130 -19.97 29.05 -24.21
CA TYR F 130 -18.92 29.49 -23.32
C TYR F 130 -18.57 28.46 -22.27
N ASN F 131 -17.31 28.51 -21.88
CA ASN F 131 -16.78 27.82 -20.72
C ASN F 131 -16.00 28.84 -19.92
N ILE F 132 -16.28 28.89 -18.62
CA ILE F 132 -15.78 29.89 -17.70
C ILE F 132 -15.04 29.19 -16.57
N LYS F 133 -13.92 29.77 -16.13
CA LYS F 133 -13.14 29.29 -14.99
C LYS F 133 -12.72 30.46 -14.11
N LYS F 134 -13.15 30.45 -12.86
CA LYS F 134 -12.71 31.48 -11.92
C LYS F 134 -12.41 30.81 -10.60
N ILE F 135 -11.27 31.14 -10.00
CA ILE F 135 -10.92 30.67 -8.66
C ILE F 135 -11.04 31.83 -7.68
N VAL F 136 -11.80 31.62 -6.62
CA VAL F 136 -12.02 32.63 -5.60
C VAL F 136 -11.65 32.03 -4.26
N GLU F 137 -11.43 32.90 -3.27
CA GLU F 137 -11.01 32.49 -1.94
C GLU F 137 -12.17 32.69 -0.98
N ILE F 138 -12.62 31.62 -0.34
CA ILE F 138 -13.70 31.73 0.65
C ILE F 138 -13.07 32.03 2.00
N PRO F 139 -13.38 33.17 2.61
CA PRO F 139 -12.71 33.55 3.86
C PRO F 139 -13.03 32.57 4.97
N GLY F 140 -12.00 32.26 5.77
CA GLY F 140 -12.15 31.39 6.90
C GLY F 140 -12.95 31.98 8.04
N GLU F 141 -13.08 33.32 8.08
CA GLU F 141 -13.81 34.08 9.10
C GLU F 141 -15.33 34.04 8.93
N VAL F 142 -15.83 33.46 7.84
CA VAL F 142 -17.28 33.50 7.63
C VAL F 142 -17.96 32.76 8.76
N PRO F 143 -18.95 33.36 9.42
CA PRO F 143 -19.56 32.70 10.57
C PRO F 143 -20.38 31.49 10.15
N PRO F 144 -20.48 30.48 11.01
CA PRO F 144 -21.22 29.28 10.64
C PRO F 144 -22.69 29.58 10.42
N GLY F 145 -23.31 28.79 9.54
CA GLY F 145 -24.73 28.91 9.29
C GLY F 145 -25.14 28.53 7.89
N LYS F 146 -26.45 28.61 7.66
CA LYS F 146 -27.12 28.24 6.42
C LYS F 146 -27.25 29.49 5.54
N TYR F 147 -26.49 29.59 4.46
CA TYR F 147 -26.59 30.78 3.62
C TYR F 147 -27.37 30.50 2.35
N VAL F 148 -28.21 31.45 1.95
CA VAL F 148 -28.94 31.35 0.69
C VAL F 148 -28.56 32.50 -0.20
N VAL F 149 -28.20 32.20 -1.44
CA VAL F 149 -27.76 33.20 -2.41
C VAL F 149 -28.76 33.24 -3.57
N VAL F 150 -29.09 34.45 -4.02
CA VAL F 150 -29.95 34.65 -5.18
C VAL F 150 -29.34 35.72 -6.06
N ALA F 151 -29.20 35.43 -7.34
CA ALA F 151 -28.66 36.39 -8.28
C ALA F 151 -29.53 36.45 -9.54
N ARG F 152 -29.92 37.66 -9.94
CA ARG F 152 -30.70 37.88 -11.15
C ARG F 152 -29.94 38.88 -12.02
N ALA F 153 -29.57 38.46 -13.22
CA ALA F 153 -28.86 39.34 -14.14
C ALA F 153 -29.82 39.81 -15.21
N TYR F 154 -29.83 41.12 -15.47
CA TYR F 154 -30.66 41.70 -16.51
C TYR F 154 -29.80 42.52 -17.47
N THR F 155 -30.28 42.66 -18.70
CA THR F 155 -29.59 43.48 -19.67
C THR F 155 -30.00 44.94 -19.49
N GLU F 156 -29.32 45.85 -20.22
CA GLU F 156 -29.61 47.27 -20.08
C GLU F 156 -31.09 47.57 -20.32
N LYS F 157 -31.69 46.89 -21.29
CA LYS F 157 -33.10 47.10 -21.59
C LYS F 157 -34.02 46.29 -20.66
N ASP F 158 -33.46 45.79 -19.56
CA ASP F 158 -34.16 45.11 -18.47
C ASP F 158 -34.71 43.75 -18.86
N ASP F 159 -34.13 43.13 -19.89
CA ASP F 159 -34.46 41.76 -20.23
C ASP F 159 -33.69 40.82 -19.31
N LEU F 160 -34.36 39.74 -18.89
CA LEU F 160 -33.78 38.82 -17.94
C LEU F 160 -32.68 37.98 -18.59
N ILE F 161 -31.45 38.17 -18.12
CA ILE F 161 -30.32 37.35 -18.57
C ILE F 161 -30.33 35.99 -17.88
N THR F 162 -30.41 35.98 -16.56
CA THR F 162 -30.50 34.69 -15.88
C THR F 162 -30.92 34.87 -14.43
N CYS F 163 -31.32 33.75 -13.81
CA CYS F 163 -31.71 33.70 -12.41
C CYS F 163 -31.09 32.47 -11.79
N LEU F 164 -30.28 32.65 -10.74
CA LEU F 164 -29.59 31.54 -10.11
C LEU F 164 -29.74 31.61 -8.59
N THR F 165 -29.90 30.45 -7.94
CA THR F 165 -30.10 30.37 -6.51
C THR F 165 -29.27 29.22 -5.95
N GLY F 166 -28.92 29.31 -4.66
CA GLY F 166 -28.20 28.23 -4.04
C GLY F 166 -28.14 28.29 -2.52
N GLU F 167 -28.04 27.13 -1.86
CA GLU F 167 -27.88 27.09 -0.42
C GLU F 167 -26.52 26.49 -0.09
N VAL F 168 -25.81 27.11 0.85
CA VAL F 168 -24.49 26.69 1.27
C VAL F 168 -24.49 26.69 2.79
N ILE F 169 -24.31 25.52 3.40
CA ILE F 169 -24.32 25.41 4.84
C ILE F 169 -22.86 25.46 5.21
N PHE F 170 -22.49 26.42 6.00
CA PHE F 170 -21.14 26.17 6.43
C PHE F 170 -21.28 25.34 7.67
N PRO F 171 -20.23 25.12 8.47
CA PRO F 171 -19.63 23.79 8.53
C PRO F 171 -20.55 22.78 7.87
N PRO F 172 -20.17 22.22 6.68
CA PRO F 172 -21.12 21.45 5.86
C PRO F 172 -21.67 20.14 6.44
N ARG F 173 -22.91 19.82 6.05
CA ARG F 173 -23.64 18.62 6.45
C ARG F 173 -23.07 17.43 5.72
N LEU F 174 -22.27 16.63 6.44
CA LEU F 174 -21.87 15.32 5.95
C LEU F 174 -23.08 14.44 5.61
N VAL F 175 -24.17 14.56 6.38
CA VAL F 175 -25.41 13.82 6.11
C VAL F 175 -26.51 14.82 5.75
N PRO F 176 -26.68 15.16 4.45
CA PRO F 176 -27.74 16.09 4.00
C PRO F 176 -29.16 15.55 4.24
N PRO G 31 25.43 -24.68 41.95
CA PRO G 31 24.75 -25.07 40.71
C PRO G 31 23.29 -24.63 40.66
N PRO G 32 23.04 -23.34 40.43
CA PRO G 32 21.66 -22.80 40.42
C PRO G 32 20.80 -23.47 39.36
N PRO G 33 19.49 -23.19 39.30
CA PRO G 33 18.59 -24.02 38.47
C PRO G 33 18.77 -23.75 36.98
N ASN G 34 19.02 -24.80 36.23
CA ASN G 34 19.24 -24.74 34.78
C ASN G 34 20.32 -23.73 34.39
N THR G 35 21.45 -23.78 35.12
CA THR G 35 22.58 -22.91 34.85
C THR G 35 23.86 -23.73 34.89
N LYS G 36 24.88 -23.22 34.22
CA LYS G 36 26.24 -23.77 34.15
C LYS G 36 27.19 -22.60 34.34
N PRO G 37 28.23 -22.72 35.14
CA PRO G 37 29.20 -21.64 35.22
C PRO G 37 30.03 -21.57 33.94
N ILE G 38 30.39 -20.35 33.54
CA ILE G 38 31.26 -20.10 32.38
C ILE G 38 32.71 -20.16 32.85
N ASN G 39 33.54 -20.97 32.19
CA ASN G 39 34.93 -21.10 32.61
C ASN G 39 35.61 -19.74 32.57
N GLY G 40 36.58 -19.56 33.46
CA GLY G 40 37.37 -18.35 33.49
C GLY G 40 37.11 -17.49 34.70
N GLU G 41 37.87 -16.40 34.74
CA GLU G 41 37.87 -15.38 35.80
C GLU G 41 36.61 -14.52 35.67
N SER G 42 35.49 -15.05 36.17
CA SER G 42 34.20 -14.44 35.94
C SER G 42 33.17 -14.98 36.91
N PRO G 43 32.16 -14.19 37.27
CA PRO G 43 30.98 -14.73 37.97
C PRO G 43 29.86 -15.18 37.03
N LEU G 44 30.06 -15.13 35.71
CA LEU G 44 28.97 -15.38 34.78
C LEU G 44 28.58 -16.87 34.72
N TYR G 45 27.30 -17.12 34.45
CA TYR G 45 26.78 -18.45 34.16
C TYR G 45 25.94 -18.39 32.88
N GLN G 46 25.80 -19.56 32.23
CA GLN G 46 24.73 -19.76 31.25
C GLN G 46 23.48 -20.12 32.00
N CYS G 47 22.37 -19.45 31.64
CA CYS G 47 21.04 -19.77 32.10
C CYS G 47 20.23 -20.33 30.94
N ASP G 48 19.05 -20.88 31.24
CA ASP G 48 18.19 -21.52 30.24
C ASP G 48 18.95 -22.58 29.44
N ILE G 49 19.76 -23.38 30.14
CA ILE G 49 20.62 -24.30 29.40
C ILE G 49 19.81 -25.36 28.67
N LEU G 50 18.62 -25.69 29.20
CA LEU G 50 17.78 -26.69 28.55
C LEU G 50 17.15 -26.16 27.26
N ASP G 51 17.40 -24.91 26.90
CA ASP G 51 16.98 -24.39 25.61
C ASP G 51 18.19 -24.27 24.69
N LYS G 52 18.05 -24.82 23.49
CA LYS G 52 19.06 -24.69 22.44
C LYS G 52 19.48 -23.23 22.28
N GLN G 53 20.78 -22.97 22.26
CA GLN G 53 21.25 -21.60 22.09
C GLN G 53 22.16 -21.55 20.88
N LEU G 54 22.07 -20.45 20.12
CA LEU G 54 22.80 -20.35 18.86
C LEU G 54 24.26 -20.00 19.05
N VAL G 55 24.63 -19.52 20.23
CA VAL G 55 25.99 -19.12 20.54
C VAL G 55 26.44 -19.81 21.82
N GLU G 56 27.66 -20.34 21.80
CA GLU G 56 28.28 -20.93 22.97
C GLU G 56 29.26 -19.94 23.58
N ILE G 57 29.13 -19.65 24.87
CA ILE G 57 30.08 -18.76 25.54
C ILE G 57 31.07 -19.68 26.25
N LYS G 58 32.20 -19.96 25.59
CA LYS G 58 33.11 -20.96 26.13
C LYS G 58 33.90 -20.45 27.32
N GLU G 59 34.39 -19.21 27.25
CA GLU G 59 35.23 -18.74 28.34
C GLU G 59 35.11 -17.24 28.44
N VAL G 60 35.10 -16.74 29.68
CA VAL G 60 35.03 -15.32 29.94
C VAL G 60 35.98 -14.99 31.09
N ASN G 61 36.84 -13.97 30.87
CA ASN G 61 37.84 -13.54 31.84
C ASN G 61 37.75 -12.04 32.05
N LEU G 62 37.64 -11.64 33.31
CA LEU G 62 37.57 -10.23 33.70
C LEU G 62 38.87 -9.84 34.39
N ASP G 63 39.51 -8.77 33.91
CA ASP G 63 40.86 -8.46 34.37
C ASP G 63 40.92 -8.15 35.85
N PRO G 64 40.20 -7.18 36.39
CA PRO G 64 40.00 -7.26 37.83
C PRO G 64 38.90 -8.29 38.02
N ASN G 65 39.23 -9.50 38.52
CA ASN G 65 38.25 -10.58 38.53
C ASN G 65 36.99 -10.22 39.26
N PRO G 66 37.03 -9.73 40.48
CA PRO G 66 35.89 -9.00 40.94
C PRO G 66 36.01 -7.61 40.35
N PRO G 67 35.06 -7.21 39.51
CA PRO G 67 35.13 -5.87 38.92
C PRO G 67 35.20 -4.84 40.04
N VAL G 68 35.92 -3.76 39.78
CA VAL G 68 36.16 -2.69 40.73
C VAL G 68 35.53 -1.41 40.21
N ARG G 69 34.83 -0.68 41.09
CA ARG G 69 34.20 0.59 40.74
C ARG G 69 35.23 1.67 40.50
N GLY G 70 34.92 2.56 39.56
CA GLY G 70 35.86 3.61 39.24
C GLY G 70 37.09 3.22 38.45
N GLU G 71 37.15 2.01 37.90
CA GLU G 71 38.32 1.54 37.17
C GLU G 71 37.90 0.91 35.86
N ASN G 72 38.86 0.75 34.95
CA ASN G 72 38.60 -0.02 33.77
C ASN G 72 38.40 -1.48 34.15
N LEU G 73 37.58 -2.17 33.35
CA LEU G 73 37.33 -3.60 33.44
C LEU G 73 37.59 -4.16 32.06
N THR G 74 38.44 -5.16 31.96
CA THR G 74 38.75 -5.77 30.68
C THR G 74 38.04 -7.10 30.56
N ILE G 75 37.21 -7.21 29.53
CA ILE G 75 36.40 -8.38 29.26
C ILE G 75 37.02 -9.11 28.10
N SER G 76 37.36 -10.38 28.32
CA SER G 76 37.94 -11.25 27.29
C SER G 76 37.04 -12.45 27.13
N ALA G 77 36.64 -12.76 25.92
CA ALA G 77 35.70 -13.85 25.74
C ALA G 77 36.05 -14.70 24.54
N ASN G 78 35.74 -15.98 24.69
CA ASN G 78 35.92 -16.98 23.67
C ASN G 78 34.58 -17.66 23.47
N GLY G 79 34.14 -17.70 22.22
CA GLY G 79 32.83 -18.28 21.96
C GLY G 79 32.72 -18.81 20.56
N GLU G 80 31.58 -19.43 20.30
CA GLU G 80 31.30 -19.98 18.98
C GLU G 80 29.94 -19.54 18.53
N VAL G 81 29.82 -19.19 17.25
CA VAL G 81 28.53 -18.83 16.67
C VAL G 81 28.11 -19.94 15.71
N PHE G 82 26.92 -20.53 15.94
CA PHE G 82 26.50 -21.63 15.07
C PHE G 82 25.51 -21.22 13.98
N GLU G 83 24.85 -20.08 14.11
CA GLU G 83 23.95 -19.61 13.06
C GLU G 83 24.14 -18.11 12.89
N THR G 84 24.09 -17.66 11.65
CA THR G 84 24.29 -16.24 11.39
C THR G 84 23.30 -15.38 12.16
N ILE G 85 23.83 -14.45 12.92
CA ILE G 85 23.00 -13.51 13.66
C ILE G 85 22.87 -12.26 12.79
N GLU G 86 21.64 -11.93 12.40
CA GLU G 86 21.42 -10.90 11.41
C GLU G 86 20.75 -9.69 12.03
N GLU G 87 20.82 -8.57 11.29
CA GLU G 87 20.24 -7.32 11.72
C GLU G 87 18.80 -7.55 12.18
N GLY G 88 18.48 -7.00 13.35
CA GLY G 88 17.19 -7.20 13.96
C GLY G 88 17.23 -7.98 15.24
N ALA G 89 18.37 -8.53 15.62
CA ALA G 89 18.49 -9.23 16.88
C ALA G 89 18.47 -8.23 18.03
N TYR G 90 18.12 -8.72 19.22
CA TYR G 90 17.95 -7.83 20.36
C TYR G 90 18.38 -8.52 21.65
N ILE G 91 18.63 -7.72 22.69
CA ILE G 91 19.03 -8.26 23.99
C ILE G 91 18.09 -7.71 25.03
N ASP G 92 17.52 -8.57 25.85
CA ASP G 92 16.81 -8.16 27.04
C ASP G 92 17.82 -8.14 28.18
N VAL G 93 18.02 -6.98 28.78
CA VAL G 93 18.97 -6.86 29.88
C VAL G 93 18.21 -6.41 31.13
N GLU G 94 18.49 -7.07 32.25
CA GLU G 94 17.88 -6.70 33.52
C GLU G 94 18.97 -6.57 34.58
N VAL G 95 19.02 -5.43 35.23
CA VAL G 95 19.95 -5.19 36.33
C VAL G 95 19.16 -4.89 37.58
N ARG G 96 19.43 -5.62 38.65
CA ARG G 96 18.75 -5.41 39.92
C ARG G 96 19.74 -5.38 41.07
N LEU G 97 19.54 -4.43 41.97
CA LEU G 97 20.29 -4.26 43.21
C LEU G 97 19.35 -4.68 44.31
N GLY G 98 19.64 -5.83 44.87
CA GLY G 98 18.66 -6.44 45.75
C GLY G 98 17.39 -6.65 44.95
N TYR G 99 16.31 -6.12 45.47
CA TYR G 99 14.98 -6.24 44.92
C TYR G 99 14.64 -5.00 44.10
N ILE G 100 15.57 -4.03 44.03
CA ILE G 100 15.34 -2.77 43.33
C ILE G 100 15.79 -2.97 41.89
N ARG G 101 14.95 -2.62 40.92
CA ARG G 101 15.33 -2.79 39.53
C ARG G 101 15.96 -1.52 38.98
N LEU G 102 17.27 -1.56 38.74
CA LEU G 102 17.99 -0.41 38.21
C LEU G 102 17.85 -0.28 36.69
N LEU G 103 17.76 -1.41 35.97
CA LEU G 103 17.64 -1.35 34.52
C LEU G 103 16.78 -2.50 34.00
N SER G 104 15.90 -2.21 33.04
CA SER G 104 15.15 -3.29 32.40
C SER G 104 14.70 -2.79 31.02
N GLN G 105 15.46 -3.12 29.99
CA GLN G 105 15.08 -2.67 28.65
C GLN G 105 15.72 -3.54 27.59
N THR G 106 15.18 -3.44 26.38
CA THR G 106 15.67 -4.17 25.21
C THR G 106 16.52 -3.26 24.33
N PHE G 107 17.55 -3.84 23.74
CA PHE G 107 18.54 -3.13 22.93
C PHE G 107 18.67 -3.81 21.59
N ASP G 108 18.98 -3.04 20.56
CA ASP G 108 19.29 -3.61 19.26
C ASP G 108 20.69 -4.21 19.33
N LEU G 109 20.77 -5.53 19.21
CA LEU G 109 22.03 -6.24 19.35
C LEU G 109 23.08 -5.69 18.40
N CYS G 110 22.73 -5.57 17.13
CA CYS G 110 23.69 -5.14 16.12
C CYS G 110 24.06 -3.69 16.31
N GLU G 111 23.07 -2.85 16.54
CA GLU G 111 23.32 -1.44 16.78
C GLU G 111 24.21 -1.26 17.99
N THR G 112 23.96 -2.03 19.07
CA THR G 112 24.79 -1.92 20.27
C THR G 112 26.22 -2.36 19.98
N LEU G 113 26.40 -3.42 19.20
CA LEU G 113 27.76 -3.83 18.83
C LEU G 113 28.46 -2.73 18.07
N GLU G 114 27.74 -2.07 17.19
CA GLU G 114 28.40 -1.05 16.39
C GLU G 114 28.67 0.19 17.25
N ASP G 115 27.82 0.47 18.23
CA ASP G 115 27.96 1.68 19.04
C ASP G 115 29.10 1.57 20.05
N ASN G 116 29.22 0.45 20.75
CA ASN G 116 30.29 0.31 21.72
C ASN G 116 31.58 -0.17 21.09
N ASP G 117 31.64 -0.26 19.76
CA ASP G 117 32.83 -0.60 18.99
C ASP G 117 33.53 -1.85 19.53
N ILE G 118 32.80 -2.96 19.50
CA ILE G 118 33.39 -4.26 19.76
C ILE G 118 34.09 -4.71 18.50
N GLU G 119 35.42 -4.75 18.56
CA GLU G 119 36.32 -5.07 17.47
C GLU G 119 35.71 -6.02 16.45
N GLY G 120 35.81 -5.65 15.18
CA GLY G 120 35.14 -6.33 14.09
C GLY G 120 33.66 -6.45 14.38
N LEU G 121 33.13 -7.67 14.39
CA LEU G 121 31.72 -7.98 14.68
C LEU G 121 30.75 -6.95 14.11
N SER G 122 30.84 -6.75 12.80
CA SER G 122 29.76 -6.04 12.14
C SER G 122 28.59 -6.99 12.13
N CYS G 123 27.39 -6.43 12.23
CA CYS G 123 26.25 -7.26 12.64
C CYS G 123 26.09 -8.56 11.87
N PRO G 124 26.30 -8.64 10.54
CA PRO G 124 26.12 -9.97 9.93
C PRO G 124 27.21 -10.86 10.52
N ILE G 125 26.85 -11.60 11.57
CA ILE G 125 27.82 -12.35 12.36
C ILE G 125 27.80 -13.79 11.87
N GLU G 126 28.84 -14.19 11.14
CA GLU G 126 28.84 -15.51 10.54
C GLU G 126 29.27 -16.56 11.57
N PRO G 127 28.89 -17.82 11.36
CA PRO G 127 29.31 -18.88 12.29
C PRO G 127 30.82 -19.00 12.34
N GLY G 128 31.34 -19.35 13.51
CA GLY G 128 32.77 -19.53 13.63
C GLY G 128 33.26 -19.45 15.06
N GLU G 129 34.58 -19.39 15.17
CA GLU G 129 35.32 -19.32 16.43
C GLU G 129 35.66 -17.86 16.67
N TYR G 130 35.17 -17.30 17.79
CA TYR G 130 35.43 -15.89 18.06
C TYR G 130 36.21 -15.69 19.36
N ASN G 131 37.03 -14.64 19.35
CA ASN G 131 37.73 -14.14 20.53
C ASN G 131 37.54 -12.62 20.58
N ILE G 132 37.09 -12.14 21.71
CA ILE G 132 36.67 -10.75 21.91
C ILE G 132 37.44 -10.18 23.08
N LYS G 133 37.86 -8.93 22.95
CA LYS G 133 38.47 -8.20 24.05
C LYS G 133 37.90 -6.79 24.03
N LYS G 134 37.27 -6.38 25.12
CA LYS G 134 36.67 -5.06 25.23
C LYS G 134 36.99 -4.44 26.58
N ILE G 135 37.30 -3.14 26.59
CA ILE G 135 37.54 -2.42 27.83
C ILE G 135 36.36 -1.52 28.13
N VAL G 136 35.83 -1.64 29.34
CA VAL G 136 34.70 -0.80 29.76
C VAL G 136 35.11 -0.07 31.02
N GLU G 137 34.39 1.01 31.28
CA GLU G 137 34.56 1.76 32.50
C GLU G 137 33.42 1.53 33.46
N ILE G 138 33.74 1.10 34.67
CA ILE G 138 32.74 0.92 35.71
C ILE G 138 32.63 2.23 36.49
N PRO G 139 31.48 2.89 36.47
CA PRO G 139 31.36 4.19 37.12
C PRO G 139 31.64 4.08 38.61
N GLY G 140 32.33 5.10 39.13
CA GLY G 140 32.63 5.16 40.54
C GLY G 140 31.47 5.54 41.43
N GLU G 141 30.46 6.25 40.90
CA GLU G 141 29.33 6.65 41.73
C GLU G 141 28.41 5.48 42.06
N VAL G 142 28.67 4.30 41.53
CA VAL G 142 27.77 3.17 41.72
C VAL G 142 27.72 2.85 43.22
N PRO G 143 26.54 2.75 43.82
CA PRO G 143 26.47 2.43 45.26
C PRO G 143 26.91 1.01 45.55
N PRO G 144 27.49 0.76 46.72
CA PRO G 144 27.91 -0.60 47.07
C PRO G 144 26.73 -1.53 47.26
N GLY G 145 26.95 -2.80 46.98
CA GLY G 145 25.90 -3.78 47.18
C GLY G 145 26.04 -4.95 46.23
N LYS G 146 25.09 -5.88 46.35
CA LYS G 146 25.06 -7.09 45.53
C LYS G 146 24.19 -6.84 44.31
N TYR G 147 24.81 -6.78 43.12
CA TYR G 147 24.04 -6.56 41.91
C TYR G 147 23.89 -7.88 41.16
N VAL G 148 22.70 -8.09 40.60
CA VAL G 148 22.44 -9.25 39.76
C VAL G 148 22.09 -8.77 38.37
N VAL G 149 22.76 -9.34 37.36
CA VAL G 149 22.55 -9.00 35.97
C VAL G 149 22.07 -10.23 35.21
N VAL G 150 21.11 -10.00 34.31
CA VAL G 150 20.58 -11.05 33.44
C VAL G 150 20.53 -10.52 32.02
N ALA G 151 21.04 -11.29 31.07
CA ALA G 151 20.97 -10.90 29.66
C ALA G 151 20.48 -12.09 28.84
N ARG G 152 19.49 -11.84 28.00
CA ARG G 152 18.99 -12.84 27.06
C ARG G 152 19.02 -12.22 25.68
N ALA G 153 19.80 -12.79 24.78
CA ALA G 153 19.90 -12.29 23.41
C ALA G 153 19.13 -13.21 22.49
N TYR G 154 18.29 -12.60 21.62
CA TYR G 154 17.52 -13.35 20.65
C TYR G 154 17.73 -12.81 19.24
N THR G 155 17.48 -13.70 18.29
CA THR G 155 17.57 -13.34 16.88
C THR G 155 16.29 -12.64 16.44
N GLU G 156 16.30 -12.14 15.20
CA GLU G 156 15.12 -11.42 14.73
C GLU G 156 13.87 -12.26 14.82
N LYS G 157 13.97 -13.55 14.49
CA LYS G 157 12.83 -14.46 14.54
C LYS G 157 12.61 -15.06 15.91
N ASP G 158 13.20 -14.46 16.94
CA ASP G 158 13.00 -14.81 18.36
C ASP G 158 13.65 -16.13 18.76
N ASP G 159 14.65 -16.60 18.02
CA ASP G 159 15.43 -17.74 18.46
C ASP G 159 16.44 -17.31 19.53
N LEU G 160 16.59 -18.14 20.56
CA LEU G 160 17.46 -17.78 21.68
C LEU G 160 18.92 -17.81 21.26
N ILE G 161 19.57 -16.64 21.28
CA ILE G 161 21.01 -16.60 21.00
C ILE G 161 21.78 -17.06 22.22
N THR G 162 21.56 -16.40 23.36
CA THR G 162 22.22 -16.88 24.58
C THR G 162 21.60 -16.27 25.81
N CYS G 163 21.89 -16.90 26.95
CA CYS G 163 21.38 -16.47 28.24
C CYS G 163 22.55 -16.47 29.22
N LEU G 164 22.86 -15.28 29.79
CA LEU G 164 23.98 -15.09 30.71
C LEU G 164 23.49 -14.41 31.99
N THR G 165 24.03 -14.84 33.12
CA THR G 165 23.63 -14.30 34.41
C THR G 165 24.88 -14.10 35.27
N GLY G 166 24.81 -13.16 36.19
CA GLY G 166 25.97 -12.96 37.04
C GLY G 166 25.69 -12.07 38.21
N GLU G 167 26.44 -12.28 39.27
CA GLU G 167 26.34 -11.46 40.46
C GLU G 167 27.67 -10.77 40.71
N VAL G 168 27.61 -9.49 41.06
CA VAL G 168 28.79 -8.68 41.31
C VAL G 168 28.57 -7.94 42.61
N ILE G 169 29.48 -8.12 43.57
CA ILE G 169 29.37 -7.44 44.84
C ILE G 169 30.34 -6.28 44.86
N PHE G 170 29.83 -5.09 45.09
CA PHE G 170 30.76 -3.97 45.24
C PHE G 170 30.91 -3.66 46.71
N PRO G 171 32.12 -3.74 47.26
CA PRO G 171 32.32 -3.56 48.69
C PRO G 171 32.06 -2.12 49.10
N PRO G 172 31.61 -1.90 50.36
CA PRO G 172 31.18 -0.56 50.81
C PRO G 172 32.21 0.55 50.97
N ARG G 173 33.05 0.80 49.96
CA ARG G 173 33.81 2.04 49.93
C ARG G 173 32.87 3.24 49.77
N LEU G 174 31.89 3.13 48.87
CA LEU G 174 30.96 4.18 48.46
C LEU G 174 31.73 5.47 48.10
N ALA H 29 51.66 -11.84 6.38
CA ALA H 29 52.03 -10.48 6.01
C ALA H 29 53.03 -9.90 7.02
N LEU H 30 52.89 -10.29 8.28
CA LEU H 30 53.62 -9.73 9.43
C LEU H 30 53.70 -10.70 10.61
N PRO H 31 54.37 -10.36 11.70
CA PRO H 31 54.36 -11.22 12.92
C PRO H 31 52.99 -11.30 13.57
N PRO H 32 52.73 -12.35 14.35
CA PRO H 32 51.40 -12.58 14.94
C PRO H 32 51.26 -11.91 16.30
N PRO H 33 50.34 -10.95 16.46
CA PRO H 33 50.33 -10.17 17.71
C PRO H 33 49.69 -10.89 18.90
N ASN H 34 48.53 -11.50 18.64
CA ASN H 34 47.65 -12.14 19.59
C ASN H 34 47.67 -13.63 19.36
N THR H 35 48.08 -14.39 20.37
CA THR H 35 48.16 -15.83 20.26
C THR H 35 47.51 -16.49 21.47
N LYS H 36 47.14 -17.74 21.28
CA LYS H 36 46.54 -18.60 22.26
C LYS H 36 47.25 -19.94 22.05
N PRO H 37 47.68 -20.64 23.07
CA PRO H 37 48.30 -21.96 22.82
C PRO H 37 47.24 -23.02 22.51
N ILE H 38 47.58 -23.96 21.61
CA ILE H 38 46.70 -25.10 21.32
C ILE H 38 47.09 -26.24 22.25
N ASN H 39 46.16 -26.74 23.07
CA ASN H 39 46.59 -27.80 24.00
C ASN H 39 47.01 -29.06 23.24
N GLY H 40 47.90 -29.81 23.88
CA GLY H 40 48.44 -31.04 23.33
C GLY H 40 49.93 -30.94 23.08
N GLU H 41 50.49 -32.09 22.69
CA GLU H 41 51.92 -32.27 22.51
C GLU H 41 52.32 -31.60 21.20
N SER H 42 52.53 -30.28 21.28
CA SER H 42 52.73 -29.44 20.11
C SER H 42 53.34 -28.12 20.53
N PRO H 43 54.13 -27.48 19.67
CA PRO H 43 54.51 -26.09 19.90
C PRO H 43 53.55 -25.09 19.27
N LEU H 44 52.43 -25.51 18.68
CA LEU H 44 51.62 -24.61 17.89
C LEU H 44 50.81 -23.66 18.74
N TYR H 45 50.60 -22.45 18.21
CA TYR H 45 49.64 -21.52 18.78
C TYR H 45 48.66 -21.08 17.70
N GLN H 46 47.47 -20.69 18.12
CA GLN H 46 46.54 -20.00 17.23
C GLN H 46 46.83 -18.51 17.28
N CYS H 47 46.98 -17.87 16.11
CA CYS H 47 47.23 -16.45 15.94
C CYS H 47 46.00 -15.71 15.38
N ASP H 48 46.07 -14.38 15.39
CA ASP H 48 44.96 -13.51 14.96
C ASP H 48 43.64 -13.91 15.63
N ILE H 49 43.72 -14.22 16.92
CA ILE H 49 42.52 -14.73 17.61
C ILE H 49 41.42 -13.68 17.62
N LEU H 50 41.78 -12.39 17.53
CA LEU H 50 40.77 -11.34 17.49
C LEU H 50 40.08 -11.26 16.13
N ASP H 51 40.51 -12.07 15.18
CA ASP H 51 39.83 -12.21 13.90
C ASP H 51 39.01 -13.49 13.90
N LYS H 52 37.72 -13.37 13.60
CA LYS H 52 36.85 -14.53 13.47
C LYS H 52 37.47 -15.56 12.54
N GLN H 53 37.47 -16.84 12.96
CA GLN H 53 38.02 -17.92 12.14
C GLN H 53 36.99 -19.04 11.96
N LEU H 54 36.97 -19.64 10.75
CA LEU H 54 35.94 -20.62 10.40
C LEU H 54 36.21 -22.01 10.99
N VAL H 55 37.44 -22.27 11.43
CA VAL H 55 37.83 -23.56 11.97
C VAL H 55 38.44 -23.35 13.34
N GLU H 56 38.02 -24.17 14.29
CA GLU H 56 38.58 -24.18 15.63
C GLU H 56 39.50 -25.39 15.70
N ILE H 57 40.77 -25.17 16.07
CA ILE H 57 41.70 -26.29 16.25
C ILE H 57 41.80 -26.53 17.74
N LYS H 58 41.03 -27.50 18.21
CA LYS H 58 40.92 -27.75 19.63
C LYS H 58 42.16 -28.43 20.18
N GLU H 59 42.77 -29.37 19.43
CA GLU H 59 43.91 -30.11 19.96
C GLU H 59 44.85 -30.60 18.85
N VAL H 60 46.17 -30.56 19.09
CA VAL H 60 47.18 -31.01 18.14
C VAL H 60 48.28 -31.75 18.88
N ASN H 61 48.60 -32.96 18.44
CA ASN H 61 49.60 -33.84 19.06
C ASN H 61 50.58 -34.33 18.00
N LEU H 62 51.86 -34.15 18.24
CA LEU H 62 52.91 -34.59 17.33
C LEU H 62 53.64 -35.76 17.99
N ASP H 63 53.79 -36.87 17.25
CA ASP H 63 54.30 -38.08 17.91
C ASP H 63 55.72 -37.90 18.41
N PRO H 64 56.73 -37.53 17.58
CA PRO H 64 57.94 -36.97 18.21
C PRO H 64 57.64 -35.52 18.56
N ASN H 65 57.44 -35.23 19.85
CA ASN H 65 56.90 -33.92 20.26
C ASN H 65 57.75 -32.78 19.76
N PRO H 66 59.05 -32.74 19.99
CA PRO H 66 59.89 -31.95 19.11
C PRO H 66 60.15 -32.76 17.86
N PRO H 67 59.67 -32.31 16.71
CA PRO H 67 59.88 -33.05 15.46
C PRO H 67 61.36 -33.27 15.19
N VAL H 68 61.68 -34.43 14.65
CA VAL H 68 63.05 -34.82 14.35
C VAL H 68 63.19 -34.98 12.85
N ARG H 69 64.21 -34.32 12.28
CA ARG H 69 64.37 -34.39 10.84
C ARG H 69 64.91 -35.75 10.40
N GLY H 70 64.47 -36.18 9.22
CA GLY H 70 64.83 -37.48 8.67
C GLY H 70 64.06 -38.64 9.24
N GLU H 71 63.03 -38.38 10.03
CA GLU H 71 62.22 -39.43 10.64
C GLU H 71 60.76 -39.10 10.39
N ASN H 72 59.92 -40.10 10.56
CA ASN H 72 58.49 -39.86 10.47
C ASN H 72 58.01 -38.98 11.62
N LEU H 73 56.95 -38.22 11.32
CA LEU H 73 56.21 -37.37 12.23
C LEU H 73 54.73 -37.68 12.08
N THR H 74 54.07 -38.03 13.19
CA THR H 74 52.65 -38.33 13.18
C THR H 74 51.88 -37.16 13.79
N ILE H 75 50.93 -36.62 13.03
CA ILE H 75 50.14 -35.45 13.40
C ILE H 75 48.71 -35.91 13.70
N SER H 76 48.23 -35.62 14.91
CA SER H 76 46.87 -35.93 15.33
C SER H 76 46.18 -34.64 15.70
N ALA H 77 44.99 -34.41 15.16
CA ALA H 77 44.32 -33.15 15.51
C ALA H 77 42.82 -33.32 15.63
N ASN H 78 42.27 -32.49 16.52
CA ASN H 78 40.85 -32.42 16.81
C ASN H 78 40.40 -31.00 16.50
N GLY H 79 39.37 -30.87 15.68
CA GLY H 79 38.95 -29.54 15.31
C GLY H 79 37.48 -29.50 14.95
N GLU H 80 37.00 -28.27 14.76
CA GLU H 80 35.62 -28.03 14.38
C GLU H 80 35.56 -27.10 13.18
N VAL H 81 34.67 -27.43 12.26
CA VAL H 81 34.47 -26.66 11.05
C VAL H 81 33.09 -26.04 11.11
N PHE H 82 33.00 -24.70 11.02
CA PHE H 82 31.70 -24.07 11.18
C PHE H 82 31.06 -23.61 9.88
N GLU H 83 31.81 -23.50 8.78
CA GLU H 83 31.27 -23.11 7.49
C GLU H 83 31.91 -23.99 6.42
N THR H 84 31.14 -24.35 5.39
CA THR H 84 31.68 -25.19 4.34
C THR H 84 32.87 -24.54 3.65
N ILE H 85 33.98 -25.27 3.60
CA ILE H 85 35.19 -24.82 2.92
C ILE H 85 35.20 -25.43 1.53
N GLU H 86 35.19 -24.57 0.51
CA GLU H 86 34.98 -25.01 -0.85
C GLU H 86 36.22 -24.82 -1.70
N GLU H 87 36.21 -25.47 -2.86
CA GLU H 87 37.30 -25.41 -3.81
C GLU H 87 37.71 -23.98 -4.07
N GLY H 88 39.01 -23.71 -3.99
CA GLY H 88 39.55 -22.38 -4.11
C GLY H 88 40.23 -21.89 -2.86
N ALA H 89 40.12 -22.62 -1.76
CA ALA H 89 40.80 -22.23 -0.53
C ALA H 89 42.29 -22.44 -0.66
N TYR H 90 43.04 -21.68 0.12
CA TYR H 90 44.48 -21.76 -0.01
C TYR H 90 45.11 -21.49 1.35
N ILE H 91 46.38 -21.84 1.43
CA ILE H 91 47.17 -21.63 2.64
C ILE H 91 48.39 -20.80 2.23
N ASP H 92 48.63 -19.71 2.96
CA ASP H 92 49.86 -18.93 2.89
C ASP H 92 50.75 -19.37 4.05
N VAL H 93 51.98 -19.81 3.73
CA VAL H 93 52.94 -20.22 4.74
C VAL H 93 54.13 -19.28 4.67
N GLU H 94 54.50 -18.72 5.82
CA GLU H 94 55.63 -17.81 5.93
C GLU H 94 56.56 -18.41 6.97
N VAL H 95 57.83 -18.55 6.59
CA VAL H 95 58.85 -19.18 7.40
C VAL H 95 59.97 -18.21 7.67
N ARG H 96 60.50 -18.24 8.88
CA ARG H 96 61.65 -17.45 9.26
C ARG H 96 62.67 -18.44 9.79
N LEU H 97 63.92 -18.32 9.33
CA LEU H 97 65.03 -19.13 9.83
C LEU H 97 65.96 -18.20 10.60
N GLY H 98 66.00 -18.36 11.91
CA GLY H 98 66.73 -17.41 12.71
C GLY H 98 66.18 -16.03 12.40
N TYR H 99 67.05 -15.13 11.97
CA TYR H 99 66.63 -13.79 11.60
C TYR H 99 66.34 -13.65 10.11
N ILE H 100 66.46 -14.68 9.30
CA ILE H 100 66.22 -14.51 7.89
C ILE H 100 64.77 -14.85 7.61
N ARG H 101 64.06 -13.95 6.96
CA ARG H 101 62.68 -14.19 6.58
C ARG H 101 62.69 -14.74 5.14
N LEU H 102 62.38 -16.04 4.99
CA LEU H 102 62.41 -16.78 3.74
C LEU H 102 61.24 -16.45 2.83
N LEU H 103 61.30 -16.96 1.59
CA LEU H 103 60.23 -16.72 0.63
C LEU H 103 58.93 -17.30 1.13
N SER H 104 57.87 -16.53 1.01
CA SER H 104 56.55 -17.08 1.29
C SER H 104 56.24 -18.17 0.29
N GLN H 105 55.29 -19.03 0.66
CA GLN H 105 54.88 -20.04 -0.30
C GLN H 105 53.44 -20.45 0.00
N THR H 106 52.64 -20.55 -1.07
CA THR H 106 51.23 -20.85 -1.02
C THR H 106 50.91 -22.26 -1.49
N PHE H 107 49.81 -22.79 -0.99
CA PHE H 107 49.34 -24.12 -1.36
C PHE H 107 47.84 -24.05 -1.66
N ASP H 108 47.39 -24.85 -2.60
CA ASP H 108 45.95 -25.03 -2.80
C ASP H 108 45.42 -25.97 -1.72
N LEU H 109 44.53 -25.45 -0.87
CA LEU H 109 44.03 -26.23 0.25
C LEU H 109 43.41 -27.54 -0.22
N CYS H 110 42.52 -27.46 -1.22
CA CYS H 110 41.80 -28.65 -1.64
C CYS H 110 42.70 -29.61 -2.40
N GLU H 111 43.50 -29.10 -3.33
CA GLU H 111 44.40 -29.97 -4.06
C GLU H 111 45.38 -30.64 -3.13
N THR H 112 45.92 -29.88 -2.18
CA THR H 112 46.85 -30.47 -1.23
C THR H 112 46.17 -31.54 -0.41
N LEU H 113 44.94 -31.27 0.01
CA LEU H 113 44.20 -32.22 0.82
C LEU H 113 43.94 -33.51 0.05
N GLU H 114 43.59 -33.39 -1.22
CA GLU H 114 43.27 -34.58 -1.99
C GLU H 114 44.53 -35.37 -2.35
N ASP H 115 45.68 -34.69 -2.54
CA ASP H 115 46.90 -35.39 -2.90
C ASP H 115 47.51 -36.15 -1.73
N ASN H 116 47.51 -35.56 -0.53
CA ASN H 116 48.12 -36.19 0.63
C ASN H 116 47.19 -37.13 1.38
N ASP H 117 45.99 -37.40 0.87
CA ASP H 117 45.09 -38.40 1.45
C ASP H 117 44.96 -38.23 2.97
N ILE H 118 44.47 -37.07 3.38
CA ILE H 118 44.21 -36.84 4.79
C ILE H 118 42.82 -37.42 5.07
N GLU H 119 42.76 -38.59 5.69
CA GLU H 119 41.50 -39.23 6.05
C GLU H 119 40.44 -39.22 4.94
N GLY H 120 40.85 -39.42 3.68
CA GLY H 120 39.98 -39.41 2.51
C GLY H 120 39.02 -38.24 2.37
N LEU H 121 39.38 -37.09 2.95
CA LEU H 121 38.57 -35.87 2.94
C LEU H 121 38.57 -35.22 1.56
N SER H 122 37.40 -35.17 0.92
CA SER H 122 37.25 -34.40 -0.30
C SER H 122 36.98 -32.94 0.02
N CYS H 123 37.43 -32.05 -0.88
CA CYS H 123 37.49 -30.64 -0.56
C CYS H 123 36.21 -30.03 0.00
N PRO H 124 34.99 -30.33 -0.47
CA PRO H 124 33.86 -29.65 0.15
C PRO H 124 33.78 -30.16 1.59
N ILE H 125 34.38 -29.37 2.49
CA ILE H 125 34.55 -29.75 3.88
C ILE H 125 33.37 -29.15 4.63
N GLU H 126 32.43 -30.00 5.00
CA GLU H 126 31.18 -29.56 5.60
C GLU H 126 31.36 -29.29 7.08
N PRO H 127 30.50 -28.46 7.68
CA PRO H 127 30.61 -28.20 9.11
C PRO H 127 30.46 -29.48 9.92
N GLY H 128 31.26 -29.60 10.97
CA GLY H 128 31.19 -30.74 11.86
C GLY H 128 32.46 -30.90 12.67
N GLU H 129 32.53 -32.03 13.39
CA GLU H 129 33.67 -32.29 14.27
C GLU H 129 34.61 -33.29 13.63
N TYR H 130 35.90 -32.92 13.49
CA TYR H 130 36.87 -33.77 12.82
C TYR H 130 38.00 -34.22 13.74
N ASN H 131 38.52 -35.41 13.41
CA ASN H 131 39.72 -35.98 13.99
C ASN H 131 40.60 -36.49 12.86
N ILE H 132 41.86 -36.09 12.89
CA ILE H 132 42.79 -36.30 11.80
C ILE H 132 43.99 -37.05 12.33
N LYS H 133 44.47 -38.01 11.55
CA LYS H 133 45.74 -38.64 11.84
C LYS H 133 46.47 -38.81 10.53
N LYS H 134 47.61 -38.16 10.41
CA LYS H 134 48.41 -38.20 9.20
C LYS H 134 49.88 -38.35 9.57
N ILE H 135 50.58 -39.20 8.85
CA ILE H 135 52.02 -39.36 9.02
C ILE H 135 52.72 -38.72 7.84
N VAL H 136 53.68 -37.83 8.13
CA VAL H 136 54.48 -37.18 7.12
C VAL H 136 55.93 -37.46 7.48
N GLU H 137 56.80 -37.34 6.49
CA GLU H 137 58.20 -37.62 6.71
C GLU H 137 58.91 -36.27 6.58
N ILE H 138 59.64 -35.88 7.60
CA ILE H 138 60.36 -34.62 7.61
C ILE H 138 61.73 -34.83 6.95
N PRO H 139 62.03 -34.09 5.88
CA PRO H 139 63.29 -34.31 5.14
C PRO H 139 64.53 -34.15 6.01
N GLY H 140 65.50 -35.05 5.81
CA GLY H 140 66.76 -34.93 6.55
C GLY H 140 67.65 -33.80 6.08
N GLU H 141 67.42 -33.29 4.87
CA GLU H 141 68.19 -32.21 4.26
C GLU H 141 67.84 -30.86 4.85
N VAL H 142 66.88 -30.82 5.76
CA VAL H 142 66.48 -29.51 6.27
C VAL H 142 67.66 -28.91 7.01
N PRO H 143 68.04 -27.68 6.73
CA PRO H 143 69.16 -27.12 7.43
C PRO H 143 68.83 -26.95 8.90
N PRO H 144 69.78 -27.16 9.79
CA PRO H 144 69.54 -26.91 11.20
C PRO H 144 69.36 -25.44 11.48
N GLY H 145 68.60 -25.14 12.53
CA GLY H 145 68.41 -23.77 12.95
C GLY H 145 67.05 -23.63 13.59
N LYS H 146 66.76 -22.40 13.96
CA LYS H 146 65.51 -22.05 14.61
C LYS H 146 64.50 -21.60 13.55
N TYR H 147 63.47 -22.42 13.29
CA TYR H 147 62.45 -21.98 12.34
C TYR H 147 61.23 -21.48 13.10
N VAL H 148 60.68 -20.35 12.66
CA VAL H 148 59.37 -19.89 13.13
C VAL H 148 58.44 -19.83 11.93
N VAL H 149 57.31 -20.50 12.04
CA VAL H 149 56.37 -20.67 10.95
C VAL H 149 55.03 -20.04 11.28
N VAL H 150 54.41 -19.45 10.28
CA VAL H 150 53.05 -18.93 10.37
C VAL H 150 52.31 -19.48 9.17
N ALA H 151 51.13 -20.03 9.42
CA ALA H 151 50.29 -20.54 8.35
C ALA H 151 48.91 -19.93 8.47
N ARG H 152 48.42 -19.36 7.39
CA ARG H 152 47.08 -18.80 7.35
C ARG H 152 46.34 -19.43 6.19
N ALA H 153 45.21 -20.10 6.47
CA ALA H 153 44.38 -20.66 5.43
C ALA H 153 43.17 -19.78 5.24
N TYR H 154 42.85 -19.45 3.98
CA TYR H 154 41.70 -18.64 3.65
C TYR H 154 40.81 -19.35 2.65
N THR H 155 39.57 -18.94 2.63
CA THR H 155 38.60 -19.48 1.70
C THR H 155 38.73 -18.75 0.36
N GLU H 156 37.99 -19.25 -0.66
CA GLU H 156 37.96 -18.60 -1.97
C GLU H 156 37.63 -17.11 -1.87
N LYS H 157 36.67 -16.76 -1.03
CA LYS H 157 36.22 -15.39 -0.85
C LYS H 157 37.07 -14.63 0.18
N ASP H 158 38.24 -15.16 0.52
CA ASP H 158 39.24 -14.54 1.40
C ASP H 158 38.82 -14.44 2.85
N ASP H 159 37.87 -15.27 3.29
CA ASP H 159 37.57 -15.38 4.71
C ASP H 159 38.65 -16.20 5.39
N LEU H 160 39.01 -15.78 6.60
CA LEU H 160 40.08 -16.44 7.33
C LEU H 160 39.57 -17.76 7.87
N ILE H 161 40.16 -18.86 7.39
CA ILE H 161 39.86 -20.18 7.94
C ILE H 161 40.62 -20.37 9.24
N THR H 162 41.94 -20.22 9.21
CA THR H 162 42.65 -20.37 10.48
C THR H 162 44.06 -19.81 10.36
N CYS H 163 44.65 -19.53 11.53
CA CYS H 163 45.99 -18.98 11.66
C CYS H 163 46.73 -19.80 12.70
N LEU H 164 47.89 -20.37 12.34
CA LEU H 164 48.69 -21.18 13.25
C LEU H 164 50.13 -20.70 13.25
N THR H 165 50.79 -20.73 14.40
CA THR H 165 52.17 -20.27 14.55
C THR H 165 52.93 -21.28 15.38
N GLY H 166 54.23 -21.39 15.12
CA GLY H 166 55.00 -22.31 15.91
C GLY H 166 56.49 -22.16 15.72
N GLU H 167 57.26 -22.56 16.72
CA GLU H 167 58.70 -22.57 16.61
C GLU H 167 59.18 -24.01 16.65
N VAL H 168 60.18 -24.31 15.81
CA VAL H 168 60.77 -25.64 15.74
C VAL H 168 62.26 -25.46 15.60
N ILE H 169 63.03 -26.05 16.49
CA ILE H 169 64.49 -25.95 16.44
C ILE H 169 65.05 -27.27 15.94
N PHE H 170 65.75 -27.24 14.84
CA PHE H 170 66.39 -28.47 14.42
C PHE H 170 67.87 -28.37 14.76
N PRO H 171 68.41 -29.25 15.60
CA PRO H 171 69.81 -29.10 16.04
C PRO H 171 70.80 -29.47 14.95
N PRO H 172 71.94 -28.79 14.89
CA PRO H 172 72.99 -29.18 13.92
C PRO H 172 73.61 -30.52 14.28
N ARG H 173 73.87 -31.33 13.26
CA ARG H 173 74.56 -32.58 13.52
C ARG H 173 75.47 -33.01 12.39
N PRO I 31 41.02 -48.13 25.06
CA PRO I 31 41.36 -49.44 24.48
C PRO I 31 40.82 -49.69 23.07
N PRO I 32 39.56 -49.38 22.74
CA PRO I 32 39.06 -49.67 21.39
C PRO I 32 39.74 -48.80 20.35
N PRO I 33 39.77 -49.23 19.09
CA PRO I 33 40.42 -48.42 18.05
C PRO I 33 39.52 -47.28 17.58
N ASN I 34 40.17 -46.16 17.25
CA ASN I 34 39.50 -44.95 16.78
C ASN I 34 38.38 -44.53 17.72
N THR I 35 38.73 -44.33 18.98
CA THR I 35 37.78 -43.89 19.98
C THR I 35 38.43 -42.80 20.82
N LYS I 36 37.58 -41.99 21.42
CA LYS I 36 37.97 -40.93 22.33
C LYS I 36 37.03 -41.01 23.51
N PRO I 37 37.52 -40.81 24.72
CA PRO I 37 36.59 -40.76 25.85
C PRO I 37 35.76 -39.49 25.75
N ILE I 38 34.51 -39.62 26.21
CA ILE I 38 33.60 -38.49 26.37
C ILE I 38 33.80 -38.02 27.80
N ASN I 39 34.13 -36.74 27.99
CA ASN I 39 34.33 -36.19 29.32
C ASN I 39 33.06 -36.27 30.16
N GLY I 40 33.23 -36.42 31.47
CA GLY I 40 32.10 -36.50 32.37
C GLY I 40 32.00 -37.87 33.01
N GLU I 41 30.97 -37.99 33.86
CA GLU I 41 30.65 -39.18 34.68
C GLU I 41 30.01 -40.23 33.78
N SER I 42 30.85 -40.98 33.05
CA SER I 42 30.30 -41.89 32.05
C SER I 42 31.34 -42.88 31.51
N PRO I 43 30.92 -44.05 31.06
CA PRO I 43 31.83 -44.96 30.32
C PRO I 43 31.85 -44.76 28.81
N LEU I 44 31.20 -43.73 28.28
CA LEU I 44 30.97 -43.62 26.84
C LEU I 44 32.24 -43.26 26.05
N TYR I 45 32.33 -43.72 24.81
CA TYR I 45 33.39 -43.26 23.93
C TYR I 45 32.75 -42.73 22.65
N GLN I 46 33.45 -41.82 22.00
CA GLN I 46 33.12 -41.46 20.65
C GLN I 46 33.88 -42.51 19.84
N CYS I 47 33.21 -43.13 18.88
CA CYS I 47 33.83 -44.09 17.97
C CYS I 47 33.88 -43.54 16.55
N ASP I 48 34.59 -44.22 15.66
CA ASP I 48 34.75 -43.79 14.27
C ASP I 48 35.23 -42.35 14.19
N ILE I 49 36.18 -42.00 15.06
CA ILE I 49 36.52 -40.58 15.18
C ILE I 49 37.14 -40.04 13.89
N LEU I 50 37.79 -40.88 13.09
CA LEU I 50 38.40 -40.42 11.85
C LEU I 50 37.36 -40.12 10.77
N ASP I 51 36.08 -40.33 11.06
CA ASP I 51 35.00 -39.93 10.17
C ASP I 51 34.34 -38.69 10.73
N LYS I 52 34.18 -37.68 9.89
CA LYS I 52 33.52 -36.46 10.28
C LYS I 52 32.15 -36.75 10.87
N GLN I 53 31.82 -36.11 12.00
CA GLN I 53 30.51 -36.31 12.61
C GLN I 53 29.79 -34.98 12.75
N LEU I 54 28.48 -34.99 12.52
CA LEU I 54 27.74 -33.73 12.50
C LEU I 54 27.38 -33.22 13.87
N VAL I 55 27.48 -34.05 14.88
CA VAL I 55 27.14 -33.66 16.24
C VAL I 55 28.33 -34.00 17.11
N GLU I 56 28.70 -33.06 17.96
CA GLU I 56 29.75 -33.28 18.94
C GLU I 56 29.14 -33.56 20.30
N ILE I 57 29.53 -34.66 20.92
CA ILE I 57 29.07 -35.01 22.25
C ILE I 57 30.19 -34.56 23.19
N LYS I 58 30.06 -33.36 23.74
CA LYS I 58 31.10 -32.80 24.59
C LYS I 58 31.12 -33.41 26.00
N GLU I 59 29.95 -33.63 26.61
CA GLU I 59 29.94 -34.10 27.99
C GLU I 59 28.72 -34.95 28.27
N VAL I 60 28.90 -36.02 29.06
CA VAL I 60 27.82 -36.93 29.46
C VAL I 60 27.99 -37.30 30.93
N ASN I 61 26.93 -37.14 31.70
CA ASN I 61 26.93 -37.42 33.14
C ASN I 61 25.76 -38.32 33.48
N LEU I 62 26.04 -39.42 34.18
CA LEU I 62 25.05 -40.40 34.60
C LEU I 62 24.87 -40.33 36.12
N ASP I 63 23.61 -40.19 36.60
CA ASP I 63 23.45 -39.91 38.02
C ASP I 63 23.90 -41.06 38.90
N PRO I 64 23.39 -42.27 38.78
CA PRO I 64 24.16 -43.37 39.36
C PRO I 64 25.29 -43.63 38.37
N ASN I 65 26.53 -43.24 38.69
CA ASN I 65 27.57 -43.26 37.66
C ASN I 65 27.74 -44.62 37.04
N PRO I 66 27.95 -45.70 37.78
CA PRO I 66 27.66 -47.00 37.20
C PRO I 66 26.18 -47.24 37.35
N PRO I 67 25.45 -47.36 36.25
CA PRO I 67 24.00 -47.54 36.34
C PRO I 67 23.62 -48.76 37.18
N VAL I 68 22.50 -48.64 37.89
CA VAL I 68 22.01 -49.70 38.77
C VAL I 68 20.69 -50.25 38.26
N ARG I 69 20.58 -51.58 38.23
CA ARG I 69 19.35 -52.24 37.80
C ARG I 69 18.22 -51.98 38.78
N GLY I 70 17.01 -51.83 38.24
CA GLY I 70 15.86 -51.60 39.09
C GLY I 70 15.74 -50.20 39.64
N GLU I 71 16.53 -49.25 39.13
CA GLU I 71 16.53 -47.88 39.59
C GLU I 71 16.47 -46.94 38.40
N ASN I 72 16.15 -45.69 38.71
CA ASN I 72 16.23 -44.63 37.72
C ASN I 72 17.68 -44.36 37.33
N LEU I 73 17.84 -43.86 36.10
CA LEU I 73 19.11 -43.40 35.55
C LEU I 73 18.88 -42.02 34.97
N THR I 74 19.66 -41.04 35.40
CA THR I 74 19.58 -39.69 34.87
C THR I 74 20.73 -39.47 33.91
N ILE I 75 20.41 -39.12 32.67
CA ILE I 75 21.37 -38.86 31.62
C ILE I 75 21.38 -37.36 31.37
N SER I 76 22.53 -36.73 31.52
CA SER I 76 22.70 -35.32 31.25
C SER I 76 23.79 -35.20 30.21
N ALA I 77 23.55 -34.42 29.15
CA ALA I 77 24.51 -34.29 28.06
C ALA I 77 24.61 -32.85 27.55
N ASN I 78 25.82 -32.50 27.13
CA ASN I 78 26.17 -31.21 26.56
C ASN I 78 26.78 -31.50 25.20
N GLY I 79 26.23 -30.87 24.16
CA GLY I 79 26.76 -31.14 22.84
C GLY I 79 26.50 -30.00 21.90
N GLU I 80 27.08 -30.13 20.71
CA GLU I 80 26.93 -29.13 19.68
C GLU I 80 26.46 -29.79 18.40
N VAL I 81 25.55 -29.10 17.72
CA VAL I 81 25.02 -29.52 16.44
C VAL I 81 25.56 -28.58 15.39
N PHE I 82 26.23 -29.13 14.38
CA PHE I 82 26.83 -28.32 13.33
C PHE I 82 26.05 -28.28 12.02
N GLU I 83 25.13 -29.22 11.78
CA GLU I 83 24.33 -29.17 10.57
C GLU I 83 22.90 -29.57 10.92
N THR I 84 21.93 -28.91 10.29
CA THR I 84 20.54 -29.17 10.60
C THR I 84 20.22 -30.63 10.37
N ILE I 85 19.69 -31.28 11.39
CA ILE I 85 19.27 -32.66 11.28
C ILE I 85 17.78 -32.67 10.99
N GLU I 86 17.39 -33.19 9.82
CA GLU I 86 16.00 -33.10 9.39
C GLU I 86 15.34 -34.46 9.44
N GLU I 87 14.01 -34.41 9.32
CA GLU I 87 13.19 -35.63 9.34
C GLU I 87 13.76 -36.68 8.41
N GLY I 88 13.86 -37.91 8.92
CA GLY I 88 14.43 -39.01 8.17
C GLY I 88 15.72 -39.54 8.74
N ALA I 89 16.29 -38.91 9.76
CA ALA I 89 17.49 -39.46 10.35
C ALA I 89 17.14 -40.72 11.15
N TYR I 90 18.15 -41.55 11.36
CA TYR I 90 17.95 -42.84 12.00
C TYR I 90 19.15 -43.21 12.87
N ILE I 91 18.93 -44.16 13.79
CA ILE I 91 19.95 -44.65 14.71
C ILE I 91 20.02 -46.16 14.60
N ASP I 92 21.22 -46.69 14.37
CA ASP I 92 21.47 -48.12 14.46
C ASP I 92 21.97 -48.40 15.87
N VAL I 93 21.23 -49.22 16.61
CA VAL I 93 21.57 -49.53 17.99
C VAL I 93 21.89 -51.01 18.09
N GLU I 94 22.97 -51.34 18.78
CA GLU I 94 23.38 -52.70 19.02
C GLU I 94 23.71 -52.86 20.50
N VAL I 95 23.17 -53.90 21.12
CA VAL I 95 23.50 -54.26 22.49
C VAL I 95 24.07 -55.66 22.44
N ARG I 96 25.17 -55.88 23.13
CA ARG I 96 25.78 -57.20 23.14
C ARG I 96 26.07 -57.62 24.57
N LEU I 97 25.76 -58.88 24.86
CA LEU I 97 26.02 -59.49 26.15
C LEU I 97 27.16 -60.47 25.96
N GLY I 98 28.31 -60.18 26.57
CA GLY I 98 29.47 -61.00 26.30
C GLY I 98 29.74 -60.96 24.82
N TYR I 99 29.74 -62.13 24.19
CA TYR I 99 29.99 -62.26 22.76
C TYR I 99 28.70 -62.29 21.94
N ILE I 100 27.55 -62.17 22.57
CA ILE I 100 26.23 -62.38 21.95
C ILE I 100 25.61 -61.08 21.48
N ARG I 101 25.00 -61.11 20.29
CA ARG I 101 24.25 -59.95 19.79
C ARG I 101 22.86 -60.04 20.41
N LEU I 102 22.61 -59.23 21.44
CA LEU I 102 21.34 -59.23 22.14
C LEU I 102 20.26 -58.51 21.34
N LEU I 103 20.43 -57.21 21.13
CA LEU I 103 19.51 -56.40 20.35
C LEU I 103 20.25 -55.75 19.19
N SER I 104 19.65 -55.79 18.02
CA SER I 104 20.14 -55.07 16.85
C SER I 104 18.93 -54.48 16.17
N GLN I 105 18.83 -53.16 16.14
CA GLN I 105 17.67 -52.54 15.55
C GLN I 105 17.96 -51.10 15.18
N THR I 106 17.22 -50.61 14.20
CA THR I 106 17.21 -49.23 13.74
C THR I 106 15.95 -48.55 14.24
N PHE I 107 16.08 -47.26 14.57
CA PHE I 107 14.97 -46.47 15.07
C PHE I 107 14.88 -45.20 14.25
N ASP I 108 13.68 -44.65 14.12
CA ASP I 108 13.53 -43.33 13.49
C ASP I 108 13.94 -42.26 14.49
N LEU I 109 15.02 -41.54 14.17
CA LEU I 109 15.59 -40.57 15.11
C LEU I 109 14.55 -39.53 15.53
N CYS I 110 13.84 -38.97 14.57
CA CYS I 110 12.92 -37.89 14.91
C CYS I 110 11.73 -38.43 15.70
N GLU I 111 11.16 -39.54 15.24
CA GLU I 111 10.05 -40.13 15.97
C GLU I 111 10.46 -40.57 17.35
N THR I 112 11.66 -41.16 17.48
CA THR I 112 12.13 -41.56 18.81
C THR I 112 12.35 -40.36 19.70
N LEU I 113 12.90 -39.26 19.13
CA LEU I 113 13.10 -38.03 19.89
C LEU I 113 11.79 -37.49 20.41
N GLU I 114 10.75 -37.50 19.57
CA GLU I 114 9.50 -36.93 20.01
C GLU I 114 8.74 -37.85 20.97
N ASP I 115 8.92 -39.17 20.85
CA ASP I 115 8.17 -40.11 21.68
C ASP I 115 8.63 -40.10 23.13
N ASN I 116 9.94 -40.06 23.38
CA ASN I 116 10.45 -40.01 24.73
C ASN I 116 10.54 -38.59 25.29
N ASP I 117 10.00 -37.61 24.56
CA ASP I 117 9.87 -36.22 25.01
C ASP I 117 11.17 -35.66 25.58
N ILE I 118 12.19 -35.58 24.73
CA ILE I 118 13.46 -34.96 25.09
C ILE I 118 13.34 -33.45 24.85
N GLU I 119 13.22 -32.70 25.95
CA GLU I 119 13.21 -31.24 25.97
C GLU I 119 12.38 -30.54 24.90
N GLY I 120 11.22 -31.09 24.55
CA GLY I 120 10.37 -30.54 23.50
C GLY I 120 11.05 -30.23 22.18
N LEU I 121 12.12 -30.96 21.88
CA LEU I 121 12.91 -30.81 20.66
C LEU I 121 12.16 -31.39 19.46
N SER I 122 11.78 -30.53 18.51
CA SER I 122 11.22 -31.02 17.27
C SER I 122 12.33 -31.45 16.32
N CYS I 123 12.02 -32.44 15.49
CA CYS I 123 13.04 -33.07 14.67
C CYS I 123 13.90 -32.10 13.89
N PRO I 124 13.38 -31.01 13.29
CA PRO I 124 14.33 -30.12 12.62
C PRO I 124 15.17 -29.49 13.72
N ILE I 125 16.34 -30.08 13.93
CA ILE I 125 17.26 -29.73 15.01
C ILE I 125 18.25 -28.76 14.41
N GLU I 126 18.15 -27.52 14.83
CA GLU I 126 18.99 -26.51 14.22
C GLU I 126 20.40 -26.58 14.83
N PRO I 127 21.40 -26.08 14.12
CA PRO I 127 22.74 -26.05 14.70
C PRO I 127 22.75 -25.17 15.94
N GLY I 128 23.55 -25.56 16.93
CA GLY I 128 23.66 -24.78 18.15
C GLY I 128 24.21 -25.61 19.31
N GLU I 129 24.13 -24.99 20.48
CA GLU I 129 24.66 -25.50 21.75
C GLU I 129 23.49 -26.08 22.52
N TYR I 130 23.54 -27.39 22.81
CA TYR I 130 22.40 -28.01 23.47
C TYR I 130 22.78 -28.63 24.81
N ASN I 131 21.81 -28.61 25.72
CA ASN I 131 21.91 -29.29 27.00
C ASN I 131 20.64 -30.11 27.19
N ILE I 132 20.84 -31.39 27.50
CA ILE I 132 19.79 -32.40 27.55
C ILE I 132 19.81 -33.06 28.91
N LYS I 133 18.61 -33.32 29.45
CA LYS I 133 18.46 -34.11 30.67
C LYS I 133 17.26 -35.03 30.50
N LYS I 134 17.49 -36.34 30.58
CA LYS I 134 16.42 -37.33 30.46
C LYS I 134 16.58 -38.44 31.49
N ILE I 135 15.47 -38.80 32.13
CA ILE I 135 15.44 -39.86 33.15
C ILE I 135 14.79 -41.09 32.55
N VAL I 136 15.47 -42.22 32.69
CA VAL I 136 15.01 -43.50 32.18
C VAL I 136 15.07 -44.51 33.33
N GLU I 137 14.34 -45.61 33.17
CA GLU I 137 14.31 -46.67 34.17
C GLU I 137 15.03 -47.90 33.64
N ILE I 138 16.02 -48.36 34.40
CA ILE I 138 16.76 -49.57 34.06
C ILE I 138 16.05 -50.74 34.73
N PRO I 139 15.57 -51.72 33.97
CA PRO I 139 14.76 -52.78 34.56
C PRO I 139 15.55 -53.58 35.58
N GLY I 140 14.85 -53.95 36.66
CA GLY I 140 15.44 -54.87 37.58
C GLY I 140 15.56 -56.25 37.01
N GLU I 141 14.89 -56.49 35.88
CA GLU I 141 14.88 -57.77 35.19
C GLU I 141 16.17 -58.04 34.39
N VAL I 142 17.13 -57.13 34.38
CA VAL I 142 18.34 -57.27 33.58
C VAL I 142 19.24 -58.36 34.16
N PRO I 143 19.70 -59.32 33.34
CA PRO I 143 20.62 -60.35 33.85
C PRO I 143 22.00 -59.77 34.09
N PRO I 144 22.73 -60.27 35.08
CA PRO I 144 24.09 -59.76 35.31
C PRO I 144 25.04 -60.14 34.19
N GLY I 145 26.05 -59.31 33.97
CA GLY I 145 27.04 -59.56 32.94
C GLY I 145 27.61 -58.28 32.36
N LYS I 146 28.48 -58.47 31.36
CA LYS I 146 29.17 -57.41 30.64
C LYS I 146 28.37 -56.99 29.41
N TYR I 147 27.74 -55.82 29.44
CA TYR I 147 26.99 -55.35 28.28
C TYR I 147 27.78 -54.29 27.55
N VAL I 148 27.77 -54.36 26.22
CA VAL I 148 28.37 -53.34 25.36
C VAL I 148 27.31 -52.77 24.45
N VAL I 149 27.23 -51.45 24.40
CA VAL I 149 26.23 -50.77 23.58
C VAL I 149 26.96 -49.96 22.53
N VAL I 150 26.42 -49.97 21.31
CA VAL I 150 26.93 -49.17 20.20
C VAL I 150 25.76 -48.50 19.49
N ALA I 151 25.86 -47.19 19.29
CA ALA I 151 24.84 -46.49 18.52
C ALA I 151 25.47 -45.60 17.47
N ARG I 152 25.01 -45.71 16.23
CA ARG I 152 25.46 -44.85 15.14
C ARG I 152 24.25 -44.16 14.56
N ALA I 153 24.23 -42.84 14.62
CA ALA I 153 23.12 -42.06 14.10
C ALA I 153 23.54 -41.41 12.79
N TYR I 154 22.69 -41.53 11.77
CA TYR I 154 22.95 -40.93 10.47
C TYR I 154 21.76 -40.08 10.05
N THR I 155 22.04 -39.13 9.18
CA THR I 155 21.04 -38.26 8.58
C THR I 155 20.39 -38.92 7.37
N GLU I 156 19.39 -38.23 6.80
CA GLU I 156 18.65 -38.73 5.65
C GLU I 156 19.54 -39.12 4.49
N LYS I 157 20.55 -38.31 4.20
CA LYS I 157 21.47 -38.55 3.10
C LYS I 157 22.64 -39.44 3.52
N ASP I 158 22.51 -40.12 4.66
CA ASP I 158 23.48 -41.10 5.16
C ASP I 158 24.79 -40.49 5.65
N ASP I 159 24.81 -39.21 5.98
CA ASP I 159 25.95 -38.59 6.64
C ASP I 159 25.95 -38.99 8.11
N LEU I 160 27.14 -39.26 8.65
CA LEU I 160 27.27 -39.74 10.03
C LEU I 160 27.02 -38.61 11.01
N ILE I 161 25.97 -38.75 11.81
CA ILE I 161 25.69 -37.80 12.87
C ILE I 161 26.58 -38.04 14.09
N THR I 162 26.57 -39.26 14.61
CA THR I 162 27.45 -39.53 15.75
C THR I 162 27.61 -41.03 15.94
N CYS I 163 28.63 -41.39 16.70
CA CYS I 163 28.96 -42.77 17.02
C CYS I 163 29.30 -42.82 18.49
N LEU I 164 28.58 -43.63 19.27
CA LEU I 164 28.80 -43.73 20.71
C LEU I 164 28.87 -45.20 21.12
N THR I 165 29.76 -45.49 22.07
CA THR I 165 29.95 -46.85 22.57
C THR I 165 30.10 -46.79 24.07
N GLY I 166 29.72 -47.85 24.76
CA GLY I 166 29.85 -47.86 26.20
C GLY I 166 29.71 -49.26 26.73
N GLU I 167 30.38 -49.53 27.84
CA GLU I 167 30.31 -50.82 28.49
C GLU I 167 29.79 -50.66 29.92
N VAL I 168 28.92 -51.58 30.32
CA VAL I 168 28.29 -51.57 31.64
C VAL I 168 28.35 -52.98 32.19
N ILE I 169 28.96 -53.16 33.35
CA ILE I 169 28.98 -54.46 33.99
C ILE I 169 27.99 -54.46 35.15
N PHE I 170 27.04 -55.38 35.11
CA PHE I 170 26.09 -55.53 36.19
C PHE I 170 26.51 -56.71 37.06
N PRO I 171 26.66 -56.49 38.38
CA PRO I 171 27.23 -57.52 39.24
C PRO I 171 26.38 -58.74 39.28
N PRO I 172 26.96 -59.91 39.57
CA PRO I 172 26.22 -61.18 39.48
C PRO I 172 24.98 -61.26 40.34
N ARG I 173 24.94 -60.58 41.49
CA ARG I 173 23.78 -60.70 42.37
C ARG I 173 22.48 -60.39 41.64
N LEU I 174 21.64 -61.42 41.44
CA LEU I 174 20.35 -61.30 40.75
C LEU I 174 20.48 -60.61 39.40
#